data_5WWX
# 
_entry.id   5WWX 
# 
_audit_conform.dict_name       mmcif_pdbx.dic 
_audit_conform.dict_version    5.380 
_audit_conform.dict_location   http://mmcif.pdb.org/dictionaries/ascii/mmcif_pdbx.dic 
# 
loop_
_database_2.database_id 
_database_2.database_code 
_database_2.pdbx_database_accession 
_database_2.pdbx_DOI 
PDB   5WWX         pdb_00005wwx 10.2210/pdb5wwx/pdb 
WWPDB D_1300002533 ?            ?                   
# 
loop_
_pdbx_database_related.db_name 
_pdbx_database_related.details 
_pdbx_database_related.db_id 
_pdbx_database_related.content_type 
PDB . 5WWW unspecified 
PDB . 5WWZ unspecified 
# 
_pdbx_database_status.status_code                     REL 
_pdbx_database_status.status_code_sf                  REL 
_pdbx_database_status.status_code_mr                  ? 
_pdbx_database_status.entry_id                        5WWX 
_pdbx_database_status.recvd_initial_deposition_date   2017-01-05 
_pdbx_database_status.SG_entry                        N 
_pdbx_database_status.deposit_site                    PDBJ 
_pdbx_database_status.process_site                    PDBJ 
_pdbx_database_status.status_code_cs                  ? 
_pdbx_database_status.methods_development_category    ? 
_pdbx_database_status.pdb_format_compatible           Y 
_pdbx_database_status.status_code_nmr_data            ? 
# 
loop_
_audit_author.name 
_audit_author.pdbx_ordinal 
_audit_author.identifier_ORCID 
'Yang, L.' 1 ? 
'Wang, C.' 2 ? 
'Li, F.'   3 ? 
'Gong, Q.' 4 ? 
# 
_citation.abstract                  ? 
_citation.abstract_id_CAS           ? 
_citation.book_id_ISBN              ? 
_citation.book_publisher            ? 
_citation.book_publisher_city       ? 
_citation.book_title                ? 
_citation.coordinate_linkage        ? 
_citation.country                   US 
_citation.database_id_Medline       ? 
_citation.details                   ? 
_citation.id                        primary 
_citation.journal_abbrev            'J. Biol. Chem.' 
_citation.journal_id_ASTM           JBCHA3 
_citation.journal_id_CSD            0071 
_citation.journal_id_ISSN           1083-351X 
_citation.journal_full              ? 
_citation.journal_issue             ? 
_citation.journal_volume            292 
_citation.language                  ? 
_citation.page_first                16221 
_citation.page_last                 16234 
_citation.title                     
'The human RNA-binding protein and E3 ligase MEX-3C binds the MEX-3-recognition element (MRE) motif with high affinity' 
_citation.year                      2017 
_citation.database_id_CSD           ? 
_citation.pdbx_database_id_DOI      10.1074/jbc.M117.797746 
_citation.pdbx_database_id_PubMed   28808060 
_citation.unpublished_flag          ? 
# 
loop_
_citation_author.citation_id 
_citation_author.name 
_citation_author.ordinal 
_citation_author.identifier_ORCID 
primary 'Yang, L.'  1 ? 
primary 'Wang, C.'  2 ? 
primary 'Li, F.'    3 ? 
primary 'Zhang, J.' 4 ? 
primary 'Nayab, A.' 5 ? 
primary 'Wu, J.'    6 ? 
primary 'Shi, Y.'   7 ? 
primary 'Gong, Q.'  8 ? 
# 
_cell.angle_alpha                  90.000 
_cell.angle_alpha_esd              ? 
_cell.angle_beta                   90.000 
_cell.angle_beta_esd               ? 
_cell.angle_gamma                  90.000 
_cell.angle_gamma_esd              ? 
_cell.entry_id                     5WWX 
_cell.details                      ? 
_cell.formula_units_Z              ? 
_cell.length_a                     74.611 
_cell.length_a_esd                 ? 
_cell.length_b                     74.611 
_cell.length_b_esd                 ? 
_cell.length_c                     32.535 
_cell.length_c_esd                 ? 
_cell.volume                       ? 
_cell.volume_esd                   ? 
_cell.Z_PDB                        8 
_cell.reciprocal_angle_alpha       ? 
_cell.reciprocal_angle_beta        ? 
_cell.reciprocal_angle_gamma       ? 
_cell.reciprocal_angle_alpha_esd   ? 
_cell.reciprocal_angle_beta_esd    ? 
_cell.reciprocal_angle_gamma_esd   ? 
_cell.reciprocal_length_a          ? 
_cell.reciprocal_length_b          ? 
_cell.reciprocal_length_c          ? 
_cell.reciprocal_length_a_esd      ? 
_cell.reciprocal_length_b_esd      ? 
_cell.reciprocal_length_c_esd      ? 
_cell.pdbx_unique_axis             ? 
# 
_symmetry.entry_id                         5WWX 
_symmetry.cell_setting                     ? 
_symmetry.Int_Tables_number                96 
_symmetry.space_group_name_Hall            ? 
_symmetry.space_group_name_H-M             'P 43 21 2' 
_symmetry.pdbx_full_space_group_name_H-M   ? 
# 
loop_
_entity.id 
_entity.type 
_entity.src_method 
_entity.pdbx_description 
_entity.formula_weight 
_entity.pdbx_number_of_molecules 
_entity.pdbx_ec 
_entity.pdbx_mutation 
_entity.pdbx_fragment 
_entity.details 
1 polymer     man 'RNA-binding E3 ubiquitin-protein ligase MEX3C' 9772.222 1  2.3.2.27 ? 'KH2 domain, UNP residues 320-396' ? 
2 polymer     syn 
;RNA (5'-R(P*AP*GP*AP*GP*U)-3')
;
1610.032 1  ?        ? ?                                  ? 
3 non-polymer syn 'NICKEL (II) ION'                               58.693   1  ?        ? ?                                  ? 
4 water       nat water                                           18.015   62 ?        ? ?                                  ? 
# 
_entity_name_com.entity_id   1 
_entity_name_com.name        
'RING finger and KH domain-containing protein 2,RING finger protein 194,RING-type E3 ubiquitin transferase MEX3C' 
# 
loop_
_entity_poly.entity_id 
_entity_poly.type 
_entity_poly.nstd_linkage 
_entity_poly.nstd_monomer 
_entity_poly.pdbx_seq_one_letter_code 
_entity_poly.pdbx_seq_one_letter_code_can 
_entity_poly.pdbx_strand_id 
_entity_poly.pdbx_target_identifier 
1 'polypeptide(L)'   no no 
;MGHHHHHHMSPNLPGQTTVQVRVPYRVVGLVVGPKGATIKRIQQQTHTYIVTPSRDKEPVFEVTGMPENVDRAREEIEMH
IAMRTG
;
;MGHHHHHHMSPNLPGQTTVQVRVPYRVVGLVVGPKGATIKRIQQQTHTYIVTPSRDKEPVFEVTGMPENVDRAREEIEMH
IAMRTG
;
A ? 
2 polyribonucleotide no no AGAGU                                                                                     AGAGU C ? 
# 
loop_
_entity_poly_seq.entity_id 
_entity_poly_seq.num 
_entity_poly_seq.mon_id 
_entity_poly_seq.hetero 
1 1  MET n 
1 2  GLY n 
1 3  HIS n 
1 4  HIS n 
1 5  HIS n 
1 6  HIS n 
1 7  HIS n 
1 8  HIS n 
1 9  MET n 
1 10 SER n 
1 11 PRO n 
1 12 ASN n 
1 13 LEU n 
1 14 PRO n 
1 15 GLY n 
1 16 GLN n 
1 17 THR n 
1 18 THR n 
1 19 VAL n 
1 20 GLN n 
1 21 VAL n 
1 22 ARG n 
1 23 VAL n 
1 24 PRO n 
1 25 TYR n 
1 26 ARG n 
1 27 VAL n 
1 28 VAL n 
1 29 GLY n 
1 30 LEU n 
1 31 VAL n 
1 32 VAL n 
1 33 GLY n 
1 34 PRO n 
1 35 LYS n 
1 36 GLY n 
1 37 ALA n 
1 38 THR n 
1 39 ILE n 
1 40 LYS n 
1 41 ARG n 
1 42 ILE n 
1 43 GLN n 
1 44 GLN n 
1 45 GLN n 
1 46 THR n 
1 47 HIS n 
1 48 THR n 
1 49 TYR n 
1 50 ILE n 
1 51 VAL n 
1 52 THR n 
1 53 PRO n 
1 54 SER n 
1 55 ARG n 
1 56 ASP n 
1 57 LYS n 
1 58 GLU n 
1 59 PRO n 
1 60 VAL n 
1 61 PHE n 
1 62 GLU n 
1 63 VAL n 
1 64 THR n 
1 65 GLY n 
1 66 MET n 
1 67 PRO n 
1 68 GLU n 
1 69 ASN n 
1 70 VAL n 
1 71 ASP n 
1 72 ARG n 
1 73 ALA n 
1 74 ARG n 
1 75 GLU n 
1 76 GLU n 
1 77 ILE n 
1 78 GLU n 
1 79 MET n 
1 80 HIS n 
1 81 ILE n 
1 82 ALA n 
1 83 MET n 
1 84 ARG n 
1 85 THR n 
1 86 GLY n 
2 1  A   n 
2 2  G   n 
2 3  A   n 
2 4  G   n 
2 5  U   n 
# 
_entity_src_gen.entity_id                          1 
_entity_src_gen.pdbx_src_id                        1 
_entity_src_gen.pdbx_alt_source_flag               sample 
_entity_src_gen.pdbx_seq_type                      'Biological sequence' 
_entity_src_gen.pdbx_beg_seq_num                   1 
_entity_src_gen.pdbx_end_seq_num                   86 
_entity_src_gen.gene_src_common_name               Human 
_entity_src_gen.gene_src_genus                     ? 
_entity_src_gen.pdbx_gene_src_gene                 'MEX3C, RKHD2, RNF194, BM-013' 
_entity_src_gen.gene_src_species                   ? 
_entity_src_gen.gene_src_strain                    ? 
_entity_src_gen.gene_src_tissue                    ? 
_entity_src_gen.gene_src_tissue_fraction           ? 
_entity_src_gen.gene_src_details                   ? 
_entity_src_gen.pdbx_gene_src_fragment             ? 
_entity_src_gen.pdbx_gene_src_scientific_name      'Homo sapiens' 
_entity_src_gen.pdbx_gene_src_ncbi_taxonomy_id     9606 
_entity_src_gen.pdbx_gene_src_variant              ? 
_entity_src_gen.pdbx_gene_src_cell_line            ? 
_entity_src_gen.pdbx_gene_src_atcc                 ? 
_entity_src_gen.pdbx_gene_src_organ                ? 
_entity_src_gen.pdbx_gene_src_organelle            ? 
_entity_src_gen.pdbx_gene_src_cell                 ? 
_entity_src_gen.pdbx_gene_src_cellular_location    ? 
_entity_src_gen.host_org_common_name               ? 
_entity_src_gen.pdbx_host_org_scientific_name      'Escherichia coli' 
_entity_src_gen.pdbx_host_org_ncbi_taxonomy_id     562 
_entity_src_gen.host_org_genus                     ? 
_entity_src_gen.pdbx_host_org_gene                 ? 
_entity_src_gen.pdbx_host_org_organ                ? 
_entity_src_gen.host_org_species                   ? 
_entity_src_gen.pdbx_host_org_tissue               ? 
_entity_src_gen.pdbx_host_org_tissue_fraction      ? 
_entity_src_gen.pdbx_host_org_strain               ? 
_entity_src_gen.pdbx_host_org_variant              ? 
_entity_src_gen.pdbx_host_org_cell_line            ? 
_entity_src_gen.pdbx_host_org_atcc                 ? 
_entity_src_gen.pdbx_host_org_culture_collection   ? 
_entity_src_gen.pdbx_host_org_cell                 ? 
_entity_src_gen.pdbx_host_org_organelle            ? 
_entity_src_gen.pdbx_host_org_cellular_location    ? 
_entity_src_gen.pdbx_host_org_vector_type          plasmid 
_entity_src_gen.pdbx_host_org_vector               ? 
_entity_src_gen.host_org_details                   ? 
_entity_src_gen.expression_system_id               ? 
_entity_src_gen.plasmid_name                       ? 
_entity_src_gen.plasmid_details                    ? 
_entity_src_gen.pdbx_description                   ? 
# 
_pdbx_entity_src_syn.entity_id              2 
_pdbx_entity_src_syn.pdbx_src_id            1 
_pdbx_entity_src_syn.pdbx_alt_source_flag   sample 
_pdbx_entity_src_syn.pdbx_beg_seq_num       1 
_pdbx_entity_src_syn.pdbx_end_seq_num       5 
_pdbx_entity_src_syn.organism_scientific    'synthetic construct' 
_pdbx_entity_src_syn.organism_common_name   ? 
_pdbx_entity_src_syn.ncbi_taxonomy_id       32630 
_pdbx_entity_src_syn.details                ? 
# 
loop_
_struct_ref.id 
_struct_ref.db_name 
_struct_ref.db_code 
_struct_ref.pdbx_db_accession 
_struct_ref.pdbx_db_isoform 
_struct_ref.entity_id 
_struct_ref.pdbx_seq_one_letter_code 
_struct_ref.pdbx_align_begin 
1 UNP MEX3C_HUMAN Q5U5Q3 ? 1 SPNLPGQTTVQVRVPYRVVGLVVGPKGATIKRIQQQTHTYIVTPSRDKEPVFEVTGMPENVDRAREEIEMHIAMRTG 320 
2 PDB 5WWX        5WWX   ? 2 ?                                                                             1   
# 
loop_
_struct_ref_seq.align_id 
_struct_ref_seq.ref_id 
_struct_ref_seq.pdbx_PDB_id_code 
_struct_ref_seq.pdbx_strand_id 
_struct_ref_seq.seq_align_beg 
_struct_ref_seq.pdbx_seq_align_beg_ins_code 
_struct_ref_seq.seq_align_end 
_struct_ref_seq.pdbx_seq_align_end_ins_code 
_struct_ref_seq.pdbx_db_accession 
_struct_ref_seq.db_align_beg 
_struct_ref_seq.pdbx_db_align_beg_ins_code 
_struct_ref_seq.db_align_end 
_struct_ref_seq.pdbx_db_align_end_ins_code 
_struct_ref_seq.pdbx_auth_seq_align_beg 
_struct_ref_seq.pdbx_auth_seq_align_end 
1 1 5WWX A 10 ? 86 ? Q5U5Q3 320 ? 396 ? 320 396 
2 2 5WWX C 1  ? 5  ? 5WWX   1   ? 5   ? 1   5   
# 
loop_
_struct_ref_seq_dif.align_id 
_struct_ref_seq_dif.pdbx_pdb_id_code 
_struct_ref_seq_dif.mon_id 
_struct_ref_seq_dif.pdbx_pdb_strand_id 
_struct_ref_seq_dif.seq_num 
_struct_ref_seq_dif.pdbx_pdb_ins_code 
_struct_ref_seq_dif.pdbx_seq_db_name 
_struct_ref_seq_dif.pdbx_seq_db_accession_code 
_struct_ref_seq_dif.db_mon_id 
_struct_ref_seq_dif.pdbx_seq_db_seq_num 
_struct_ref_seq_dif.details 
_struct_ref_seq_dif.pdbx_auth_seq_num 
_struct_ref_seq_dif.pdbx_ordinal 
1 5WWX MET A 1 ? UNP Q5U5Q3 ? ? 'expression tag' 311 1 
1 5WWX GLY A 2 ? UNP Q5U5Q3 ? ? 'expression tag' 312 2 
1 5WWX HIS A 3 ? UNP Q5U5Q3 ? ? 'expression tag' 313 3 
1 5WWX HIS A 4 ? UNP Q5U5Q3 ? ? 'expression tag' 314 4 
1 5WWX HIS A 5 ? UNP Q5U5Q3 ? ? 'expression tag' 315 5 
1 5WWX HIS A 6 ? UNP Q5U5Q3 ? ? 'expression tag' 316 6 
1 5WWX HIS A 7 ? UNP Q5U5Q3 ? ? 'expression tag' 317 7 
1 5WWX HIS A 8 ? UNP Q5U5Q3 ? ? 'expression tag' 318 8 
1 5WWX MET A 9 ? UNP Q5U5Q3 ? ? 'expression tag' 319 9 
# 
loop_
_chem_comp.id 
_chem_comp.type 
_chem_comp.mon_nstd_flag 
_chem_comp.name 
_chem_comp.pdbx_synonyms 
_chem_comp.formula 
_chem_comp.formula_weight 
A   'RNA linking'       y "ADENOSINE-5'-MONOPHOSPHATE" ? 'C10 H14 N5 O7 P' 347.221 
ALA 'L-peptide linking' y ALANINE                      ? 'C3 H7 N O2'      89.093  
ARG 'L-peptide linking' y ARGININE                     ? 'C6 H15 N4 O2 1'  175.209 
ASN 'L-peptide linking' y ASPARAGINE                   ? 'C4 H8 N2 O3'     132.118 
ASP 'L-peptide linking' y 'ASPARTIC ACID'              ? 'C4 H7 N O4'      133.103 
G   'RNA linking'       y "GUANOSINE-5'-MONOPHOSPHATE" ? 'C10 H14 N5 O8 P' 363.221 
GLN 'L-peptide linking' y GLUTAMINE                    ? 'C5 H10 N2 O3'    146.144 
GLU 'L-peptide linking' y 'GLUTAMIC ACID'              ? 'C5 H9 N O4'      147.129 
GLY 'peptide linking'   y GLYCINE                      ? 'C2 H5 N O2'      75.067  
HIS 'L-peptide linking' y HISTIDINE                    ? 'C6 H10 N3 O2 1'  156.162 
HOH non-polymer         . WATER                        ? 'H2 O'            18.015  
ILE 'L-peptide linking' y ISOLEUCINE                   ? 'C6 H13 N O2'     131.173 
LEU 'L-peptide linking' y LEUCINE                      ? 'C6 H13 N O2'     131.173 
LYS 'L-peptide linking' y LYSINE                       ? 'C6 H15 N2 O2 1'  147.195 
MET 'L-peptide linking' y METHIONINE                   ? 'C5 H11 N O2 S'   149.211 
NI  non-polymer         . 'NICKEL (II) ION'            ? 'Ni 2'            58.693  
PHE 'L-peptide linking' y PHENYLALANINE                ? 'C9 H11 N O2'     165.189 
PRO 'L-peptide linking' y PROLINE                      ? 'C5 H9 N O2'      115.130 
SER 'L-peptide linking' y SERINE                       ? 'C3 H7 N O3'      105.093 
THR 'L-peptide linking' y THREONINE                    ? 'C4 H9 N O3'      119.119 
TYR 'L-peptide linking' y TYROSINE                     ? 'C9 H11 N O3'     181.189 
U   'RNA linking'       y "URIDINE-5'-MONOPHOSPHATE"   ? 'C9 H13 N2 O9 P'  324.181 
VAL 'L-peptide linking' y VALINE                       ? 'C5 H11 N O2'     117.146 
# 
_exptl.absorpt_coefficient_mu     ? 
_exptl.absorpt_correction_T_max   ? 
_exptl.absorpt_correction_T_min   ? 
_exptl.absorpt_correction_type    ? 
_exptl.absorpt_process_details    ? 
_exptl.entry_id                   5WWX 
_exptl.crystals_number            1 
_exptl.details                    ? 
_exptl.method                     'X-RAY DIFFRACTION' 
_exptl.method_details             ? 
# 
_exptl_crystal.colour                      ? 
_exptl_crystal.density_diffrn              ? 
_exptl_crystal.density_Matthews            2.02 
_exptl_crystal.density_method              ? 
_exptl_crystal.density_percent_sol         39.18 
_exptl_crystal.description                 ? 
_exptl_crystal.F_000                       ? 
_exptl_crystal.id                          1 
_exptl_crystal.preparation                 ? 
_exptl_crystal.size_max                    ? 
_exptl_crystal.size_mid                    ? 
_exptl_crystal.size_min                    ? 
_exptl_crystal.size_rad                    ? 
_exptl_crystal.colour_lustre               ? 
_exptl_crystal.colour_modifier             ? 
_exptl_crystal.colour_primary              ? 
_exptl_crystal.density_meas                ? 
_exptl_crystal.density_meas_esd            ? 
_exptl_crystal.density_meas_gt             ? 
_exptl_crystal.density_meas_lt             ? 
_exptl_crystal.density_meas_temp           ? 
_exptl_crystal.density_meas_temp_esd       ? 
_exptl_crystal.density_meas_temp_gt        ? 
_exptl_crystal.density_meas_temp_lt        ? 
_exptl_crystal.pdbx_crystal_image_url      ? 
_exptl_crystal.pdbx_crystal_image_format   ? 
_exptl_crystal.pdbx_mosaicity              ? 
_exptl_crystal.pdbx_mosaicity_esd          ? 
# 
_exptl_crystal_grow.apparatus       ? 
_exptl_crystal_grow.atmosphere      ? 
_exptl_crystal_grow.crystal_id      1 
_exptl_crystal_grow.details         ? 
_exptl_crystal_grow.method          'VAPOR DIFFUSION, SITTING DROP' 
_exptl_crystal_grow.method_ref      ? 
_exptl_crystal_grow.pH              ? 
_exptl_crystal_grow.pressure        ? 
_exptl_crystal_grow.pressure_esd    ? 
_exptl_crystal_grow.seeding         ? 
_exptl_crystal_grow.seeding_ref     ? 
_exptl_crystal_grow.temp            293 
_exptl_crystal_grow.temp_details    ? 
_exptl_crystal_grow.temp_esd        ? 
_exptl_crystal_grow.time            ? 
_exptl_crystal_grow.pdbx_details    
'0.04M Magnesium acetate tetrahydrate, 0.05M Sodium cacodylate trihydrate pH 6.0, 30% v/v (+/-)-2-Methyl-2,4-pentanediol' 
_exptl_crystal_grow.pdbx_pH_range   ? 
# 
_diffrn.ambient_environment    ? 
_diffrn.ambient_temp           100 
_diffrn.ambient_temp_details   ? 
_diffrn.ambient_temp_esd       ? 
_diffrn.crystal_id             1 
_diffrn.crystal_support        ? 
_diffrn.crystal_treatment      ? 
_diffrn.details                ? 
_diffrn.id                     1 
_diffrn.ambient_pressure       ? 
_diffrn.ambient_pressure_esd   ? 
_diffrn.ambient_pressure_gt    ? 
_diffrn.ambient_pressure_lt    ? 
_diffrn.ambient_temp_gt        ? 
_diffrn.ambient_temp_lt        ? 
# 
_diffrn_detector.details                      ? 
_diffrn_detector.detector                     CCD 
_diffrn_detector.diffrn_id                    1 
_diffrn_detector.type                         'ADSC QUANTUM 315r' 
_diffrn_detector.area_resol_mean              ? 
_diffrn_detector.dtime                        ? 
_diffrn_detector.pdbx_frames_total            ? 
_diffrn_detector.pdbx_collection_time_total   ? 
_diffrn_detector.pdbx_collection_date         2015-12-12 
# 
_diffrn_radiation.collimation                      ? 
_diffrn_radiation.diffrn_id                        1 
_diffrn_radiation.filter_edge                      ? 
_diffrn_radiation.inhomogeneity                    ? 
_diffrn_radiation.monochromator                    ? 
_diffrn_radiation.polarisn_norm                    ? 
_diffrn_radiation.polarisn_ratio                   ? 
_diffrn_radiation.probe                            ? 
_diffrn_radiation.type                             ? 
_diffrn_radiation.xray_symbol                      ? 
_diffrn_radiation.wavelength_id                    1 
_diffrn_radiation.pdbx_monochromatic_or_laue_m_l   M 
_diffrn_radiation.pdbx_wavelength_list             ? 
_diffrn_radiation.pdbx_wavelength                  ? 
_diffrn_radiation.pdbx_diffrn_protocol             'SINGLE WAVELENGTH' 
_diffrn_radiation.pdbx_analyzer                    ? 
_diffrn_radiation.pdbx_scattering_type             x-ray 
# 
_diffrn_radiation_wavelength.id           1 
_diffrn_radiation_wavelength.wavelength   0.979 
_diffrn_radiation_wavelength.wt           1.0 
# 
_diffrn_source.current                     ? 
_diffrn_source.details                     ? 
_diffrn_source.diffrn_id                   1 
_diffrn_source.power                       ? 
_diffrn_source.size                        ? 
_diffrn_source.source                      SYNCHROTRON 
_diffrn_source.target                      ? 
_diffrn_source.type                        'SSRF BEAMLINE BL18U1' 
_diffrn_source.voltage                     ? 
_diffrn_source.take-off_angle              ? 
_diffrn_source.pdbx_wavelength_list        0.979 
_diffrn_source.pdbx_wavelength             ? 
_diffrn_source.pdbx_synchrotron_beamline   BL18U1 
_diffrn_source.pdbx_synchrotron_site       SSRF 
# 
_reflns.B_iso_Wilson_estimate            23.130 
_reflns.entry_id                         5WWX 
_reflns.data_reduction_details           ? 
_reflns.data_reduction_method            ? 
_reflns.d_resolution_high                2.000 
_reflns.d_resolution_low                 40.000 
_reflns.details                          ? 
_reflns.limit_h_max                      ? 
_reflns.limit_h_min                      ? 
_reflns.limit_k_max                      ? 
_reflns.limit_k_min                      ? 
_reflns.limit_l_max                      ? 
_reflns.limit_l_min                      ? 
_reflns.number_all                       ? 
_reflns.number_obs                       6609 
_reflns.observed_criterion               ? 
_reflns.observed_criterion_F_max         ? 
_reflns.observed_criterion_F_min         ? 
_reflns.observed_criterion_I_max         ? 
_reflns.observed_criterion_I_min         ? 
_reflns.observed_criterion_sigma_F       ? 
_reflns.observed_criterion_sigma_I       ? 
_reflns.percent_possible_obs             99.600 
_reflns.R_free_details                   ? 
_reflns.Rmerge_F_all                     ? 
_reflns.Rmerge_F_obs                     ? 
_reflns.Friedel_coverage                 ? 
_reflns.number_gt                        ? 
_reflns.threshold_expression             ? 
_reflns.pdbx_redundancy                  7.600 
_reflns.pdbx_Rmerge_I_obs                0.108 
_reflns.pdbx_Rmerge_I_all                ? 
_reflns.pdbx_Rsym_value                  ? 
_reflns.pdbx_netI_over_av_sigmaI         ? 
_reflns.pdbx_netI_over_sigmaI            3.600 
_reflns.pdbx_res_netI_over_av_sigmaI_2   ? 
_reflns.pdbx_res_netI_over_sigmaI_2      ? 
_reflns.pdbx_chi_squared                 ? 
_reflns.pdbx_scaling_rejects             ? 
_reflns.pdbx_d_res_high_opt              ? 
_reflns.pdbx_d_res_low_opt               ? 
_reflns.pdbx_d_res_opt_method            ? 
_reflns.phase_calculation_details        ? 
_reflns.pdbx_Rrim_I_all                  ? 
_reflns.pdbx_Rpim_I_all                  ? 
_reflns.pdbx_d_opt                       ? 
_reflns.pdbx_number_measured_all         ? 
_reflns.pdbx_diffrn_id                   1 
_reflns.pdbx_ordinal                     1 
_reflns.pdbx_CC_half                     ? 
_reflns.pdbx_R_split                     ? 
# 
loop_
_reflns_shell.d_res_high 
_reflns_shell.d_res_low 
_reflns_shell.meanI_over_sigI_all 
_reflns_shell.meanI_over_sigI_obs 
_reflns_shell.number_measured_all 
_reflns_shell.number_measured_obs 
_reflns_shell.number_possible 
_reflns_shell.number_unique_all 
_reflns_shell.number_unique_obs 
_reflns_shell.percent_possible_all 
_reflns_shell.percent_possible_obs 
_reflns_shell.Rmerge_F_all 
_reflns_shell.Rmerge_F_obs 
_reflns_shell.Rmerge_I_all 
_reflns_shell.Rmerge_I_obs 
_reflns_shell.meanI_over_sigI_gt 
_reflns_shell.meanI_over_uI_all 
_reflns_shell.meanI_over_uI_gt 
_reflns_shell.number_measured_gt 
_reflns_shell.number_unique_gt 
_reflns_shell.percent_possible_gt 
_reflns_shell.Rmerge_F_gt 
_reflns_shell.Rmerge_I_gt 
_reflns_shell.pdbx_redundancy 
_reflns_shell.pdbx_Rsym_value 
_reflns_shell.pdbx_chi_squared 
_reflns_shell.pdbx_netI_over_sigmaI_all 
_reflns_shell.pdbx_netI_over_sigmaI_obs 
_reflns_shell.pdbx_Rrim_I_all 
_reflns_shell.pdbx_Rpim_I_all 
_reflns_shell.pdbx_rejects 
_reflns_shell.pdbx_ordinal 
_reflns_shell.pdbx_diffrn_id 
_reflns_shell.pdbx_CC_half 
_reflns_shell.pdbx_R_split 
2.000 2.070  ? ? ? ? ? ? ? 99.800  ? ? ? ? 0.534 ? ? ? ? ? ? ? ? 7.900 ? ? ? ? ? ? ? 1  1 0.904 ? 
2.070 2.150  ? ? ? ? ? ? ? 99.800  ? ? ? ? 0.346 ? ? ? ? ? ? ? ? 8.000 ? ? ? ? ? ? ? 2  1 0.958 ? 
2.150 2.250  ? ? ? ? ? ? ? 100.000 ? ? ? ? 0.332 ? ? ? ? ? ? ? ? 7.700 ? ? ? ? ? ? ? 3  1 0.931 ? 
2.250 2.370  ? ? ? ? ? ? ? 100.000 ? ? ? ? 0.239 ? ? ? ? ? ? ? ? 7.300 ? ? ? ? ? ? ? 4  1 0.969 ? 
2.370 2.520  ? ? ? ? ? ? ? 100.000 ? ? ? ? 0.205 ? ? ? ? ? ? ? ? 7.500 ? ? ? ? ? ? ? 5  1 0.980 ? 
2.520 2.710  ? ? ? ? ? ? ? 100.000 ? ? ? ? 0.164 ? ? ? ? ? ? ? ? 8.100 ? ? ? ? ? ? ? 6  1 0.985 ? 
2.710 2.990  ? ? ? ? ? ? ? 99.200  ? ? ? ? 0.122 ? ? ? ? ? ? ? ? 7.800 ? ? ? ? ? ? ? 7  1 0.993 ? 
2.990 3.420  ? ? ? ? ? ? ? 99.500  ? ? ? ? 0.084 ? ? ? ? ? ? ? ? 7.100 ? ? ? ? ? ? ? 8  1 0.995 ? 
3.420 4.310  ? ? ? ? ? ? ? 99.700  ? ? ? ? 0.054 ? ? ? ? ? ? ? ? 7.600 ? ? ? ? ? ? ? 9  1 0.997 ? 
4.310 40.000 ? ? ? ? ? ? ? 98.000  ? ? ? ? 0.048 ? ? ? ? ? ? ? ? 7.000 ? ? ? ? ? ? ? 10 1 0.998 ? 
# 
_refine.aniso_B[1][1]                            ? 
_refine.aniso_B[1][2]                            ? 
_refine.aniso_B[1][3]                            ? 
_refine.aniso_B[2][2]                            ? 
_refine.aniso_B[2][3]                            ? 
_refine.aniso_B[3][3]                            ? 
_refine.B_iso_max                                106.810 
_refine.B_iso_mean                               23.0942 
_refine.B_iso_min                                8.760 
_refine.correlation_coeff_Fo_to_Fc               ? 
_refine.correlation_coeff_Fo_to_Fc_free          ? 
_refine.details                                  ? 
_refine.diff_density_max                         ? 
_refine.diff_density_max_esd                     ? 
_refine.diff_density_min                         ? 
_refine.diff_density_min_esd                     ? 
_refine.diff_density_rms                         ? 
_refine.diff_density_rms_esd                     ? 
_refine.entry_id                                 5WWX 
_refine.pdbx_refine_id                           'X-RAY DIFFRACTION' 
_refine.ls_abs_structure_details                 ? 
_refine.ls_abs_structure_Flack                   ? 
_refine.ls_abs_structure_Flack_esd               ? 
_refine.ls_abs_structure_Rogers                  ? 
_refine.ls_abs_structure_Rogers_esd              ? 
_refine.ls_d_res_high                            2.0 
_refine.ls_d_res_low                             33.3670 
_refine.ls_extinction_coef                       ? 
_refine.ls_extinction_coef_esd                   ? 
_refine.ls_extinction_expression                 ? 
_refine.ls_extinction_method                     ? 
_refine.ls_goodness_of_fit_all                   ? 
_refine.ls_goodness_of_fit_all_esd               ? 
_refine.ls_goodness_of_fit_obs                   ? 
_refine.ls_goodness_of_fit_obs_esd               ? 
_refine.ls_hydrogen_treatment                    ? 
_refine.ls_matrix_type                           ? 
_refine.ls_number_constraints                    ? 
_refine.ls_number_parameters                     ? 
_refine.ls_number_reflns_all                     ? 
_refine.ls_number_reflns_obs                     6586 
_refine.ls_number_reflns_R_free                  337 
_refine.ls_number_reflns_R_work                  ? 
_refine.ls_number_restraints                     ? 
_refine.ls_percent_reflns_obs                    99.6200 
_refine.ls_percent_reflns_R_free                 5.1200 
_refine.ls_R_factor_all                          ? 
_refine.ls_R_factor_obs                          0.1724 
_refine.ls_R_factor_R_free                       0.2180 
_refine.ls_R_factor_R_free_error                 ? 
_refine.ls_R_factor_R_free_error_details         ? 
_refine.ls_R_factor_R_work                       0.1701 
_refine.ls_R_Fsqd_factor_obs                     ? 
_refine.ls_R_I_factor_obs                        ? 
_refine.ls_redundancy_reflns_all                 ? 
_refine.ls_redundancy_reflns_obs                 ? 
_refine.ls_restrained_S_all                      ? 
_refine.ls_restrained_S_obs                      ? 
_refine.ls_shift_over_esd_max                    ? 
_refine.ls_shift_over_esd_mean                   ? 
_refine.ls_structure_factor_coef                 ? 
_refine.ls_weighting_details                     ? 
_refine.ls_weighting_scheme                      ? 
_refine.ls_wR_factor_all                         ? 
_refine.ls_wR_factor_obs                         ? 
_refine.ls_wR_factor_R_free                      ? 
_refine.ls_wR_factor_R_work                      ? 
_refine.occupancy_max                            ? 
_refine.occupancy_min                            ? 
_refine.solvent_model_details                    ? 
_refine.solvent_model_param_bsol                 ? 
_refine.solvent_model_param_ksol                 ? 
_refine.ls_R_factor_gt                           ? 
_refine.ls_goodness_of_fit_gt                    ? 
_refine.ls_goodness_of_fit_ref                   ? 
_refine.ls_shift_over_su_max                     ? 
_refine.ls_shift_over_su_max_lt                  ? 
_refine.ls_shift_over_su_mean                    ? 
_refine.ls_shift_over_su_mean_lt                 ? 
_refine.pdbx_ls_sigma_I                          ? 
_refine.pdbx_ls_sigma_F                          1.370 
_refine.pdbx_ls_sigma_Fsqd                       ? 
_refine.pdbx_data_cutoff_high_absF               ? 
_refine.pdbx_data_cutoff_high_rms_absF           ? 
_refine.pdbx_data_cutoff_low_absF                ? 
_refine.pdbx_isotropic_thermal_model             ? 
_refine.pdbx_ls_cross_valid_method               'FREE R-VALUE' 
_refine.pdbx_method_to_determine_struct          'MOLECULAR REPLACEMENT' 
_refine.pdbx_starting_model                      5WWW 
_refine.pdbx_stereochemistry_target_values       ? 
_refine.pdbx_R_Free_selection_details            ? 
_refine.pdbx_stereochem_target_val_spec_case     ? 
_refine.pdbx_overall_ESU_R                       ? 
_refine.pdbx_overall_ESU_R_Free                  ? 
_refine.pdbx_solvent_vdw_probe_radii             1.1100 
_refine.pdbx_solvent_ion_probe_radii             ? 
_refine.pdbx_solvent_shrinkage_radii             0.9000 
_refine.pdbx_real_space_R                        ? 
_refine.pdbx_density_correlation                 ? 
_refine.pdbx_pd_number_of_powder_patterns        ? 
_refine.pdbx_pd_number_of_points                 ? 
_refine.pdbx_pd_meas_number_of_points            ? 
_refine.pdbx_pd_proc_ls_prof_R_factor            ? 
_refine.pdbx_pd_proc_ls_prof_wR_factor           ? 
_refine.pdbx_pd_Marquardt_correlation_coeff      ? 
_refine.pdbx_pd_Fsqrd_R_factor                   ? 
_refine.pdbx_pd_ls_matrix_band_width             ? 
_refine.pdbx_overall_phase_error                 18.8500 
_refine.pdbx_overall_SU_R_free_Cruickshank_DPI   ? 
_refine.pdbx_overall_SU_R_free_Blow_DPI          ? 
_refine.pdbx_overall_SU_R_Blow_DPI               ? 
_refine.pdbx_TLS_residual_ADP_flag               ? 
_refine.pdbx_diffrn_id                           1 
_refine.overall_SU_B                             ? 
_refine.overall_SU_ML                            0.2300 
_refine.overall_SU_R_Cruickshank_DPI             ? 
_refine.overall_SU_R_free                        ? 
_refine.overall_FOM_free_R_set                   ? 
_refine.overall_FOM_work_R_set                   ? 
_refine.pdbx_average_fsc_overall                 ? 
_refine.pdbx_average_fsc_work                    ? 
_refine.pdbx_average_fsc_free                    ? 
# 
_refine_hist.cycle_id                         final 
_refine_hist.pdbx_refine_id                   'X-RAY DIFFRACTION' 
_refine_hist.d_res_high                       2.0 
_refine_hist.d_res_low                        33.3670 
_refine_hist.pdbx_number_atoms_ligand         1 
_refine_hist.number_atoms_solvent             62 
_refine_hist.number_atoms_total               845 
_refine_hist.pdbx_number_residues_total       89 
_refine_hist.pdbx_B_iso_mean_ligand           25.67 
_refine_hist.pdbx_B_iso_mean_solvent          32.70 
_refine_hist.pdbx_number_atoms_protein        672 
_refine_hist.pdbx_number_atoms_nucleic_acid   110 
# 
loop_
_refine_ls_restr.pdbx_refine_id 
_refine_ls_restr.criterion 
_refine_ls_restr.dev_ideal 
_refine_ls_restr.dev_ideal_target 
_refine_ls_restr.number 
_refine_ls_restr.rejects 
_refine_ls_restr.type 
_refine_ls_restr.weight 
_refine_ls_restr.pdbx_restraint_function 
'X-RAY DIFFRACTION' ? 0.008  ? 848  ? f_bond_d           ? ? 
'X-RAY DIFFRACTION' ? 0.923  ? 1179 ? f_angle_d          ? ? 
'X-RAY DIFFRACTION' ? 0.051  ? 133  ? f_chiral_restr     ? ? 
'X-RAY DIFFRACTION' ? 0.005  ? 137  ? f_plane_restr      ? ? 
'X-RAY DIFFRACTION' ? 16.630 ? 508  ? f_dihedral_angle_d ? ? 
# 
loop_
_refine_ls_shell.pdbx_refine_id 
_refine_ls_shell.d_res_high 
_refine_ls_shell.d_res_low 
_refine_ls_shell.number_reflns_all 
_refine_ls_shell.number_reflns_obs 
_refine_ls_shell.number_reflns_R_free 
_refine_ls_shell.number_reflns_R_work 
_refine_ls_shell.percent_reflns_obs 
_refine_ls_shell.percent_reflns_R_free 
_refine_ls_shell.R_factor_all 
_refine_ls_shell.R_factor_obs 
_refine_ls_shell.R_factor_R_free 
_refine_ls_shell.R_factor_R_free_error 
_refine_ls_shell.R_factor_R_work 
_refine_ls_shell.redundancy_reflns_all 
_refine_ls_shell.redundancy_reflns_obs 
_refine_ls_shell.wR_factor_all 
_refine_ls_shell.wR_factor_obs 
_refine_ls_shell.wR_factor_R_free 
_refine_ls_shell.wR_factor_R_work 
_refine_ls_shell.pdbx_total_number_of_bins_used 
_refine_ls_shell.pdbx_phase_error 
_refine_ls_shell.pdbx_fsc_work 
_refine_ls_shell.pdbx_fsc_free 
'X-RAY DIFFRACTION' 1.9992 2.5187  3220 . 166 3054 100.0000 . . . 0.2521 0.0000 0.1707 . . . . . . 2 . . . 
'X-RAY DIFFRACTION' 2.5187 33.3717 3366 . 171 3195 99.0000  . . . 0.2041 0.0000 0.1698 . . . . . . 2 . . . 
# 
_struct.entry_id                     5WWX 
_struct.title                        
'Crystal structure of the KH2 domain of human RNA-binding E3 ubiquitin-protein ligase MEX-3C complex with RNA' 
_struct.pdbx_model_details           ? 
_struct.pdbx_formula_weight          ? 
_struct.pdbx_formula_weight_method   ? 
_struct.pdbx_model_type_details      ? 
_struct.pdbx_CASP_flag               N 
# 
_struct_keywords.entry_id        5WWX 
_struct_keywords.text            'KH2, MEX-3C, RNA, RNA BINDING PROTEIN-RNA complex' 
_struct_keywords.pdbx_keywords   'RNA BINDING PROTEIN/RNA' 
# 
loop_
_struct_asym.id 
_struct_asym.pdbx_blank_PDB_chainid_flag 
_struct_asym.pdbx_modified 
_struct_asym.entity_id 
_struct_asym.details 
A N N 1 ? 
B N N 2 ? 
C N N 3 ? 
D N N 4 ? 
E N N 4 ? 
# 
loop_
_struct_conf.conf_type_id 
_struct_conf.id 
_struct_conf.pdbx_PDB_helix_id 
_struct_conf.beg_label_comp_id 
_struct_conf.beg_label_asym_id 
_struct_conf.beg_label_seq_id 
_struct_conf.pdbx_beg_PDB_ins_code 
_struct_conf.end_label_comp_id 
_struct_conf.end_label_asym_id 
_struct_conf.end_label_seq_id 
_struct_conf.pdbx_end_PDB_ins_code 
_struct_conf.beg_auth_comp_id 
_struct_conf.beg_auth_asym_id 
_struct_conf.beg_auth_seq_id 
_struct_conf.end_auth_comp_id 
_struct_conf.end_auth_asym_id 
_struct_conf.end_auth_seq_id 
_struct_conf.pdbx_PDB_helix_class 
_struct_conf.details 
_struct_conf.pdbx_PDB_helix_length 
HELX_P HELX_P1 AA1 PRO A 24 ? ARG A 26 ? PRO A 334 ARG A 336 5 ? 3  
HELX_P HELX_P2 AA2 VAL A 27 ? GLY A 33 ? VAL A 337 GLY A 343 1 ? 7  
HELX_P HELX_P3 AA3 GLY A 36 ? HIS A 47 ? GLY A 346 HIS A 357 1 ? 12 
HELX_P HELX_P4 AA4 MET A 66 ? GLY A 86 ? MET A 376 GLY A 396 1 ? 21 
# 
_struct_conf_type.id          HELX_P 
_struct_conf_type.criteria    ? 
_struct_conf_type.reference   ? 
# 
loop_
_struct_conn.id 
_struct_conn.conn_type_id 
_struct_conn.pdbx_leaving_atom_flag 
_struct_conn.pdbx_PDB_id 
_struct_conn.ptnr1_label_asym_id 
_struct_conn.ptnr1_label_comp_id 
_struct_conn.ptnr1_label_seq_id 
_struct_conn.ptnr1_label_atom_id 
_struct_conn.pdbx_ptnr1_label_alt_id 
_struct_conn.pdbx_ptnr1_PDB_ins_code 
_struct_conn.pdbx_ptnr1_standard_comp_id 
_struct_conn.ptnr1_symmetry 
_struct_conn.ptnr2_label_asym_id 
_struct_conn.ptnr2_label_comp_id 
_struct_conn.ptnr2_label_seq_id 
_struct_conn.ptnr2_label_atom_id 
_struct_conn.pdbx_ptnr2_label_alt_id 
_struct_conn.pdbx_ptnr2_PDB_ins_code 
_struct_conn.ptnr1_auth_asym_id 
_struct_conn.ptnr1_auth_comp_id 
_struct_conn.ptnr1_auth_seq_id 
_struct_conn.ptnr2_auth_asym_id 
_struct_conn.ptnr2_auth_comp_id 
_struct_conn.ptnr2_auth_seq_id 
_struct_conn.ptnr2_symmetry 
_struct_conn.pdbx_ptnr3_label_atom_id 
_struct_conn.pdbx_ptnr3_label_seq_id 
_struct_conn.pdbx_ptnr3_label_comp_id 
_struct_conn.pdbx_ptnr3_label_asym_id 
_struct_conn.pdbx_ptnr3_label_alt_id 
_struct_conn.pdbx_ptnr3_PDB_ins_code 
_struct_conn.details 
_struct_conn.pdbx_dist_value 
_struct_conn.pdbx_value_order 
_struct_conn.pdbx_role 
metalc1 metalc ? ? A HIS 4 NE2 ? ? ? 1_555 C NI . NI ? ? A HIS 314 A NI 401 1_555 ? ? ? ? ? ? ? 1.976 ? ? 
metalc2 metalc ? ? A HIS 4 NE2 ? ? ? 1_555 C NI . NI ? ? A HIS 314 A NI 401 7_555 ? ? ? ? ? ? ? 1.976 ? ? 
metalc3 metalc ? ? A HIS 6 NE2 ? ? ? 1_555 C NI . NI ? ? A HIS 316 A NI 401 1_555 ? ? ? ? ? ? ? 2.072 ? ? 
metalc4 metalc ? ? A HIS 6 NE2 ? ? ? 1_555 C NI . NI ? ? A HIS 316 A NI 401 7_555 ? ? ? ? ? ? ? 2.072 ? ? 
# 
_struct_conn_type.id          metalc 
_struct_conn_type.criteria    ? 
_struct_conn_type.reference   ? 
# 
_struct_sheet.id               AA1 
_struct_sheet.type             ? 
_struct_sheet.number_strands   3 
_struct_sheet.details          ? 
# 
loop_
_struct_sheet_order.sheet_id 
_struct_sheet_order.range_id_1 
_struct_sheet_order.range_id_2 
_struct_sheet_order.offset 
_struct_sheet_order.sense 
AA1 1 2 ? anti-parallel 
AA1 2 3 ? anti-parallel 
# 
loop_
_struct_sheet_range.sheet_id 
_struct_sheet_range.id 
_struct_sheet_range.beg_label_comp_id 
_struct_sheet_range.beg_label_asym_id 
_struct_sheet_range.beg_label_seq_id 
_struct_sheet_range.pdbx_beg_PDB_ins_code 
_struct_sheet_range.end_label_comp_id 
_struct_sheet_range.end_label_asym_id 
_struct_sheet_range.end_label_seq_id 
_struct_sheet_range.pdbx_end_PDB_ins_code 
_struct_sheet_range.beg_auth_comp_id 
_struct_sheet_range.beg_auth_asym_id 
_struct_sheet_range.beg_auth_seq_id 
_struct_sheet_range.end_auth_comp_id 
_struct_sheet_range.end_auth_asym_id 
_struct_sheet_range.end_auth_seq_id 
AA1 1 THR A 17 ? ARG A 22 ? THR A 327 ARG A 332 
AA1 2 VAL A 60 ? GLY A 65 ? VAL A 370 GLY A 375 
AA1 3 TYR A 49 ? VAL A 51 ? TYR A 359 VAL A 361 
# 
loop_
_pdbx_struct_sheet_hbond.sheet_id 
_pdbx_struct_sheet_hbond.range_id_1 
_pdbx_struct_sheet_hbond.range_id_2 
_pdbx_struct_sheet_hbond.range_1_label_atom_id 
_pdbx_struct_sheet_hbond.range_1_label_comp_id 
_pdbx_struct_sheet_hbond.range_1_label_asym_id 
_pdbx_struct_sheet_hbond.range_1_label_seq_id 
_pdbx_struct_sheet_hbond.range_1_PDB_ins_code 
_pdbx_struct_sheet_hbond.range_1_auth_atom_id 
_pdbx_struct_sheet_hbond.range_1_auth_comp_id 
_pdbx_struct_sheet_hbond.range_1_auth_asym_id 
_pdbx_struct_sheet_hbond.range_1_auth_seq_id 
_pdbx_struct_sheet_hbond.range_2_label_atom_id 
_pdbx_struct_sheet_hbond.range_2_label_comp_id 
_pdbx_struct_sheet_hbond.range_2_label_asym_id 
_pdbx_struct_sheet_hbond.range_2_label_seq_id 
_pdbx_struct_sheet_hbond.range_2_PDB_ins_code 
_pdbx_struct_sheet_hbond.range_2_auth_atom_id 
_pdbx_struct_sheet_hbond.range_2_auth_comp_id 
_pdbx_struct_sheet_hbond.range_2_auth_asym_id 
_pdbx_struct_sheet_hbond.range_2_auth_seq_id 
AA1 1 2 N VAL A 21 ? N VAL A 331 O PHE A 61 ? O PHE A 371 
AA1 2 3 O THR A 64 ? O THR A 374 N TYR A 49 ? N TYR A 359 
# 
_struct_site.id                   AC1 
_struct_site.pdbx_evidence_code   Software 
_struct_site.pdbx_auth_asym_id    A 
_struct_site.pdbx_auth_comp_id    NI 
_struct_site.pdbx_auth_seq_id     401 
_struct_site.pdbx_auth_ins_code   ? 
_struct_site.pdbx_num_residues    4 
_struct_site.details              'binding site for residue NI A 401' 
# 
loop_
_struct_site_gen.id 
_struct_site_gen.site_id 
_struct_site_gen.pdbx_num_res 
_struct_site_gen.label_comp_id 
_struct_site_gen.label_asym_id 
_struct_site_gen.label_seq_id 
_struct_site_gen.pdbx_auth_ins_code 
_struct_site_gen.auth_comp_id 
_struct_site_gen.auth_asym_id 
_struct_site_gen.auth_seq_id 
_struct_site_gen.label_atom_id 
_struct_site_gen.label_alt_id 
_struct_site_gen.symmetry 
_struct_site_gen.details 
1 AC1 4 HIS A 4 ? HIS A 314 . ? 7_555 ? 
2 AC1 4 HIS A 4 ? HIS A 314 . ? 1_555 ? 
3 AC1 4 HIS A 6 ? HIS A 316 . ? 1_555 ? 
4 AC1 4 HIS A 6 ? HIS A 316 . ? 7_555 ? 
# 
_atom_sites.entry_id                    5WWX 
_atom_sites.fract_transf_matrix[1][1]   -0.01108957 
_atom_sites.fract_transf_matrix[1][2]   0.00740287 
_atom_sites.fract_transf_matrix[1][3]   -0.00136360 
_atom_sites.fract_transf_matrix[2][1]   0.00711684 
_atom_sites.fract_transf_matrix[2][2]   0.01110215 
_atom_sites.fract_transf_matrix[2][3]   0.00239442 
_atom_sites.fract_transf_matrix[3][1]   0.00562303 
_atom_sites.fract_transf_matrix[3][2]   0.00288274 
_atom_sites.fract_transf_matrix[3][3]   -0.03007945 
_atom_sites.fract_transf_vector[1]      0.493309 
_atom_sites.fract_transf_vector[2]      0.247100 
_atom_sites.fract_transf_vector[3]      0.606033 
# 
loop_
_atom_type.symbol 
C  
N  
NI 
O  
P  
S  
# 
loop_
_atom_site.group_PDB 
_atom_site.id 
_atom_site.type_symbol 
_atom_site.label_atom_id 
_atom_site.label_alt_id 
_atom_site.label_comp_id 
_atom_site.label_asym_id 
_atom_site.label_entity_id 
_atom_site.label_seq_id 
_atom_site.pdbx_PDB_ins_code 
_atom_site.Cartn_x 
_atom_site.Cartn_y 
_atom_site.Cartn_z 
_atom_site.occupancy 
_atom_site.B_iso_or_equiv 
_atom_site.pdbx_formal_charge 
_atom_site.auth_seq_id 
_atom_site.auth_comp_id 
_atom_site.auth_asym_id 
_atom_site.auth_atom_id 
_atom_site.pdbx_PDB_model_num 
ATOM   1   N  N     . HIS A 1 3  ? 15.118  8.144   21.675  1.00 37.63  ? 313 HIS A N     1 
ATOM   2   C  CA    . HIS A 1 3  ? 13.896  7.748   20.988  1.00 39.39  ? 313 HIS A CA    1 
ATOM   3   C  C     . HIS A 1 3  ? 14.108  6.451   20.213  1.00 34.62  ? 313 HIS A C     1 
ATOM   4   O  O     . HIS A 1 3  ? 15.096  6.324   19.476  1.00 28.63  ? 313 HIS A O     1 
ATOM   5   C  CB    . HIS A 1 3  ? 13.426  8.846   20.029  1.00 45.30  ? 313 HIS A CB    1 
ATOM   6   C  CG    . HIS A 1 3  ? 12.211  8.473   19.228  1.00 49.75  ? 313 HIS A CG    1 
ATOM   7   N  ND1   . HIS A 1 3  ? 10.984  8.218   19.806  1.00 54.34  ? 313 HIS A ND1   1 
ATOM   8   C  CD2   . HIS A 1 3  ? 12.038  8.306   17.892  1.00 51.76  ? 313 HIS A CD2   1 
ATOM   9   C  CE1   . HIS A 1 3  ? 10.108  7.913   18.862  1.00 41.93  ? 313 HIS A CE1   1 
ATOM   10  N  NE2   . HIS A 1 3  ? 10.722  7.960   17.691  1.00 45.61  ? 313 HIS A NE2   1 
ATOM   11  N  N     . HIS A 1 4  ? 13.170  5.509   20.355  1.00 26.18  ? 314 HIS A N     1 
ATOM   12  C  CA    . HIS A 1 4  ? 13.224  4.240   19.636  1.00 13.37  ? 314 HIS A CA    1 
ATOM   13  C  C     . HIS A 1 4  ? 11.898  3.956   18.949  1.00 20.34  ? 314 HIS A C     1 
ATOM   14  O  O     . HIS A 1 4  ? 10.857  4.514   19.298  1.00 20.65  ? 314 HIS A O     1 
ATOM   15  C  CB    . HIS A 1 4  ? 13.528  3.070   20.558  1.00 16.29  ? 314 HIS A CB    1 
ATOM   16  C  CG    . HIS A 1 4  ? 12.311  2.532   21.247  1.00 19.00  ? 314 HIS A CG    1 
ATOM   17  N  ND1   . HIS A 1 4  ? 11.762  3.139   22.350  1.00 20.25  ? 314 HIS A ND1   1 
ATOM   18  C  CD2   . HIS A 1 4  ? 11.521  1.463   20.976  1.00 17.62  ? 314 HIS A CD2   1 
ATOM   19  C  CE1   . HIS A 1 4  ? 10.704  2.458   22.752  1.00 18.62  ? 314 HIS A CE1   1 
ATOM   20  N  NE2   . HIS A 1 4  ? 10.530  1.441   21.931  1.00 12.99  ? 314 HIS A NE2   1 
ATOM   21  N  N     . HIS A 1 5  ? 11.947  3.063   17.965  1.00 14.71  ? 315 HIS A N     1 
ATOM   22  C  CA    . HIS A 1 5  ? 10.751  2.526   17.354  1.00 14.64  ? 315 HIS A CA    1 
ATOM   23  C  C     . HIS A 1 5  ? 11.062  1.104   16.909  1.00 14.32  ? 315 HIS A C     1 
ATOM   24  O  O     . HIS A 1 5  ? 12.093  0.532   17.268  1.00 14.41  ? 315 HIS A O     1 
ATOM   25  C  CB    . HIS A 1 5  ? 10.243  3.421   16.213  1.00 17.13  ? 315 HIS A CB    1 
ATOM   26  C  CG    . HIS A 1 5  ? 11.250  3.710   15.138  1.00 22.56  ? 315 HIS A CG    1 
ATOM   27  N  ND1   . HIS A 1 5  ? 11.644  2.772   14.207  1.00 15.03  ? 315 HIS A ND1   1 
ATOM   28  C  CD2   . HIS A 1 5  ? 11.891  4.858   14.806  1.00 22.19  ? 315 HIS A CD2   1 
ATOM   29  C  CE1   . HIS A 1 5  ? 12.503  3.323   13.365  1.00 19.91  ? 315 HIS A CE1   1 
ATOM   30  N  NE2   . HIS A 1 5  ? 12.674  4.585   13.710  1.00 15.68  ? 315 HIS A NE2   1 
ATOM   31  N  N     . HIS A 1 6  ? 10.156  0.517   16.148  1.00 12.09  ? 316 HIS A N     1 
ATOM   32  C  CA    . HIS A 1 6  ? 10.269  -0.904  15.861  1.00 18.49  ? 316 HIS A CA    1 
ATOM   33  C  C     . HIS A 1 6  ? 10.217  -1.197  14.369  1.00 13.45  ? 316 HIS A C     1 
ATOM   34  O  O     . HIS A 1 6  ? 9.728   -2.241  13.963  1.00 13.94  ? 316 HIS A O     1 
ATOM   35  C  CB    . HIS A 1 6  ? 9.195   -1.663  16.625  1.00 16.73  ? 316 HIS A CB    1 
ATOM   36  C  CG    . HIS A 1 6  ? 9.354   -1.544  18.101  1.00 18.51  ? 316 HIS A CG    1 
ATOM   37  N  ND1   . HIS A 1 6  ? 10.061  -2.460  18.840  1.00 16.77  ? 316 HIS A ND1   1 
ATOM   38  C  CD2   . HIS A 1 6  ? 8.963   -0.581  18.969  1.00 16.35  ? 316 HIS A CD2   1 
ATOM   39  C  CE1   . HIS A 1 6  ? 10.064  -2.093  20.107  1.00 16.60  ? 316 HIS A CE1   1 
ATOM   40  N  NE2   . HIS A 1 6  ? 9.407   -0.957  20.210  1.00 19.54  ? 316 HIS A NE2   1 
ATOM   41  N  N     . HIS A 1 7  ? 10.751  -0.301  13.543  1.00 13.46  ? 317 HIS A N     1 
ATOM   42  C  CA    . HIS A 1 7  ? 10.853  -0.563  12.115  1.00 9.68   ? 317 HIS A CA    1 
ATOM   43  C  C     . HIS A 1 7  ? 12.223  -0.101  11.647  1.00 11.63  ? 317 HIS A C     1 
ATOM   44  O  O     . HIS A 1 7  ? 12.971  0.541   12.389  1.00 10.15  ? 317 HIS A O     1 
ATOM   45  C  CB    . HIS A 1 7  ? 9.725   0.129   11.320  1.00 14.59  ? 317 HIS A CB    1 
ATOM   46  C  CG    . HIS A 1 7  ? 9.696   1.619   11.476  1.00 20.43  ? 317 HIS A CG    1 
ATOM   47  N  ND1   . HIS A 1 7  ? 8.881   2.257   12.390  1.00 19.43  ? 317 HIS A ND1   1 
ATOM   48  C  CD2   . HIS A 1 7  ? 10.393  2.595   10.847  1.00 11.82  ? 317 HIS A CD2   1 
ATOM   49  C  CE1   . HIS A 1 7  ? 9.086   3.562   12.321  1.00 19.65  ? 317 HIS A CE1   1 
ATOM   50  N  NE2   . HIS A 1 7  ? 9.991   3.793   11.385  1.00 20.88  ? 317 HIS A NE2   1 
ATOM   51  N  N     . HIS A 1 8  ? 12.541  -0.423  10.397  1.00 10.07  ? 318 HIS A N     1 
ATOM   52  C  CA    . HIS A 1 8  ? 13.769  0.061   9.783   1.00 15.31  ? 318 HIS A CA    1 
ATOM   53  C  C     . HIS A 1 8  ? 13.584  0.096   8.272   1.00 15.07  ? 318 HIS A C     1 
ATOM   54  O  O     . HIS A 1 8  ? 12.735  -0.601  7.712   1.00 19.91  ? 318 HIS A O     1 
ATOM   55  C  CB    . HIS A 1 8  ? 14.958  -0.827  10.153  1.00 10.31  ? 318 HIS A CB    1 
ATOM   56  C  CG    . HIS A 1 8  ? 14.734  -2.277  9.838   1.00 10.93  ? 318 HIS A CG    1 
ATOM   57  N  ND1   . HIS A 1 8  ? 15.196  -2.870  8.685   1.00 15.21  ? 318 HIS A ND1   1 
ATOM   58  C  CD2   . HIS A 1 8  ? 14.069  -3.244  10.516  1.00 9.79   ? 318 HIS A CD2   1 
ATOM   59  C  CE1   . HIS A 1 8  ? 14.845  -4.145  8.675   1.00 13.14  ? 318 HIS A CE1   1 
ATOM   60  N  NE2   . HIS A 1 8  ? 14.175  -4.403  9.784   1.00 17.60  ? 318 HIS A NE2   1 
ATOM   61  N  N     . MET A 1 9  ? 14.397  0.911   7.616   1.00 15.39  ? 319 MET A N     1 
ATOM   62  C  CA    A MET A 1 9  ? 14.364  1.033   6.164   0.64 17.36  ? 319 MET A CA    1 
ATOM   63  C  CA    B MET A 1 9  ? 14.355  1.024   6.166   0.36 17.34  ? 319 MET A CA    1 
ATOM   64  C  C     . MET A 1 9  ? 15.243  -0.046  5.546   1.00 16.05  ? 319 MET A C     1 
ATOM   65  O  O     . MET A 1 9  ? 16.411  -0.178  5.919   1.00 17.87  ? 319 MET A O     1 
ATOM   66  C  CB    A MET A 1 9  ? 14.850  2.416   5.737   0.64 12.77  ? 319 MET A CB    1 
ATOM   67  C  CB    B MET A 1 9  ? 14.810  2.412   5.727   0.36 12.88  ? 319 MET A CB    1 
ATOM   68  C  CG    A MET A 1 9  ? 13.939  3.529   6.181   0.64 19.54  ? 319 MET A CG    1 
ATOM   69  C  CG    B MET A 1 9  ? 14.366  2.784   4.340   0.36 16.27  ? 319 MET A CG    1 
ATOM   70  S  SD    A MET A 1 9  ? 12.661  3.753   4.950   0.64 44.21  ? 319 MET A SD    1 
ATOM   71  S  SD    B MET A 1 9  ? 14.957  4.422   3.924   0.36 19.79  ? 319 MET A SD    1 
ATOM   72  C  CE    A MET A 1 9  ? 13.266  5.229   4.132   0.64 25.74  ? 319 MET A CE    1 
ATOM   73  C  CE    B MET A 1 9  ? 14.604  5.299   5.445   0.36 18.97  ? 319 MET A CE    1 
ATOM   74  N  N     . SER A 1 10 ? 14.684  -0.806  4.599   1.00 13.79  ? 320 SER A N     1 
ATOM   75  C  CA    . SER A 1 10 ? 15.374  -1.913  3.936   1.00 14.97  ? 320 SER A CA    1 
ATOM   76  C  C     . SER A 1 10 ? 15.570  -1.656  2.444   1.00 14.84  ? 320 SER A C     1 
ATOM   77  O  O     . SER A 1 10 ? 14.662  -1.159  1.778   1.00 16.20  ? 320 SER A O     1 
ATOM   78  C  CB    . SER A 1 10 ? 14.584  -3.225  4.093   1.00 12.49  ? 320 SER A CB    1 
ATOM   79  O  OG    . SER A 1 10 ? 14.408  -3.538  5.456   1.00 18.90  ? 320 SER A OG    1 
ATOM   80  N  N     . PRO A 1 11 ? 16.712  -2.042  1.882   1.00 15.72  ? 321 PRO A N     1 
ATOM   81  C  CA    . PRO A 1 11 ? 16.860  -2.001  0.422   1.00 14.22  ? 321 PRO A CA    1 
ATOM   82  C  C     . PRO A 1 11 ? 16.044  -3.099  -0.234  1.00 19.32  ? 321 PRO A C     1 
ATOM   83  O  O     . PRO A 1 11 ? 15.961  -4.216  0.274   1.00 17.60  ? 321 PRO A O     1 
ATOM   84  C  CB    . PRO A 1 11 ? 18.362  -2.221  0.211   1.00 16.73  ? 321 PRO A CB    1 
ATOM   85  C  CG    . PRO A 1 11 ? 18.999  -1.947  1.585   1.00 24.87  ? 321 PRO A CG    1 
ATOM   86  C  CD    . PRO A 1 11 ? 17.959  -2.453  2.544   1.00 16.89  ? 321 PRO A CD    1 
ATOM   87  N  N     . ASN A 1 12 ? 15.407  -2.763  -1.350  1.00 12.86  ? 322 ASN A N     1 
ATOM   88  C  CA    . ASN A 1 12 ? 14.707  -3.777  -2.119  1.00 16.41  ? 322 ASN A CA    1 
ATOM   89  C  C     . ASN A 1 12 ? 15.693  -4.800  -2.689  1.00 14.63  ? 322 ASN A C     1 
ATOM   90  O  O     . ASN A 1 12 ? 16.856  -4.489  -2.946  1.00 17.02  ? 322 ASN A O     1 
ATOM   91  C  CB    . ASN A 1 12 ? 13.947  -3.149  -3.278  1.00 11.71  ? 322 ASN A CB    1 
ATOM   92  C  CG    . ASN A 1 12 ? 12.824  -2.221  -2.844  1.00 13.59  ? 322 ASN A CG    1 
ATOM   93  O  OD1   . ASN A 1 12 ? 12.582  -1.981  -1.660  1.00 12.50  ? 322 ASN A OD1   1 
ATOM   94  N  ND2   . ASN A 1 12 ? 12.139  -1.680  -3.825  1.00 13.21  ? 322 ASN A ND2   1 
ATOM   95  N  N     . LEU A 1 13 ? 15.209  -6.020  -2.914  1.00 15.05  ? 323 LEU A N     1 
ATOM   96  C  CA    . LEU A 1 13 ? 15.945  -6.974  -3.734  1.00 17.73  ? 323 LEU A CA    1 
ATOM   97  C  C     . LEU A 1 13 ? 16.073  -6.443  -5.167  1.00 17.73  ? 323 LEU A C     1 
ATOM   98  O  O     . LEU A 1 13 ? 15.228  -5.678  -5.622  1.00 14.27  ? 323 LEU A O     1 
ATOM   99  C  CB    . LEU A 1 13 ? 15.224  -8.316  -3.760  1.00 21.26  ? 323 LEU A CB    1 
ATOM   100 C  CG    . LEU A 1 13 ? 15.257  -9.117  -2.471  1.00 32.55  ? 323 LEU A CG    1 
ATOM   101 C  CD1   . LEU A 1 13 ? 14.064  -10.065 -2.418  1.00 37.97  ? 323 LEU A CD1   1 
ATOM   102 C  CD2   . LEU A 1 13 ? 16.579  -9.867  -2.376  1.00 33.90  ? 323 LEU A CD2   1 
ATOM   103 N  N     . PRO A 1 14 ? 17.119  -6.827  -5.897  1.00 15.01  ? 324 PRO A N     1 
ATOM   104 C  CA    . PRO A 1 14 ? 17.233  -6.388  -7.293  1.00 15.81  ? 324 PRO A CA    1 
ATOM   105 C  C     . PRO A 1 14 ? 16.025  -6.841  -8.098  1.00 19.02  ? 324 PRO A C     1 
ATOM   106 O  O     . PRO A 1 14 ? 15.536  -7.962  -7.939  1.00 13.03  ? 324 PRO A O     1 
ATOM   107 C  CB    . PRO A 1 14 ? 18.519  -7.069  -7.776  1.00 19.90  ? 324 PRO A CB    1 
ATOM   108 C  CG    . PRO A 1 14 ? 19.281  -7.373  -6.533  1.00 25.04  ? 324 PRO A CG    1 
ATOM   109 C  CD    . PRO A 1 14 ? 18.238  -7.688  -5.501  1.00 21.60  ? 324 PRO A CD    1 
ATOM   110 N  N     . GLY A 1 15 ? 15.533  -5.951  -8.955  1.00 18.74  ? 325 GLY A N     1 
ATOM   111 C  CA    . GLY A 1 15 ? 14.356  -6.221  -9.744  1.00 19.79  ? 325 GLY A CA    1 
ATOM   112 C  C     . GLY A 1 15 ? 13.045  -5.841  -9.087  1.00 21.49  ? 325 GLY A C     1 
ATOM   113 O  O     . GLY A 1 15 ? 12.012  -5.826  -9.771  1.00 22.31  ? 325 GLY A O     1 
ATOM   114 N  N     . GLN A 1 16 ? 13.048  -5.527  -7.792  1.00 15.75  ? 326 GLN A N     1 
ATOM   115 C  CA    . GLN A 1 16 ? 11.846  -5.122  -7.079  1.00 12.01  ? 326 GLN A CA    1 
ATOM   116 C  C     . GLN A 1 16 ? 11.847  -3.612  -6.891  1.00 17.59  ? 326 GLN A C     1 
ATOM   117 O  O     . GLN A 1 16 ? 12.832  -3.025  -6.419  1.00 16.76  ? 326 GLN A O     1 
ATOM   118 C  CB    . GLN A 1 16 ? 11.747  -5.830  -5.729  1.00 15.35  ? 326 GLN A CB    1 
ATOM   119 C  CG    . GLN A 1 16 ? 11.730  -7.346  -5.881  1.00 22.96  ? 326 GLN A CG    1 
ATOM   120 C  CD    . GLN A 1 16 ? 11.078  -8.045  -4.721  1.00 29.64  ? 326 GLN A CD    1 
ATOM   121 O  OE1   . GLN A 1 16 ? 10.409  -7.422  -3.902  1.00 33.19  ? 326 GLN A OE1   1 
ATOM   122 N  NE2   . GLN A 1 16 ? 11.269  -9.352  -4.643  1.00 38.53  ? 326 GLN A NE2   1 
ATOM   123 N  N     . THR A 1 17 ? 10.750  -2.990  -7.271  1.00 16.38  ? 327 THR A N     1 
ATOM   124 C  CA    . THR A 1 17 ? 10.595  -1.554  -7.170  1.00 12.76  ? 327 THR A CA    1 
ATOM   125 C  C     . THR A 1 17 ? 9.620   -1.241  -6.048  1.00 15.11  ? 327 THR A C     1 
ATOM   126 O  O     . THR A 1 17 ? 8.841   -2.101  -5.623  1.00 13.59  ? 327 THR A O     1 
ATOM   127 C  CB    . THR A 1 17 ? 10.098  -0.978  -8.502  1.00 9.67   ? 327 THR A CB    1 
ATOM   128 O  OG1   . THR A 1 17 ? 10.040  0.435   -8.417  1.00 16.65  ? 327 THR A OG1   1 
ATOM   129 C  CG2   . THR A 1 17 ? 8.693   -1.478  -8.789  1.00 13.02  ? 327 THR A CG2   1 
ATOM   130 N  N     . THR A 1 18 ? 9.700   -0.015  -5.536  1.00 11.54  ? 328 THR A N     1 
ATOM   131 C  CA    . THR A 1 18 ? 8.714   0.500   -4.587  1.00 10.88  ? 328 THR A CA    1 
ATOM   132 C  C     . THR A 1 18 ? 8.076   1.720   -5.222  1.00 14.81  ? 328 THR A C     1 
ATOM   133 O  O     . THR A 1 18 ? 8.778   2.670   -5.578  1.00 14.62  ? 328 THR A O     1 
ATOM   134 C  CB    . THR A 1 18 ? 9.333   0.877   -3.238  1.00 11.67  ? 328 THR A CB    1 
ATOM   135 O  OG1   . THR A 1 18 ? 9.951   -0.267  -2.635  1.00 12.65  ? 328 THR A OG1   1 
ATOM   136 C  CG2   . THR A 1 18 ? 8.262   1.423   -2.307  1.00 16.72  ? 328 THR A CG2   1 
ATOM   137 N  N     . VAL A 1 19 ? 6.754   1.702   -5.341  1.00 11.56  ? 329 VAL A N     1 
ATOM   138 C  CA    . VAL A 1 19 ? 6.006   2.752   -6.001  1.00 12.60  ? 329 VAL A CA    1 
ATOM   139 C  C     . VAL A 1 19 ? 5.078   3.380   -4.981  1.00 15.09  ? 329 VAL A C     1 
ATOM   140 O  O     . VAL A 1 19 ? 4.456   2.680   -4.174  1.00 15.63  ? 329 VAL A O     1 
ATOM   141 C  CB    . VAL A 1 19 ? 5.227   2.188   -7.207  1.00 20.11  ? 329 VAL A CB    1 
ATOM   142 C  CG1   . VAL A 1 19 ? 4.179   3.179   -7.705  1.00 24.53  ? 329 VAL A CG1   1 
ATOM   143 C  CG2   . VAL A 1 19 ? 6.205   1.809   -8.321  1.00 17.36  ? 329 VAL A CG2   1 
ATOM   144 N  N     . GLN A 1 20 ? 5.005   4.703   -5.010  1.00 14.93  ? 330 GLN A N     1 
ATOM   145 C  CA    . GLN A 1 20 ? 4.147   5.468   -4.123  1.00 19.13  ? 330 GLN A CA    1 
ATOM   146 C  C     . GLN A 1 20 ? 2.750   5.574   -4.723  1.00 16.44  ? 330 GLN A C     1 
ATOM   147 O  O     . GLN A 1 20 ? 2.571   6.126   -5.817  1.00 14.13  ? 330 GLN A O     1 
ATOM   148 C  CB    . GLN A 1 20 ? 4.751   6.847   -3.900  1.00 15.50  ? 330 GLN A CB    1 
ATOM   149 C  CG    . GLN A 1 20 ? 6.064   6.769   -3.194  1.00 24.55  ? 330 GLN A CG    1 
ATOM   150 C  CD    . GLN A 1 20 ? 6.635   8.143   -2.906  1.00 36.67  ? 330 GLN A CD    1 
ATOM   151 O  OE1   . GLN A 1 20 ? 6.452   9.073   -3.682  1.00 39.78  ? 330 GLN A OE1   1 
ATOM   152 N  NE2   . GLN A 1 20 ? 7.321   8.275   -1.777  1.00 37.98  ? 330 GLN A NE2   1 
ATOM   153 N  N     . VAL A 1 21 ? 1.761   5.057   -4.012  1.00 12.95  ? 331 VAL A N     1 
ATOM   154 C  CA    . VAL A 1 21 ? 0.381   5.067   -4.488  1.00 16.33  ? 331 VAL A CA    1 
ATOM   155 C  C     . VAL A 1 21 ? -0.380  6.039   -3.600  1.00 19.09  ? 331 VAL A C     1 
ATOM   156 O  O     . VAL A 1 21 ? -0.673  5.735   -2.437  1.00 17.87  ? 331 VAL A O     1 
ATOM   157 C  CB    . VAL A 1 21 ? -0.235  3.659   -4.477  1.00 11.28  ? 331 VAL A CB    1 
ATOM   158 C  CG1   . VAL A 1 21 ? -1.714  3.687   -4.836  1.00 18.12  ? 331 VAL A CG1   1 
ATOM   159 C  CG2   . VAL A 1 21 ? 0.541   2.767   -5.440  1.00 15.00  ? 331 VAL A CG2   1 
ATOM   160 N  N     . ARG A 1 22 ? -0.677  7.222   -4.139  1.00 15.28  ? 332 ARG A N     1 
ATOM   161 C  CA    A ARG A 1 22 ? -1.409  8.240   -3.396  0.56 22.44  ? 332 ARG A CA    1 
ATOM   162 C  CA    B ARG A 1 22 ? -1.404  8.241   -3.392  0.44 22.40  ? 332 ARG A CA    1 
ATOM   163 C  C     . ARG A 1 22 ? -2.905  7.988   -3.471  1.00 16.61  ? 332 ARG A C     1 
ATOM   164 O  O     . ARG A 1 22 ? -3.445  7.664   -4.531  1.00 17.14  ? 332 ARG A O     1 
ATOM   165 C  CB    A ARG A 1 22 ? -1.103  9.638   -3.940  0.56 20.36  ? 332 ARG A CB    1 
ATOM   166 C  CB    B ARG A 1 22 ? -1.065  9.639   -3.930  0.44 20.37  ? 332 ARG A CB    1 
ATOM   167 C  CG    A ARG A 1 22 ? -2.039  10.708  -3.391  0.56 19.76  ? 332 ARG A CG    1 
ATOM   168 C  CG    B ARG A 1 22 ? -1.200  10.776  -2.906  0.44 21.09  ? 332 ARG A CG    1 
ATOM   169 C  CD    A ARG A 1 22 ? -1.629  12.101  -3.836  0.56 20.81  ? 332 ARG A CD    1 
ATOM   170 C  CD    B ARG A 1 22 ? -0.620  12.115  -3.422  0.44 23.46  ? 332 ARG A CD    1 
ATOM   171 N  NE    A ARG A 1 22 ? -0.358  12.484  -3.237  0.56 22.01  ? 332 ARG A NE    1 
ATOM   172 N  NE    B ARG A 1 22 ? 0.820   12.268  -3.177  0.44 23.53  ? 332 ARG A NE    1 
ATOM   173 C  CZ    A ARG A 1 22 ? -0.240  13.053  -2.046  0.56 20.38  ? 332 ARG A CZ    1 
ATOM   174 C  CZ    B ARG A 1 22 ? 1.776   12.048  -4.079  0.44 25.76  ? 332 ARG A CZ    1 
ATOM   175 N  NH1   A ARG A 1 22 ? -1.321  13.327  -1.327  0.56 22.43  ? 332 ARG A NH1   1 
ATOM   176 N  NH1   B ARG A 1 22 ? 1.464   11.666  -5.311  0.44 27.41  ? 332 ARG A NH1   1 
ATOM   177 N  NH2   A ARG A 1 22 ? 0.962   13.346  -1.581  0.56 22.89  ? 332 ARG A NH2   1 
ATOM   178 N  NH2   B ARG A 1 22 ? 3.051   12.219  -3.753  0.44 23.90  ? 332 ARG A NH2   1 
ATOM   179 N  N     . VAL A 1 23 ? -3.583  8.132   -2.336  1.00 20.05  ? 333 VAL A N     1 
ATOM   180 C  CA    . VAL A 1 23 ? -5.038  8.026   -2.308  1.00 15.52  ? 333 VAL A CA    1 
ATOM   181 C  C     . VAL A 1 23 ? -5.588  9.294   -1.667  1.00 27.10  ? 333 VAL A C     1 
ATOM   182 O  O     . VAL A 1 23 ? -4.832  10.063  -1.051  1.00 23.39  ? 333 VAL A O     1 
ATOM   183 C  CB    . VAL A 1 23 ? -5.506  6.768   -1.544  1.00 14.66  ? 333 VAL A CB    1 
ATOM   184 C  CG1   . VAL A 1 23 ? -4.784  5.519   -2.084  1.00 18.37  ? 333 VAL A CG1   1 
ATOM   185 C  CG2   . VAL A 1 23 ? -5.332  6.948   -0.027  1.00 16.37  ? 333 VAL A CG2   1 
ATOM   186 N  N     . PRO A 1 24 ? -6.892  9.559   -1.817  1.00 28.14  ? 334 PRO A N     1 
ATOM   187 C  CA    . PRO A 1 24 ? -7.498  10.684  -1.091  1.00 26.84  ? 334 PRO A CA    1 
ATOM   188 C  C     . PRO A 1 24 ? -7.431  10.461  0.411   1.00 25.47  ? 334 PRO A C     1 
ATOM   189 O  O     . PRO A 1 24 ? -7.601  9.340   0.893   1.00 24.06  ? 334 PRO A O     1 
ATOM   190 C  CB    . PRO A 1 24 ? -8.949  10.688  -1.586  1.00 28.76  ? 334 PRO A CB    1 
ATOM   191 C  CG    . PRO A 1 24 ? -8.913  9.989   -2.877  1.00 26.12  ? 334 PRO A CG    1 
ATOM   192 C  CD    . PRO A 1 24 ? -7.855  8.940   -2.745  1.00 21.69  ? 334 PRO A CD    1 
ATOM   193 N  N     . TYR A 1 25 ? -7.202  11.557  1.148   1.00 24.19  ? 335 TYR A N     1 
ATOM   194 C  CA    . TYR A 1 25 ? -7.009  11.483  2.598   1.00 28.87  ? 335 TYR A CA    1 
ATOM   195 C  C     . TYR A 1 25 ? -8.139  10.717  3.285   1.00 35.06  ? 335 TYR A C     1 
ATOM   196 O  O     . TYR A 1 25 ? -7.904  9.936   4.217   1.00 30.19  ? 335 TYR A O     1 
ATOM   197 C  CB    . TYR A 1 25 ? -6.897  12.902  3.180   1.00 53.77  ? 335 TYR A CB    1 
ATOM   198 C  CG    . TYR A 1 25 ? -5.836  13.776  2.515   1.00 64.67  ? 335 TYR A CG    1 
ATOM   199 C  CD1   . TYR A 1 25 ? -6.055  14.338  1.254   1.00 62.02  ? 335 TYR A CD1   1 
ATOM   200 C  CD2   . TYR A 1 25 ? -4.620  14.045  3.153   1.00 58.51  ? 335 TYR A CD2   1 
ATOM   201 C  CE1   . TYR A 1 25 ? -5.084  15.133  0.637   1.00 71.72  ? 335 TYR A CE1   1 
ATOM   202 C  CE2   . TYR A 1 25 ? -3.646  14.845  2.545   1.00 61.79  ? 335 TYR A CE2   1 
ATOM   203 C  CZ    . TYR A 1 25 ? -3.881  15.385  1.285   1.00 71.05  ? 335 TYR A CZ    1 
ATOM   204 O  OH    . TYR A 1 25 ? -2.918  16.174  0.667   1.00 60.79  ? 335 TYR A OH    1 
ATOM   205 N  N     . ARG A 1 26 ? -9.369  10.914  2.827   1.00 25.75  ? 336 ARG A N     1 
ATOM   206 C  CA    . ARG A 1 26 ? -10.503 10.333  3.525   1.00 28.09  ? 336 ARG A CA    1 
ATOM   207 C  C     . ARG A 1 26 ? -10.625 8.824   3.348   1.00 27.00  ? 336 ARG A C     1 
ATOM   208 O  O     . ARG A 1 26 ? -11.484 8.223   3.999   1.00 30.44  ? 336 ARG A O     1 
ATOM   209 C  CB    . ARG A 1 26 ? -11.788 11.023  3.064   1.00 32.53  ? 336 ARG A CB    1 
ATOM   210 C  CG    . ARG A 1 26 ? -11.891 12.468  3.547   1.00 41.52  ? 336 ARG A CG    1 
ATOM   211 C  CD    . ARG A 1 26 ? -12.849 13.293  2.707   1.00 48.13  ? 336 ARG A CD    1 
ATOM   212 N  NE    . ARG A 1 26 ? -13.136 14.585  3.330   1.00 54.14  ? 336 ARG A NE    1 
ATOM   213 C  CZ    . ARG A 1 26 ? -12.455 15.701  3.093   1.00 54.87  ? 336 ARG A CZ    1 
ATOM   214 N  NH1   . ARG A 1 26 ? -11.439 15.695  2.241   1.00 61.85  ? 336 ARG A NH1   1 
ATOM   215 N  NH2   . ARG A 1 26 ? -12.795 16.829  3.704   1.00 59.22  ? 336 ARG A NH2   1 
ATOM   216 N  N     . VAL A 1 27 ? -9.817  8.186   2.496   1.00 24.86  ? 337 VAL A N     1 
ATOM   217 C  CA    . VAL A 1 27 ? -10.028 6.764   2.268   1.00 20.68  ? 337 VAL A CA    1 
ATOM   218 C  C     . VAL A 1 27 ? -8.820  5.911   2.646   1.00 23.09  ? 337 VAL A C     1 
ATOM   219 O  O     . VAL A 1 27 ? -8.777  4.734   2.294   1.00 16.64  ? 337 VAL A O     1 
ATOM   220 C  CB    . VAL A 1 27 ? -10.467 6.473   0.819   1.00 22.82  ? 337 VAL A CB    1 
ATOM   221 C  CG1   . VAL A 1 27 ? -11.772 7.192   0.513   1.00 22.14  ? 337 VAL A CG1   1 
ATOM   222 C  CG2   . VAL A 1 27 ? -9.379  6.846   -0.179  1.00 19.54  ? 337 VAL A CG2   1 
ATOM   223 N  N     . VAL A 1 28 ? -7.853  6.454   3.394   1.00 20.67  ? 338 VAL A N     1 
ATOM   224 C  CA    . VAL A 1 28 ? -6.764  5.604   3.877   1.00 17.86  ? 338 VAL A CA    1 
ATOM   225 C  C     . VAL A 1 28 ? -7.329  4.443   4.689   1.00 16.61  ? 338 VAL A C     1 
ATOM   226 O  O     . VAL A 1 28 ? -7.040  3.272   4.416   1.00 15.63  ? 338 VAL A O     1 
ATOM   227 C  CB    . VAL A 1 28 ? -5.743  6.422   4.685   1.00 24.37  ? 338 VAL A CB    1 
ATOM   228 C  CG1   . VAL A 1 28 ? -4.728  5.482   5.337   1.00 16.34  ? 338 VAL A CG1   1 
ATOM   229 C  CG2   . VAL A 1 28 ? -5.029  7.397   3.773   1.00 14.29  ? 338 VAL A CG2   1 
ATOM   230 N  N     . GLY A 1 29 ? -8.192  4.746   5.662   1.00 15.13  ? 339 GLY A N     1 
ATOM   231 C  CA    . GLY A 1 29 ? -8.779  3.683   6.462   1.00 13.73  ? 339 GLY A CA    1 
ATOM   232 C  C     . GLY A 1 29 ? -9.558  2.681   5.632   1.00 12.59  ? 339 GLY A C     1 
ATOM   233 O  O     . GLY A 1 29 ? -9.569  1.483   5.929   1.00 16.76  ? 339 GLY A O     1 
ATOM   234 N  N     . LEU A 1 30 ? -10.235 3.161   4.589   1.00 17.87  ? 340 LEU A N     1 
ATOM   235 C  CA    . LEU A 1 30 ? -10.972 2.267   3.698   1.00 16.93  ? 340 LEU A CA    1 
ATOM   236 C  C     . LEU A 1 30 ? -10.041 1.288   2.989   1.00 17.77  ? 340 LEU A C     1 
ATOM   237 O  O     . LEU A 1 30 ? -10.361 0.101   2.848   1.00 17.03  ? 340 LEU A O     1 
ATOM   238 C  CB    . LEU A 1 30 ? -11.753 3.095   2.671   1.00 16.46  ? 340 LEU A CB    1 
ATOM   239 C  CG    . LEU A 1 30 ? -12.608 2.300   1.682   1.00 17.73  ? 340 LEU A CG    1 
ATOM   240 C  CD1   . LEU A 1 30 ? -13.594 1.461   2.414   1.00 17.80  ? 340 LEU A CD1   1 
ATOM   241 C  CD2   . LEU A 1 30 ? -13.294 3.223   0.703   1.00 24.04  ? 340 LEU A CD2   1 
ATOM   242 N  N     . VAL A 1 31 ? -8.885  1.768   2.534   1.00 19.51  ? 341 VAL A N     1 
ATOM   243 C  CA    . VAL A 1 31 ? -7.939  0.898   1.833   1.00 14.13  ? 341 VAL A CA    1 
ATOM   244 C  C     . VAL A 1 31 ? -7.345  -0.121  2.788   1.00 10.78  ? 341 VAL A C     1 
ATOM   245 O  O     . VAL A 1 31 ? -7.174  -1.297  2.437   1.00 19.83  ? 341 VAL A O     1 
ATOM   246 C  CB    . VAL A 1 31 ? -6.839  1.743   1.163   1.00 15.38  ? 341 VAL A CB    1 
ATOM   247 C  CG1   . VAL A 1 31 ? -5.740  0.846   0.610   1.00 15.53  ? 341 VAL A CG1   1 
ATOM   248 C  CG2   . VAL A 1 31 ? -7.442  2.604   0.047   1.00 14.51  ? 341 VAL A CG2   1 
ATOM   249 N  N     . VAL A 1 32 ? -7.008  0.311   4.002   1.00 13.29  ? 342 VAL A N     1 
ATOM   250 C  CA    . VAL A 1 32 ? -6.508  -0.614  5.016   1.00 13.67  ? 342 VAL A CA    1 
ATOM   251 C  C     . VAL A 1 32 ? -7.557  -1.675  5.336   1.00 14.14  ? 342 VAL A C     1 
ATOM   252 O  O     . VAL A 1 32 ? -7.267  -2.879  5.350   1.00 15.82  ? 342 VAL A O     1 
ATOM   253 C  CB    . VAL A 1 32 ? -6.103  0.152   6.289   1.00 11.82  ? 342 VAL A CB    1 
ATOM   254 C  CG1   . VAL A 1 32 ? -5.832  -0.832  7.417   1.00 14.61  ? 342 VAL A CG1   1 
ATOM   255 C  CG2   . VAL A 1 32 ? -4.909  1.068   6.030   1.00 14.31  ? 342 VAL A CG2   1 
ATOM   256 N  N     . GLY A 1 33 ? -8.784  -1.246  5.635   1.00 18.18  ? 343 GLY A N     1 
ATOM   257 C  CA    . GLY A 1 33 ? -9.809  -2.159  6.110   1.00 16.27  ? 343 GLY A CA    1 
ATOM   258 C  C     . GLY A 1 33 ? -9.683  -2.470  7.599   1.00 18.07  ? 343 GLY A C     1 
ATOM   259 O  O     . GLY A 1 33 ? -8.727  -2.053  8.264   1.00 20.95  ? 343 GLY A O     1 
ATOM   260 N  N     . PRO A 1 34 ? -10.650 -3.208  8.148   1.00 21.92  ? 344 PRO A N     1 
ATOM   261 C  CA    . PRO A 1 34 ? -10.625 -3.539  9.587   1.00 23.24  ? 344 PRO A CA    1 
ATOM   262 C  C     . PRO A 1 34 ? -9.491  -4.500  9.910   1.00 22.41  ? 344 PRO A C     1 
ATOM   263 O  O     . PRO A 1 34 ? -9.430  -5.607  9.373   1.00 25.20  ? 344 PRO A O     1 
ATOM   264 C  CB    . PRO A 1 34 ? -11.998 -4.186  9.828   1.00 27.21  ? 344 PRO A CB    1 
ATOM   265 C  CG    . PRO A 1 34 ? -12.398 -4.731  8.485   1.00 24.82  ? 344 PRO A CG    1 
ATOM   266 C  CD    . PRO A 1 34 ? -11.862 -3.728  7.484   1.00 23.10  ? 344 PRO A CD    1 
ATOM   267 N  N     . LYS A 1 35 ? -8.598  -4.079  10.808  1.00 17.95  ? 345 LYS A N     1 
ATOM   268 C  CA    . LYS A 1 35 ? -7.412  -4.856  11.173  1.00 23.38  ? 345 LYS A CA    1 
ATOM   269 C  C     . LYS A 1 35 ? -6.553  -5.168  9.950   1.00 23.45  ? 345 LYS A C     1 
ATOM   270 O  O     . LYS A 1 35 ? -5.895  -6.210  9.893   1.00 22.02  ? 345 LYS A O     1 
ATOM   271 C  CB    . LYS A 1 35 ? -7.770  -6.164  11.897  1.00 30.23  ? 345 LYS A CB    1 
ATOM   272 C  CG    . LYS A 1 35 ? -8.988  -6.111  12.817  1.00 33.95  ? 345 LYS A CG    1 
ATOM   273 C  CD    . LYS A 1 35 ? -8.883  -5.026  13.865  1.00 28.28  ? 345 LYS A CD    1 
ATOM   274 C  CE    . LYS A 1 35 ? -7.677  -5.214  14.781  1.00 37.57  ? 345 LYS A CE    1 
ATOM   275 N  NZ    . LYS A 1 35 ? -7.700  -4.208  15.889  1.00 38.97  ? 345 LYS A NZ    1 
ATOM   276 N  N     . GLY A 1 36 ? -6.584  -4.291  8.949   1.00 23.10  ? 346 GLY A N     1 
ATOM   277 C  CA    . GLY A 1 36 ? -5.806  -4.490  7.741   1.00 17.59  ? 346 GLY A CA    1 
ATOM   278 C  C     . GLY A 1 36 ? -6.358  -5.497  6.758   1.00 15.05  ? 346 GLY A C     1 
ATOM   279 O  O     . GLY A 1 36 ? -5.653  -5.853  5.810   1.00 15.67  ? 346 GLY A O     1 
ATOM   280 N  N     . ALA A 1 37 ? -7.598  -5.959  6.938   1.00 13.35  ? 347 ALA A N     1 
ATOM   281 C  CA    . ALA A 1 37 ? -8.065  -7.089  6.142   1.00 19.55  ? 347 ALA A CA    1 
ATOM   282 C  C     . ALA A 1 37 ? -8.048  -6.769  4.647   1.00 16.46  ? 347 ALA A C     1 
ATOM   283 O  O     . ALA A 1 37 ? -7.643  -7.611  3.840   1.00 20.09  ? 347 ALA A O     1 
ATOM   284 C  CB    . ALA A 1 37 ? -9.464  -7.520  6.594   1.00 21.41  ? 347 ALA A CB    1 
ATOM   285 N  N     . THR A 1 38 ? -8.452  -5.556  4.255   1.00 14.18  ? 348 THR A N     1 
ATOM   286 C  CA    . THR A 1 38 ? -8.502  -5.237  2.829   1.00 14.35  ? 348 THR A CA    1 
ATOM   287 C  C     . THR A 1 38 ? -7.105  -5.188  2.209   1.00 18.93  ? 348 THR A C     1 
ATOM   288 O  O     . THR A 1 38 ? -6.861  -5.769  1.150   1.00 16.63  ? 348 THR A O     1 
ATOM   289 C  CB    . THR A 1 38 ? -9.228  -3.920  2.620   1.00 16.48  ? 348 THR A CB    1 
ATOM   290 O  OG1   . THR A 1 38 ? -10.548 -4.029  3.163   1.00 19.28  ? 348 THR A OG1   1 
ATOM   291 C  CG2   . THR A 1 38 ? -9.328  -3.623  1.140   1.00 16.92  ? 348 THR A CG2   1 
ATOM   292 N  N     . ILE A 1 39 ? -6.166  -4.527  2.877   1.00 20.89  ? 349 ILE A N     1 
ATOM   293 C  CA    . ILE A 1 39 ? -4.859  -4.315  2.275   1.00 13.62  ? 349 ILE A CA    1 
ATOM   294 C  C     . ILE A 1 39 ? -3.990  -5.570  2.392   1.00 13.73  ? 349 ILE A C     1 
ATOM   295 O  O     . ILE A 1 39 ? -3.142  -5.821  1.529   1.00 13.43  ? 349 ILE A O     1 
ATOM   296 C  CB    . ILE A 1 39 ? -4.213  -3.066  2.908   1.00 13.98  ? 349 ILE A CB    1 
ATOM   297 C  CG1   . ILE A 1 39 ? -3.034  -2.569  2.063   1.00 13.30  ? 349 ILE A CG1   1 
ATOM   298 C  CG2   . ILE A 1 39 ? -3.829  -3.326  4.374   1.00 13.75  ? 349 ILE A CG2   1 
ATOM   299 C  CD1   . ILE A 1 39 ? -3.413  -2.203  0.637   1.00 11.68  ? 349 ILE A CD1   1 
ATOM   300 N  N     . LYS A 1 40 ? -4.196  -6.385  3.428   1.00 14.98  ? 350 LYS A N     1 
ATOM   301 C  CA    . LYS A 1 40 ? -3.570  -7.707  3.469   1.00 17.57  ? 350 LYS A CA    1 
ATOM   302 C  C     . LYS A 1 40 ? -4.048  -8.586  2.314   1.00 18.94  ? 350 LYS A C     1 
ATOM   303 O  O     . LYS A 1 40 ? -3.265  -9.352  1.735   1.00 15.35  ? 350 LYS A O     1 
ATOM   304 C  CB    . LYS A 1 40 ? -3.870  -8.391  4.807   1.00 16.49  ? 350 LYS A CB    1 
ATOM   305 C  CG    . LYS A 1 40 ? -3.086  -7.891  6.007   1.00 17.94  ? 350 LYS A CG    1 
ATOM   306 C  CD    . LYS A 1 40 ? -3.677  -8.508  7.283   1.00 19.31  ? 350 LYS A CD    1 
ATOM   307 C  CE    . LYS A 1 40 ? -2.932  -8.051  8.517   1.00 26.33  ? 350 LYS A CE    1 
ATOM   308 N  NZ    . LYS A 1 40 ? -3.494  -8.668  9.744   1.00 36.49  ? 350 LYS A NZ    1 
ATOM   309 N  N     . ARG A 1 41 ? -5.334  -8.505  1.976   1.00 21.20  ? 351 ARG A N     1 
ATOM   310 C  CA    . ARG A 1 41 ? -5.858  -9.280  0.853   1.00 21.44  ? 351 ARG A CA    1 
ATOM   311 C  C     . ARG A 1 41 ? -5.224  -8.845  -0.465  1.00 17.62  ? 351 ARG A C     1 
ATOM   312 O  O     . ARG A 1 41 ? -4.852  -9.685  -1.298  1.00 19.58  ? 351 ARG A O     1 
ATOM   313 C  CB    . ARG A 1 41 ? -7.378  -9.128  0.795   1.00 19.76  ? 351 ARG A CB    1 
ATOM   314 C  CG    . ARG A 1 41 ? -8.084  -9.886  -0.321  1.00 26.19  ? 351 ARG A CG    1 
ATOM   315 C  CD    . ARG A 1 41 ? -9.405  -9.167  -0.692  1.00 46.98  ? 351 ARG A CD    1 
ATOM   316 N  NE    . ARG A 1 41 ? -9.244  -8.239  -1.818  1.00 54.79  ? 351 ARG A NE    1 
ATOM   317 C  CZ    . ARG A 1 41 ? -10.032 -7.193  -2.068  1.00 50.33  ? 351 ARG A CZ    1 
ATOM   318 N  NH1   . ARG A 1 41 ? -11.042 -6.905  -1.260  1.00 58.95  ? 351 ARG A NH1   1 
ATOM   319 N  NH2   . ARG A 1 41 ? -9.801  -6.422  -3.124  1.00 42.89  ? 351 ARG A NH2   1 
ATOM   320 N  N     . ILE A 1 42 ? -5.106  -7.531  -0.676  1.00 16.67  ? 352 ILE A N     1 
ATOM   321 C  CA    . ILE A 1 42 ? -4.468  -7.017  -1.887  1.00 17.30  ? 352 ILE A CA    1 
ATOM   322 C  C     . ILE A 1 42 ? -3.020  -7.495  -1.983  1.00 16.12  ? 352 ILE A C     1 
ATOM   323 O  O     . ILE A 1 42 ? -2.562  -7.929  -3.050  1.00 17.92  ? 352 ILE A O     1 
ATOM   324 C  CB    . ILE A 1 42 ? -4.566  -5.482  -1.916  1.00 21.16  ? 352 ILE A CB    1 
ATOM   325 C  CG1   . ILE A 1 42 ? -6.019  -5.024  -2.070  1.00 15.97  ? 352 ILE A CG1   1 
ATOM   326 C  CG2   . ILE A 1 42 ? -3.731  -4.912  -3.029  1.00 16.50  ? 352 ILE A CG2   1 
ATOM   327 C  CD1   . ILE A 1 42 ? -6.128  -3.496  -2.015  1.00 12.23  ? 352 ILE A CD1   1 
ATOM   328 N  N     . GLN A 1 43 ? -2.277  -7.429  -0.875  1.00 14.76  ? 353 GLN A N     1 
ATOM   329 C  CA    . GLN A 1 43 ? -0.912  -7.948  -0.864  1.00 15.60  ? 353 GLN A CA    1 
ATOM   330 C  C     . GLN A 1 43 ? -0.884  -9.430  -1.200  1.00 13.80  ? 353 GLN A C     1 
ATOM   331 O  O     . GLN A 1 43 ? -0.112  -9.876  -2.056  1.00 18.67  ? 353 GLN A O     1 
ATOM   332 C  CB    . GLN A 1 43 ? -0.267  -7.714  0.499   1.00 14.98  ? 353 GLN A CB    1 
ATOM   333 C  CG    . GLN A 1 43 ? 0.054   -6.268  0.761   1.00 13.47  ? 353 GLN A CG    1 
ATOM   334 C  CD    . GLN A 1 43 ? 0.514   -6.053  2.165   1.00 14.18  ? 353 GLN A CD    1 
ATOM   335 O  OE1   . GLN A 1 43 ? 1.687   -6.232  2.485   1.00 12.79  ? 353 GLN A OE1   1 
ATOM   336 N  NE2   . GLN A 1 43 ? -0.416  -5.698  3.034   1.00 14.07  ? 353 GLN A NE2   1 
ATOM   337 N  N     . GLN A 1 44 ? -1.713  -10.219 -0.527  1.00 17.22  ? 354 GLN A N     1 
ATOM   338 C  CA    . GLN A 1 44 ? -1.742  -11.652 -0.792  1.00 19.22  ? 354 GLN A CA    1 
ATOM   339 C  C     . GLN A 1 44 ? -2.074  -11.933 -2.250  1.00 22.72  ? 354 GLN A C     1 
ATOM   340 O  O     . GLN A 1 44 ? -1.460  -12.799 -2.879  1.00 23.93  ? 354 GLN A O     1 
ATOM   341 C  CB    . GLN A 1 44 ? -2.744  -12.333 0.145   1.00 18.82  ? 354 GLN A CB    1 
ATOM   342 C  CG    . GLN A 1 44 ? -2.230  -12.412 1.589   1.00 28.41  ? 354 GLN A CG    1 
ATOM   343 C  CD    . GLN A 1 44 ? -3.336  -12.393 2.653   1.00 51.69  ? 354 GLN A CD    1 
ATOM   344 O  OE1   . GLN A 1 44 ? -4.506  -12.134 2.354   1.00 36.93  ? 354 GLN A OE1   1 
ATOM   345 N  NE2   . GLN A 1 44 ? -2.960  -12.669 3.906   1.00 54.88  ? 354 GLN A NE2   1 
ATOM   346 N  N     . GLN A 1 45 ? -3.012  -11.184 -2.821  1.00 22.38  ? 355 GLN A N     1 
ATOM   347 C  CA    . GLN A 1 45 ? -3.455  -11.512 -4.167  1.00 20.47  ? 355 GLN A CA    1 
ATOM   348 C  C     . GLN A 1 45 ? -2.470  -11.075 -5.240  1.00 22.86  ? 355 GLN A C     1 
ATOM   349 O  O     . GLN A 1 45 ? -2.422  -11.690 -6.311  1.00 22.00  ? 355 GLN A O     1 
ATOM   350 C  CB    . GLN A 1 45 ? -4.813  -10.880 -4.428  1.00 25.22  ? 355 GLN A CB    1 
ATOM   351 C  CG    . GLN A 1 45 ? -5.912  -11.528 -3.628  1.00 31.23  ? 355 GLN A CG    1 
ATOM   352 C  CD    . GLN A 1 45 ? -7.256  -11.001 -4.013  1.00 45.57  ? 355 GLN A CD    1 
ATOM   353 O  OE1   . GLN A 1 45 ? -7.434  -9.791  -4.188  1.00 47.33  ? 355 GLN A OE1   1 
ATOM   354 N  NE2   . GLN A 1 45 ? -8.221  -11.903 -4.173  1.00 60.92  ? 355 GLN A NE2   1 
ATOM   355 N  N     . THR A 1 46 ? -1.701  -10.017 -4.998  1.00 16.39  ? 356 THR A N     1 
ATOM   356 C  CA    . THR A 1 46 ? -0.814  -9.457  -6.013  1.00 12.61  ? 356 THR A CA    1 
ATOM   357 C  C     . THR A 1 46 ? 0.647   -9.799  -5.782  1.00 21.27  ? 356 THR A C     1 
ATOM   358 O  O     . THR A 1 46 ? 1.495   -9.429  -6.609  1.00 22.67  ? 356 THR A O     1 
ATOM   359 C  CB    . THR A 1 46 ? -0.953  -7.931  -6.078  1.00 19.72  ? 356 THR A CB    1 
ATOM   360 O  OG1   . THR A 1 46 ? -0.606  -7.359  -4.807  1.00 17.66  ? 356 THR A OG1   1 
ATOM   361 C  CG2   . THR A 1 46 ? -2.382  -7.511  -6.452  1.00 20.04  ? 356 THR A CG2   1 
ATOM   362 N  N     A HIS A 1 47 ? 0.970   -10.497 -4.695  0.60 16.79  ? 357 HIS A N     1 
ATOM   363 N  N     B HIS A 1 47 ? 0.969   -10.478 -4.678  0.40 16.85  ? 357 HIS A N     1 
ATOM   364 C  CA    A HIS A 1 47 ? 2.358   -10.785 -4.337  0.60 18.65  ? 357 HIS A CA    1 
ATOM   365 C  CA    B HIS A 1 47 ? 2.352   -10.801 -4.318  0.40 18.64  ? 357 HIS A CA    1 
ATOM   366 C  C     A HIS A 1 47 ? 3.167   -9.487  -4.227  0.60 19.34  ? 357 HIS A C     1 
ATOM   367 C  C     B HIS A 1 47 ? 3.189   -9.526  -4.177  0.40 19.29  ? 357 HIS A C     1 
ATOM   368 O  O     A HIS A 1 47 ? 4.176   -9.292  -4.902  0.60 17.07  ? 357 HIS A O     1 
ATOM   369 O  O     B HIS A 1 47 ? 4.253   -9.382  -4.777  0.40 17.12  ? 357 HIS A O     1 
ATOM   370 C  CB    A HIS A 1 47 ? 3.004   -11.745 -5.347  0.60 19.56  ? 357 HIS A CB    1 
ATOM   371 C  CB    B HIS A 1 47 ? 2.974   -11.768 -5.335  0.40 19.57  ? 357 HIS A CB    1 
ATOM   372 C  CG    A HIS A 1 47 ? 2.456   -13.139 -5.316  0.60 20.89  ? 357 HIS A CG    1 
ATOM   373 C  CG    B HIS A 1 47 ? 3.966   -12.728 -4.748  0.40 18.38  ? 357 HIS A CG    1 
ATOM   374 N  ND1   A HIS A 1 47 ? 1.340   -13.493 -4.586  0.60 27.29  ? 357 HIS A ND1   1 
ATOM   375 N  ND1   B HIS A 1 47 ? 5.315   -12.452 -4.668  0.40 21.65  ? 357 HIS A ND1   1 
ATOM   376 C  CD2   A HIS A 1 47 ? 2.877   -14.272 -5.929  0.60 23.67  ? 357 HIS A CD2   1 
ATOM   377 C  CD2   B HIS A 1 47 ? 3.810   -13.974 -4.242  0.40 15.23  ? 357 HIS A CD2   1 
ATOM   378 C  CE1   A HIS A 1 47 ? 1.098   -14.781 -4.750  0.60 26.08  ? 357 HIS A CE1   1 
ATOM   379 C  CE1   B HIS A 1 47 ? 5.944   -13.480 -4.123  0.40 18.66  ? 357 HIS A CE1   1 
ATOM   380 N  NE2   A HIS A 1 47 ? 2.017   -15.277 -5.561  0.60 27.27  ? 357 HIS A NE2   1 
ATOM   381 N  NE2   B HIS A 1 47 ? 5.052   -14.415 -3.851  0.40 24.17  ? 357 HIS A NE2   1 
ATOM   382 N  N     . THR A 1 48 ? 2.688   -8.583  -3.379  1.00 15.41  ? 358 THR A N     1 
ATOM   383 C  CA    . THR A 1 48 ? 3.389   -7.339  -3.101  1.00 12.14  ? 358 THR A CA    1 
ATOM   384 C  C     . THR A 1 48 ? 3.460   -7.119  -1.599  1.00 14.82  ? 358 THR A C     1 
ATOM   385 O  O     . THR A 1 48 ? 2.706   -7.718  -0.836  1.00 12.22  ? 358 THR A O     1 
ATOM   386 C  CB    . THR A 1 48 ? 2.698   -6.135  -3.757  1.00 11.57  ? 358 THR A CB    1 
ATOM   387 O  OG1   . THR A 1 48 ? 1.342   -6.077  -3.311  1.00 10.54  ? 358 THR A OG1   1 
ATOM   388 C  CG2   . THR A 1 48 ? 2.734   -6.248  -5.283  1.00 12.12  ? 358 THR A CG2   1 
ATOM   389 N  N     . TYR A 1 49 ? 4.386   -6.250  -1.187  1.00 13.31  ? 359 TYR A N     1 
ATOM   390 C  CA    . TYR A 1 49 ? 4.570   -5.829  0.197   1.00 10.09  ? 359 TYR A CA    1 
ATOM   391 C  C     . TYR A 1 49 ? 4.171   -4.359  0.285   1.00 12.35  ? 359 TYR A C     1 
ATOM   392 O  O     . TYR A 1 49 ? 4.713   -3.528  -0.450  1.00 10.70  ? 359 TYR A O     1 
ATOM   393 C  CB    . TYR A 1 49 ? 6.027   -6.020  0.633   1.00 11.79  ? 359 TYR A CB    1 
ATOM   394 C  CG    . TYR A 1 49 ? 6.328   -5.467  2.007   1.00 10.61  ? 359 TYR A CG    1 
ATOM   395 C  CD1   . TYR A 1 49 ? 6.074   -6.214  3.150   1.00 11.52  ? 359 TYR A CD1   1 
ATOM   396 C  CD2   . TYR A 1 49 ? 6.854   -4.192  2.164   1.00 11.99  ? 359 TYR A CD2   1 
ATOM   397 C  CE1   . TYR A 1 49 ? 6.327   -5.706  4.406   1.00 8.76   ? 359 TYR A CE1   1 
ATOM   398 C  CE2   . TYR A 1 49 ? 7.118   -3.684  3.410   1.00 11.62  ? 359 TYR A CE2   1 
ATOM   399 C  CZ    . TYR A 1 49 ? 6.853   -4.442  4.530   1.00 12.72  ? 359 TYR A CZ    1 
ATOM   400 O  OH    . TYR A 1 49 ? 7.122   -3.911  5.777   1.00 13.47  ? 359 TYR A OH    1 
ATOM   401 N  N     . ILE A 1 50 ? 3.236   -4.033  1.172   1.00 10.82  ? 360 ILE A N     1 
ATOM   402 C  CA    . ILE A 1 50 ? 2.645   -2.703  1.174   1.00 10.19  ? 360 ILE A CA    1 
ATOM   403 C  C     . ILE A 1 50 ? 2.777   -2.056  2.544   1.00 13.37  ? 360 ILE A C     1 
ATOM   404 O  O     . ILE A 1 50 ? 2.527   -2.694  3.573   1.00 11.97  ? 360 ILE A O     1 
ATOM   405 C  CB    . ILE A 1 50 ? 1.175   -2.751  0.732   1.00 9.60   ? 360 ILE A CB    1 
ATOM   406 C  CG1   . ILE A 1 50 ? 1.075   -3.195  -0.732  1.00 11.62  ? 360 ILE A CG1   1 
ATOM   407 C  CG2   . ILE A 1 50 ? 0.526   -1.410  0.954   1.00 10.96  ? 360 ILE A CG2   1 
ATOM   408 C  CD1   . ILE A 1 50 ? -0.366  -3.311  -1.242  1.00 9.69   ? 360 ILE A CD1   1 
ATOM   409 N  N     . VAL A 1 51 ? 3.123   -0.766  2.554   1.00 11.40  ? 361 VAL A N     1 
ATOM   410 C  CA    . VAL A 1 51 ? 3.258   -0.007  3.789   1.00 11.51  ? 361 VAL A CA    1 
ATOM   411 C  C     . VAL A 1 51 ? 2.222   1.115   3.802   1.00 14.19  ? 361 VAL A C     1 
ATOM   412 O  O     . VAL A 1 51 ? 2.193   1.960   2.896   1.00 10.80  ? 361 VAL A O     1 
ATOM   413 C  CB    . VAL A 1 51 ? 4.677   0.548   3.966   1.00 11.54  ? 361 VAL A CB    1 
ATOM   414 C  CG1   . VAL A 1 51 ? 4.715   1.410   5.180   1.00 13.53  ? 361 VAL A CG1   1 
ATOM   415 C  CG2   . VAL A 1 51 ? 5.671   -0.606  4.116   1.00 12.59  ? 361 VAL A CG2   1 
ATOM   416 N  N     . THR A 1 52 ? 1.388   1.109   4.835   1.00 16.43  ? 362 THR A N     1 
ATOM   417 C  CA    . THR A 1 52 ? 0.349   2.107   5.041   1.00 15.41  ? 362 THR A CA    1 
ATOM   418 C  C     . THR A 1 52 ? 0.973   3.411   5.520   1.00 14.81  ? 362 THR A C     1 
ATOM   419 O  O     . THR A 1 52 ? 1.869   3.385   6.364   1.00 16.41  ? 362 THR A O     1 
ATOM   420 C  CB    . THR A 1 52 ? -0.633  1.587   6.091   1.00 12.38  ? 362 THR A CB    1 
ATOM   421 O  OG1   . THR A 1 52 ? -1.227  0.373   5.616   1.00 13.69  ? 362 THR A OG1   1 
ATOM   422 C  CG2   . THR A 1 52 ? -1.722  2.597   6.408   1.00 16.61  ? 362 THR A CG2   1 
ATOM   423 N  N     . PRO A 1 53 ? 0.534   4.562   5.009   1.00 16.91  ? 363 PRO A N     1 
ATOM   424 C  CA    . PRO A 1 53 ? 1.118   5.816   5.479   1.00 20.80  ? 363 PRO A CA    1 
ATOM   425 C  C     . PRO A 1 53 ? 0.796   6.042   6.948   1.00 20.19  ? 363 PRO A C     1 
ATOM   426 O  O     . PRO A 1 53 ? -0.220  5.577   7.471   1.00 13.47  ? 363 PRO A O     1 
ATOM   427 C  CB    . PRO A 1 53 ? 0.458   6.875   4.591   1.00 18.21  ? 363 PRO A CB    1 
ATOM   428 C  CG    . PRO A 1 53 ? -0.869  6.256   4.204   1.00 15.73  ? 363 PRO A CG    1 
ATOM   429 C  CD    . PRO A 1 53 ? -0.559  4.799   4.037   1.00 14.96  ? 363 PRO A CD    1 
ATOM   430 N  N     . SER A 1 54 ? 1.699   6.743   7.621   1.00 16.08  ? 364 SER A N     1 
ATOM   431 C  CA    . SER A 1 54 ? 1.442   7.121   8.998   1.00 24.25  ? 364 SER A CA    1 
ATOM   432 C  C     . SER A 1 54 ? 0.233   8.051   9.068   1.00 25.50  ? 364 SER A C     1 
ATOM   433 O  O     . SER A 1 54 ? -0.049  8.811   8.135   1.00 23.90  ? 364 SER A O     1 
ATOM   434 C  CB    . SER A 1 54 ? 2.686   7.789   9.586   1.00 35.00  ? 364 SER A CB    1 
ATOM   435 O  OG    . SER A 1 54 ? 2.439   8.212   10.912  1.00 50.72  ? 364 SER A OG    1 
ATOM   436 N  N     . ARG A 1 55 ? -0.491  7.973   10.191  1.00 28.90  ? 365 ARG A N     1 
ATOM   437 C  CA    A ARG A 1 55 ? -1.700  8.777   10.364  0.55 30.59  ? 365 ARG A CA    1 
ATOM   438 C  CA    B ARG A 1 55 ? -1.705  8.768   10.346  0.45 30.57  ? 365 ARG A CA    1 
ATOM   439 C  C     . ARG A 1 55 ? -1.419  10.259  10.208  1.00 29.86  ? 365 ARG A C     1 
ATOM   440 O  O     . ARG A 1 55 ? -2.283  11.016  9.751   1.00 31.39  ? 365 ARG A O     1 
ATOM   441 C  CB    A ARG A 1 55 ? -2.319  8.525   11.735  0.55 27.69  ? 365 ARG A CB    1 
ATOM   442 C  CB    B ARG A 1 55 ? -2.364  8.453   11.695  0.45 27.70  ? 365 ARG A CB    1 
ATOM   443 C  CG    A ARG A 1 55 ? -3.324  7.404   11.782  0.55 27.45  ? 365 ARG A CG    1 
ATOM   444 C  CG    B ARG A 1 55 ? -2.904  7.014   11.812  0.45 28.05  ? 365 ARG A CG    1 
ATOM   445 C  CD    A ARG A 1 55 ? -4.035  7.444   13.103  0.55 20.92  ? 365 ARG A CD    1 
ATOM   446 C  CD    B ARG A 1 55 ? -3.217  6.628   13.261  0.45 22.81  ? 365 ARG A CD    1 
ATOM   447 N  NE    A ARG A 1 55 ? -5.071  6.429   13.232  0.55 28.80  ? 365 ARG A NE    1 
ATOM   448 N  NE    B ARG A 1 55 ? -3.984  5.382   13.393  0.45 21.23  ? 365 ARG A NE    1 
ATOM   449 C  CZ    A ARG A 1 55 ? -6.307  6.557   12.769  0.55 20.75  ? 365 ARG A CZ    1 
ATOM   450 C  CZ    B ARG A 1 55 ? -3.454  4.161   13.436  0.45 23.93  ? 365 ARG A CZ    1 
ATOM   451 N  NH1   A ARG A 1 55 ? -6.670  7.655   12.124  0.55 31.11  ? 365 ARG A NH1   1 
ATOM   452 N  NH1   B ARG A 1 55 ? -2.144  3.991   13.327  0.45 19.94  ? 365 ARG A NH1   1 
ATOM   453 N  NH2   A ARG A 1 55 ? -7.181  5.586   12.962  0.55 19.40  ? 365 ARG A NH2   1 
ATOM   454 N  NH2   B ARG A 1 55 ? -4.241  3.100   13.573  0.45 23.29  ? 365 ARG A NH2   1 
ATOM   455 N  N     . ASP A 1 56 ? -0.218  10.690  10.564  1.00 26.43  ? 366 ASP A N     1 
ATOM   456 C  CA    . ASP A 1 56 ? 0.172   12.092  10.500  1.00 39.02  ? 366 ASP A CA    1 
ATOM   457 C  C     . ASP A 1 56 ? 1.095   12.389  9.324   1.00 42.50  ? 366 ASP A C     1 
ATOM   458 O  O     . ASP A 1 56 ? 2.059   13.147  9.464   1.00 45.04  ? 366 ASP A O     1 
ATOM   459 C  CB    . ASP A 1 56 ? 0.842   12.478  11.808  1.00 54.71  ? 366 ASP A CB    1 
ATOM   460 C  CG    . ASP A 1 56 ? 1.869   11.449  12.250  1.00 66.25  ? 366 ASP A CG    1 
ATOM   461 O  OD1   . ASP A 1 56 ? 3.018   11.524  11.752  1.00 62.43  ? 366 ASP A OD1   1 
ATOM   462 O  OD2   . ASP A 1 56 ? 1.523   10.559  13.072  1.00 61.90  ? 366 ASP A OD2   1 
ATOM   463 N  N     . LYS A 1 57 ? 0.844   11.810  8.156   1.00 30.62  ? 367 LYS A N     1 
ATOM   464 C  CA    . LYS A 1 57 ? 1.670   12.076  6.992   1.00 23.53  ? 367 LYS A CA    1 
ATOM   465 C  C     . LYS A 1 57 ? 0.779   12.052  5.756   1.00 27.41  ? 367 LYS A C     1 
ATOM   466 O  O     . LYS A 1 57 ? -0.426  11.803  5.841   1.00 32.89  ? 367 LYS A O     1 
ATOM   467 C  CB    . LYS A 1 57 ? 2.827   11.074  6.900   1.00 33.42  ? 367 LYS A CB    1 
ATOM   468 C  CG    . LYS A 1 57 ? 3.992   11.354  7.853   1.00 36.96  ? 367 LYS A CG    1 
ATOM   469 C  CD    . LYS A 1 57 ? 5.231   10.534  7.490   1.00 50.22  ? 367 LYS A CD    1 
ATOM   470 C  CE    . LYS A 1 57 ? 6.458   10.936  8.317   1.00 54.83  ? 367 LYS A CE    1 
ATOM   471 N  NZ    . LYS A 1 57 ? 6.539   10.257  9.651   1.00 53.79  ? 367 LYS A NZ    1 
ATOM   472 N  N     . GLU A 1 58 ? 1.374   12.341  4.603   1.00 23.92  ? 368 GLU A N     1 
ATOM   473 C  CA    . GLU A 1 58 ? 0.621   12.319  3.358   1.00 24.50  ? 368 GLU A CA    1 
ATOM   474 C  C     . GLU A 1 58 ? 0.040   10.925  3.132   1.00 19.78  ? 368 GLU A C     1 
ATOM   475 O  O     . GLU A 1 58 ? 0.661   9.924   3.494   1.00 23.00  ? 368 GLU A O     1 
ATOM   476 C  CB    . GLU A 1 58 ? 1.517   12.708  2.187   1.00 23.66  ? 368 GLU A CB    1 
ATOM   477 C  CG    . GLU A 1 58 ? 1.851   14.187  2.133   1.00 37.93  ? 368 GLU A CG    1 
ATOM   478 C  CD    . GLU A 1 58 ? 1.175   14.888  0.966   1.00 47.75  ? 368 GLU A CD    1 
ATOM   479 O  OE1   . GLU A 1 58 ? 1.881   15.234  -0.011  1.00 55.53  ? 368 GLU A OE1   1 
ATOM   480 O  OE2   . GLU A 1 58 ? -0.064  15.083  1.016   1.00 36.73  ? 368 GLU A OE2   1 
ATOM   481 N  N     . PRO A 1 59 ? -1.147  10.831  2.552   1.00 21.41  ? 369 PRO A N     1 
ATOM   482 C  CA    . PRO A 1 59 ? -1.809  9.525   2.371   1.00 19.77  ? 369 PRO A CA    1 
ATOM   483 C  C     . PRO A 1 59 ? -1.271  8.782   1.155   1.00 20.34  ? 369 PRO A C     1 
ATOM   484 O  O     . PRO A 1 59 ? -1.921  8.663   0.099   1.00 18.89  ? 369 PRO A O     1 
ATOM   485 C  CB    . PRO A 1 59 ? -3.279  9.928   2.216   1.00 25.83  ? 369 PRO A CB    1 
ATOM   486 C  CG    . PRO A 1 59 ? -3.202  11.229  1.482   1.00 29.34  ? 369 PRO A CG    1 
ATOM   487 C  CD    . PRO A 1 59 ? -1.951  11.931  1.987   1.00 28.33  ? 369 PRO A CD    1 
ATOM   488 N  N     . VAL A 1 60 ? -0.058  8.259   1.294   1.00 14.72  ? 370 VAL A N     1 
ATOM   489 C  CA    . VAL A 1 60 ? 0.646   7.587   0.208   1.00 13.25  ? 370 VAL A CA    1 
ATOM   490 C  C     . VAL A 1 60 ? 1.043   6.193   0.692   1.00 15.53  ? 370 VAL A C     1 
ATOM   491 O  O     . VAL A 1 60 ? 1.853   6.066   1.615   1.00 14.63  ? 370 VAL A O     1 
ATOM   492 C  CB    . VAL A 1 60 ? 1.884   8.372   -0.233  1.00 12.47  ? 370 VAL A CB    1 
ATOM   493 C  CG1   . VAL A 1 60 ? 2.477   7.731   -1.458  1.00 15.45  ? 370 VAL A CG1   1 
ATOM   494 C  CG2   . VAL A 1 60 ? 1.534   9.810   -0.508  1.00 21.20  ? 370 VAL A CG2   1 
ATOM   495 N  N     . PHE A 1 61 ? 0.483   5.149   0.082   1.00 16.90  ? 371 PHE A N     1 
ATOM   496 C  CA    . PHE A 1 61 ? 0.957   3.794   0.349   1.00 11.95  ? 371 PHE A CA    1 
ATOM   497 C  C     . PHE A 1 61 ? 2.209   3.525   -0.473  1.00 16.59  ? 371 PHE A C     1 
ATOM   498 O  O     . PHE A 1 61 ? 2.319   3.975   -1.616  1.00 18.26  ? 371 PHE A O     1 
ATOM   499 C  CB    . PHE A 1 61 ? -0.101  2.750   -0.020  1.00 15.32  ? 371 PHE A CB    1 
ATOM   500 C  CG    . PHE A 1 61 ? -1.319  2.765   0.859   1.00 16.89  ? 371 PHE A CG    1 
ATOM   501 C  CD1   . PHE A 1 61 ? -2.319  3.691   0.651   1.00 14.78  ? 371 PHE A CD1   1 
ATOM   502 C  CD2   . PHE A 1 61 ? -1.477  1.824   1.866   1.00 13.21  ? 371 PHE A CD2   1 
ATOM   503 C  CE1   . PHE A 1 61 ? -3.462  3.697   1.454   1.00 13.32  ? 371 PHE A CE1   1 
ATOM   504 C  CE2   . PHE A 1 61 ? -2.604  1.822   2.662   1.00 11.51  ? 371 PHE A CE2   1 
ATOM   505 C  CZ    . PHE A 1 61 ? -3.593  2.768   2.457   1.00 12.69  ? 371 PHE A CZ    1 
ATOM   506 N  N     . GLU A 1 62 ? 3.150   2.777   0.092   1.00 15.54  ? 372 GLU A N     1 
ATOM   507 C  CA    . GLU A 1 62 ? 4.300   2.303   -0.666  1.00 12.94  ? 372 GLU A CA    1 
ATOM   508 C  C     . GLU A 1 62 ? 4.125   0.819   -0.969  1.00 15.77  ? 372 GLU A C     1 
ATOM   509 O  O     . GLU A 1 62 ? 3.895   0.008   -0.066  1.00 10.28  ? 372 GLU A O     1 
ATOM   510 C  CB    . GLU A 1 62 ? 5.615   2.564   0.076   1.00 16.51  ? 372 GLU A CB    1 
ATOM   511 C  CG    . GLU A 1 62 ? 5.866   4.037   0.291   1.00 19.20  ? 372 GLU A CG    1 
ATOM   512 C  CD    . GLU A 1 62 ? 7.322   4.369   0.541   1.00 28.91  ? 372 GLU A CD    1 
ATOM   513 O  OE1   . GLU A 1 62 ? 7.723   5.488   0.151   1.00 28.45  ? 372 GLU A OE1   1 
ATOM   514 O  OE2   . GLU A 1 62 ? 8.058   3.531   1.126   1.00 20.49  ? 372 GLU A OE2   1 
ATOM   515 N  N     . VAL A 1 63 ? 4.213   0.480   -2.244  1.00 11.07  ? 373 VAL A N     1 
ATOM   516 C  CA    . VAL A 1 63 ? 3.919   -0.854  -2.737  1.00 16.10  ? 373 VAL A CA    1 
ATOM   517 C  C     . VAL A 1 63 ? 5.197   -1.378  -3.355  1.00 10.86  ? 373 VAL A C     1 
ATOM   518 O  O     . VAL A 1 63 ? 5.744   -0.750  -4.275  1.00 12.12  ? 373 VAL A O     1 
ATOM   519 C  CB    . VAL A 1 63 ? 2.778   -0.843  -3.762  1.00 14.14  ? 373 VAL A CB    1 
ATOM   520 C  CG1   . VAL A 1 63 ? 2.449   -2.284  -4.227  1.00 12.00  ? 373 VAL A CG1   1 
ATOM   521 C  CG2   . VAL A 1 63 ? 1.557   -0.126  -3.172  1.00 14.27  ? 373 VAL A CG2   1 
ATOM   522 N  N     . THR A 1 64 ? 5.659   -2.525  -2.863  1.00 10.91  ? 374 THR A N     1 
ATOM   523 C  CA    . THR A 1 64 ? 6.951   -3.087  -3.218  1.00 9.30   ? 374 THR A CA    1 
ATOM   524 C  C     . THR A 1 64 ? 6.777   -4.483  -3.796  1.00 11.29  ? 374 THR A C     1 
ATOM   525 O  O     . THR A 1 64 ? 6.114   -5.325  -3.192  1.00 13.53  ? 374 THR A O     1 
ATOM   526 C  CB    . THR A 1 64 ? 7.856   -3.154  -1.983  1.00 12.06  ? 374 THR A CB    1 
ATOM   527 O  OG1   . THR A 1 64 ? 8.016   -1.836  -1.449  1.00 14.59  ? 374 THR A OG1   1 
ATOM   528 C  CG2   . THR A 1 64 ? 9.222   -3.759  -2.327  1.00 9.22   ? 374 THR A CG2   1 
ATOM   529 N  N     . GLY A 1 65 ? 7.434   -4.744  -4.917  1.00 11.90  ? 375 GLY A N     1 
ATOM   530 C  CA    . GLY A 1 65 ? 7.405   -6.056  -5.523  1.00 12.20  ? 375 GLY A CA    1 
ATOM   531 C  C     . GLY A 1 65 ? 7.957   -5.961  -6.929  1.00 20.22  ? 375 GLY A C     1 
ATOM   532 O  O     . GLY A 1 65 ? 8.521   -4.934  -7.318  1.00 14.59  ? 375 GLY A O     1 
ATOM   533 N  N     . MET A 1 66 ? 7.795   -7.045  -7.682  1.00 14.32  ? 376 MET A N     1 
ATOM   534 C  CA    . MET A 1 66 ? 8.051   -6.975  -9.118  1.00 13.44  ? 376 MET A CA    1 
ATOM   535 C  C     . MET A 1 66 ? 7.202   -5.865  -9.743  1.00 14.43  ? 376 MET A C     1 
ATOM   536 O  O     . MET A 1 66 ? 6.042   -5.688  -9.363  1.00 15.52  ? 376 MET A O     1 
ATOM   537 C  CB    . MET A 1 66 ? 7.717   -8.310  -9.781  1.00 19.33  ? 376 MET A CB    1 
ATOM   538 C  CG    . MET A 1 66 ? 8.677   -9.407  -9.441  1.00 32.63  ? 376 MET A CG    1 
ATOM   539 S  SD    . MET A 1 66 ? 10.322  -9.028  -10.065 1.00 50.24  ? 376 MET A SD    1 
ATOM   540 C  CE    . MET A 1 66 ? 9.964   -8.667  -11.775 1.00 28.09  ? 376 MET A CE    1 
ATOM   541 N  N     . PRO A 1 67 ? 7.731   -5.117  -10.713 1.00 14.22  ? 377 PRO A N     1 
ATOM   542 C  CA    . PRO A 1 67 ? 6.933   -4.023  -11.317 1.00 13.36  ? 377 PRO A CA    1 
ATOM   543 C  C     . PRO A 1 67 ? 5.532   -4.424  -11.802 1.00 14.77  ? 377 PRO A C     1 
ATOM   544 O  O     . PRO A 1 67 ? 4.577   -3.676  -11.578 1.00 17.60  ? 377 PRO A O     1 
ATOM   545 C  CB    . PRO A 1 67 ? 7.824   -3.561  -12.476 1.00 17.11  ? 377 PRO A CB    1 
ATOM   546 C  CG    . PRO A 1 67 ? 9.221   -3.920  -12.027 1.00 19.26  ? 377 PRO A CG    1 
ATOM   547 C  CD    . PRO A 1 67 ? 9.075   -5.218  -11.302 1.00 18.46  ? 377 PRO A CD    1 
ATOM   548 N  N     . GLU A 1 68 ? 5.383   -5.578  -12.449 1.00 9.97   ? 378 GLU A N     1 
ATOM   549 C  CA    . GLU A 1 68 ? 4.074   -6.012  -12.929 1.00 15.53  ? 378 GLU A CA    1 
ATOM   550 C  C     . GLU A 1 68 ? 3.116   -6.277  -11.775 1.00 14.27  ? 378 GLU A C     1 
ATOM   551 O  O     . GLU A 1 68 ? 1.917   -6.003  -11.877 1.00 16.01  ? 378 GLU A O     1 
ATOM   552 C  CB    . GLU A 1 68 ? 4.271   -7.268  -13.780 1.00 25.55  ? 378 GLU A CB    1 
ATOM   553 C  CG    . GLU A 1 68 ? 3.031   -7.972  -14.275 1.00 46.06  ? 378 GLU A CG    1 
ATOM   554 C  CD    . GLU A 1 68 ? 3.375   -9.181  -15.155 1.00 66.13  ? 378 GLU A CD    1 
ATOM   555 O  OE1   . GLU A 1 68 ? 4.569   -9.369  -15.480 1.00 63.00  ? 378 GLU A OE1   1 
ATOM   556 O  OE2   . GLU A 1 68 ? 2.456   -9.944  -15.519 1.00 72.58  ? 378 GLU A OE2   1 
ATOM   557 N  N     . ASN A 1 69 ? 3.629   -6.817  -10.666 1.00 14.74  ? 379 ASN A N     1 
ATOM   558 C  CA    . ASN A 1 69 ? 2.804   -7.055  -9.478  1.00 13.31  ? 379 ASN A CA    1 
ATOM   559 C  C     . ASN A 1 69 ? 2.428   -5.753  -8.789  1.00 12.73  ? 379 ASN A C     1 
ATOM   560 O  O     . ASN A 1 69 ? 1.296   -5.594  -8.317  1.00 10.47  ? 379 ASN A O     1 
ATOM   561 C  CB    . ASN A 1 69 ? 3.545   -7.968  -8.496  1.00 13.46  ? 379 ASN A CB    1 
ATOM   562 C  CG    . ASN A 1 69 ? 3.643   -9.388  -9.007  1.00 25.95  ? 379 ASN A CG    1 
ATOM   563 O  OD1   . ASN A 1 69 ? 2.736   -9.873  -9.673  1.00 39.72  ? 379 ASN A OD1   1 
ATOM   564 N  ND2   . ASN A 1 69 ? 4.740   -10.055 -8.714  1.00 33.84  ? 379 ASN A ND2   1 
ATOM   565 N  N     . VAL A 1 70 ? 3.378   -4.824  -8.694  1.00 14.03  ? 380 VAL A N     1 
ATOM   566 C  CA    . VAL A 1 70 ? 3.096   -3.537  -8.075  1.00 13.04  ? 380 VAL A CA    1 
ATOM   567 C  C     . VAL A 1 70 ? 1.993   -2.815  -8.842  1.00 15.81  ? 380 VAL A C     1 
ATOM   568 O  O     . VAL A 1 70 ? 1.072   -2.248  -8.247  1.00 14.90  ? 380 VAL A O     1 
ATOM   569 C  CB    . VAL A 1 70 ? 4.393   -2.713  -7.983  1.00 13.81  ? 380 VAL A CB    1 
ATOM   570 C  CG1   . VAL A 1 70 ? 4.110   -1.337  -7.479  1.00 17.10  ? 380 VAL A CG1   1 
ATOM   571 C  CG2   . VAL A 1 70 ? 5.388   -3.409  -7.032  1.00 15.53  ? 380 VAL A CG2   1 
ATOM   572 N  N     . ASP A 1 71 ? 2.035   -2.886  -10.175 1.00 14.86  ? 381 ASP A N     1 
ATOM   573 C  CA    . ASP A 1 71 ? 1.001   -2.258  -10.994 1.00 21.55  ? 381 ASP A CA    1 
ATOM   574 C  C     . ASP A 1 71 ? -0.370  -2.865  -10.725 1.00 16.87  ? 381 ASP A C     1 
ATOM   575 O  O     . ASP A 1 71 ? -1.374  -2.146  -10.660 1.00 21.33  ? 381 ASP A O     1 
ATOM   576 C  CB    . ASP A 1 71 ? 1.361   -2.386  -12.474 1.00 22.39  ? 381 ASP A CB    1 
ATOM   577 C  CG    . ASP A 1 71 ? 0.283   -1.817  -13.380 1.00 37.43  ? 381 ASP A CG    1 
ATOM   578 O  OD1   . ASP A 1 71 ? 0.138   -0.578  -13.424 1.00 28.68  ? 381 ASP A OD1   1 
ATOM   579 O  OD2   . ASP A 1 71 ? -0.426  -2.606  -14.039 1.00 43.74  ? 381 ASP A OD2   1 
ATOM   580 N  N     . ARG A 1 72 ? -0.440  -4.188  -10.578 1.00 16.25  ? 382 ARG A N     1 
ATOM   581 C  CA    . ARG A 1 72 ? -1.712  -4.824  -10.250 1.00 18.12  ? 382 ARG A CA    1 
ATOM   582 C  C     . ARG A 1 72 ? -2.207  -4.379  -8.877  1.00 18.67  ? 382 ARG A C     1 
ATOM   583 O  O     . ARG A 1 72 ? -3.406  -4.148  -8.676  1.00 22.35  ? 382 ARG A O     1 
ATOM   584 C  CB    . ARG A 1 72 ? -1.571  -6.350  -10.298 1.00 21.44  ? 382 ARG A CB    1 
ATOM   585 C  CG    . ARG A 1 72 ? -1.332  -6.936  -11.687 1.00 26.40  ? 382 ARG A CG    1 
ATOM   586 C  CD    . ARG A 1 72 ? -0.837  -8.381  -11.601 1.00 35.12  ? 382 ARG A CD    1 
ATOM   587 N  NE    . ARG A 1 72 ? -1.688  -9.187  -10.726 1.00 51.34  ? 382 ARG A NE    1 
ATOM   588 C  CZ    . ARG A 1 72 ? -1.273  -10.246 -10.034 1.00 45.20  ? 382 ARG A CZ    1 
ATOM   589 N  NH1   . ARG A 1 72 ? -0.005  -10.633 -10.101 1.00 45.17  ? 382 ARG A NH1   1 
ATOM   590 N  NH2   . ARG A 1 72 ? -2.128  -10.912 -9.263  1.00 36.97  ? 382 ARG A NH2   1 
ATOM   591 N  N     . ALA A 1 73 ? -1.297  -4.256  -7.916  1.00 14.56  ? 383 ALA A N     1 
ATOM   592 C  CA    . ALA A 1 73 ? -1.706  -3.817  -6.585  1.00 20.94  ? 383 ALA A CA    1 
ATOM   593 C  C     . ALA A 1 73 ? -2.231  -2.388  -6.623  1.00 18.92  ? 383 ALA A C     1 
ATOM   594 O  O     . ALA A 1 73 ? -3.233  -2.070  -5.972  1.00 14.79  ? 383 ALA A O     1 
ATOM   595 C  CB    . ALA A 1 73 ? -0.535  -3.949  -5.605  1.00 16.59  ? 383 ALA A CB    1 
ATOM   596 N  N     . ARG A 1 74 ? -1.561  -1.514  -7.384  1.00 19.49  ? 384 ARG A N     1 
ATOM   597 C  CA    . ARG A 1 74 ? -2.028  -0.148  -7.574  1.00 16.03  ? 384 ARG A CA    1 
ATOM   598 C  C     . ARG A 1 74 ? -3.457  -0.128  -8.096  1.00 18.68  ? 384 ARG A C     1 
ATOM   599 O  O     . ARG A 1 74 ? -4.302  0.633   -7.611  1.00 15.68  ? 384 ARG A O     1 
ATOM   600 C  CB    . ARG A 1 74 ? -1.092  0.587   -8.537  1.00 14.89  ? 384 ARG A CB    1 
ATOM   601 C  CG    . ARG A 1 74 ? -1.484  2.027   -8.841  1.00 21.89  ? 384 ARG A CG    1 
ATOM   602 C  CD    . ARG A 1 74 ? -0.543  2.651   -9.879  1.00 25.85  ? 384 ARG A CD    1 
ATOM   603 N  NE    . ARG A 1 74 ? -0.506  1.843   -11.101 1.00 41.32  ? 384 ARG A NE    1 
ATOM   604 C  CZ    . ARG A 1 74 ? -1.487  1.793   -12.006 1.00 51.44  ? 384 ARG A CZ    1 
ATOM   605 N  NH1   . ARG A 1 74 ? -2.594  2.513   -11.840 1.00 50.51  ? 384 ARG A NH1   1 
ATOM   606 N  NH2   . ARG A 1 74 ? -1.370  1.018   -13.081 1.00 46.88  ? 384 ARG A NH2   1 
ATOM   607 N  N     . GLU A 1 75 ? -3.746  -0.975  -9.087  1.00 20.53  ? 385 GLU A N     1 
ATOM   608 C  CA    . GLU A 1 75 ? -5.080  -1.013  -9.678  1.00 20.78  ? 385 GLU A CA    1 
ATOM   609 C  C     . GLU A 1 75 ? -6.107  -1.563  -8.696  1.00 20.41  ? 385 GLU A C     1 
ATOM   610 O  O     . GLU A 1 75 ? -7.246  -1.089  -8.651  1.00 18.90  ? 385 GLU A O     1 
ATOM   611 C  CB    . GLU A 1 75 ? -5.059  -1.853  -10.958 1.00 22.87  ? 385 GLU A CB    1 
ATOM   612 C  CG    . GLU A 1 75 ? -4.129  -1.299  -12.013 1.00 37.76  ? 385 GLU A CG    1 
ATOM   613 C  CD    . GLU A 1 75 ? -4.136  -2.112  -13.295 1.00 50.53  ? 385 GLU A CD    1 
ATOM   614 O  OE1   . GLU A 1 75 ? -4.348  -3.349  -13.229 1.00 49.50  ? 385 GLU A OE1   1 
ATOM   615 O  OE2   . GLU A 1 75 ? -3.930  -1.503  -14.370 1.00 56.43  ? 385 GLU A OE2   1 
ATOM   616 N  N     . GLU A 1 76 ? -5.720  -2.569  -7.910  1.00 20.86  ? 386 GLU A N     1 
ATOM   617 C  CA    . GLU A 1 76 ? -6.587  -3.083  -6.858  1.00 21.01  ? 386 GLU A CA    1 
ATOM   618 C  C     . GLU A 1 76 ? -6.966  -1.997  -5.871  1.00 19.97  ? 386 GLU A C     1 
ATOM   619 O  O     . GLU A 1 76 ? -8.121  -1.920  -5.445  1.00 18.08  ? 386 GLU A O     1 
ATOM   620 C  CB    . GLU A 1 76 ? -5.885  -4.218  -6.128  1.00 18.78  ? 386 GLU A CB    1 
ATOM   621 C  CG    . GLU A 1 76 ? -5.687  -5.422  -6.983  1.00 30.01  ? 386 GLU A CG    1 
ATOM   622 C  CD    . GLU A 1 76 ? -6.801  -6.391  -6.793  1.00 54.87  ? 386 GLU A CD    1 
ATOM   623 O  OE1   . GLU A 1 76 ? -6.691  -7.215  -5.859  1.00 52.76  ? 386 GLU A OE1   1 
ATOM   624 O  OE2   . GLU A 1 76 ? -7.797  -6.299  -7.548  1.00 48.51  ? 386 GLU A OE2   1 
ATOM   625 N  N     . ILE A 1 77 ? -5.999  -1.170  -5.468  1.00 15.48  ? 387 ILE A N     1 
ATOM   626 C  CA    . ILE A 1 77 ? -6.285  -0.090  -4.525  1.00 14.12  ? 387 ILE A CA    1 
ATOM   627 C  C     . ILE A 1 77 ? -7.244  0.912   -5.156  1.00 15.50  ? 387 ILE A C     1 
ATOM   628 O  O     . ILE A 1 77 ? -8.250  1.298   -4.555  1.00 13.96  ? 387 ILE A O     1 
ATOM   629 C  CB    . ILE A 1 77 ? -4.973  0.585   -4.064  1.00 18.41  ? 387 ILE A CB    1 
ATOM   630 C  CG1   . ILE A 1 77 ? -4.182  -0.363  -3.148  1.00 16.90  ? 387 ILE A CG1   1 
ATOM   631 C  CG2   . ILE A 1 77 ? -5.258  1.932   -3.401  1.00 11.62  ? 387 ILE A CG2   1 
ATOM   632 C  CD1   . ILE A 1 77 ? -2.674  -0.042  -2.999  1.00 17.90  ? 387 ILE A CD1   1 
ATOM   633 N  N     . GLU A 1 78 ? -6.963  1.315   -6.396  1.00 14.67  ? 388 GLU A N     1 
ATOM   634 C  CA    . GLU A 1 78 ? -7.798  2.301   -7.067  1.00 18.52  ? 388 GLU A CA    1 
ATOM   635 C  C     . GLU A 1 78 ? -9.200  1.762   -7.323  1.00 13.18  ? 388 GLU A C     1 
ATOM   636 O  O     . GLU A 1 78 ? -10.182 2.481   -7.138  1.00 18.46  ? 388 GLU A O     1 
ATOM   637 C  CB    . GLU A 1 78 ? -7.122  2.750   -8.363  1.00 18.76  ? 388 GLU A CB    1 
ATOM   638 C  CG    . GLU A 1 78 ? -5.784  3.436   -8.093  1.00 27.96  ? 388 GLU A CG    1 
ATOM   639 C  CD    . GLU A 1 78 ? -5.129  4.029   -9.327  1.00 34.92  ? 388 GLU A CD    1 
ATOM   640 O  OE1   . GLU A 1 78 ? -5.576  3.734   -10.460 1.00 47.44  ? 388 GLU A OE1   1 
ATOM   641 O  OE2   . GLU A 1 78 ? -4.154  4.798   -9.157  1.00 46.02  ? 388 GLU A OE2   1 
ATOM   642 N  N     . MET A 1 79 ? -9.317  0.490   -7.719  1.00 14.90  ? 389 MET A N     1 
ATOM   643 C  CA    . MET A 1 79 ? -10.640 -0.089  -7.929  1.00 20.61  ? 389 MET A CA    1 
ATOM   644 C  C     . MET A 1 79 ? -11.400 -0.238  -6.617  1.00 14.96  ? 389 MET A C     1 
ATOM   645 O  O     . MET A 1 79 ? -12.614 -0.049  -6.579  1.00 20.04  ? 389 MET A O     1 
ATOM   646 C  CB    . MET A 1 79 ? -10.528 -1.442  -8.637  1.00 16.29  ? 389 MET A CB    1 
ATOM   647 C  CG    . MET A 1 79 ? -10.154 -1.327  -10.117 1.00 15.90  ? 389 MET A CG    1 
ATOM   648 S  SD    . MET A 1 79 ? -11.290 -0.220  -11.012 1.00 22.12  ? 389 MET A SD    1 
ATOM   649 C  CE    . MET A 1 79 ? -12.878 -0.972  -10.637 1.00 22.06  ? 389 MET A CE    1 
ATOM   650 N  N     . HIS A 1 80 ? -10.715 -0.587  -5.530  1.00 13.49  ? 390 HIS A N     1 
ATOM   651 C  CA    . HIS A 1 80 ? -11.412 -0.688  -4.256  1.00 20.20  ? 390 HIS A CA    1 
ATOM   652 C  C     . HIS A 1 80 ? -12.001 0.664   -3.873  1.00 20.06  ? 390 HIS A C     1 
ATOM   653 O  O     . HIS A 1 80 ? -13.173 0.761   -3.495  1.00 18.07  ? 390 HIS A O     1 
ATOM   654 C  CB    . HIS A 1 80 ? -10.466 -1.215  -3.169  1.00 19.66  ? 390 HIS A CB    1 
ATOM   655 C  CG    . HIS A 1 80 ? -11.135 -1.430  -1.842  1.00 18.80  ? 390 HIS A CG    1 
ATOM   656 N  ND1   . HIS A 1 80 ? -11.959 -2.504  -1.590  1.00 22.43  ? 390 HIS A ND1   1 
ATOM   657 C  CD2   . HIS A 1 80 ? -11.099 -0.708  -0.695  1.00 24.44  ? 390 HIS A CD2   1 
ATOM   658 C  CE1   . HIS A 1 80 ? -12.418 -2.426  -0.352  1.00 22.52  ? 390 HIS A CE1   1 
ATOM   659 N  NE2   . HIS A 1 80 ? -11.908 -1.348  0.214   1.00 24.04  ? 390 HIS A NE2   1 
ATOM   660 N  N     . ILE A 1 81 ? -11.208 1.726   -4.002  1.00 14.34  ? 391 ILE A N     1 
ATOM   661 C  CA    . ILE A 1 81 ? -11.712 3.070   -3.716  1.00 18.47  ? 391 ILE A CA    1 
ATOM   662 C  C     . ILE A 1 81 ? -12.892 3.407   -4.625  1.00 24.25  ? 391 ILE A C     1 
ATOM   663 O  O     . ILE A 1 81 ? -13.956 3.831   -4.152  1.00 20.13  ? 391 ILE A O     1 
ATOM   664 C  CB    . ILE A 1 81 ? -10.580 4.102   -3.836  1.00 13.30  ? 391 ILE A CB    1 
ATOM   665 C  CG1   . ILE A 1 81 ? -9.493  3.807   -2.799  1.00 15.19  ? 391 ILE A CG1   1 
ATOM   666 C  CG2   . ILE A 1 81 ? -11.106 5.531   -3.654  1.00 18.27  ? 391 ILE A CG2   1 
ATOM   667 C  CD1   . ILE A 1 81 ? -8.187  4.498   -3.124  1.00 17.71  ? 391 ILE A CD1   1 
ATOM   668 N  N     . ALA A 1 82 ? -12.734 3.201   -5.939  1.00 17.55  ? 392 ALA A N     1 
ATOM   669 C  CA    . ALA A 1 82 ? -13.784 3.616   -6.871  1.00 19.98  ? 392 ALA A CA    1 
ATOM   670 C  C     . ALA A 1 82 ? -15.074 2.860   -6.609  1.00 17.76  ? 392 ALA A C     1 
ATOM   671 O  O     . ALA A 1 82 ? -16.163 3.435   -6.659  1.00 19.74  ? 392 ALA A O     1 
ATOM   672 C  CB    . ALA A 1 82 ? -13.340 3.413   -8.325  1.00 13.43  ? 392 ALA A CB    1 
ATOM   673 N  N     . MET A 1 83 ? -14.968 1.568   -6.316  1.00 16.76  ? 393 MET A N     1 
ATOM   674 C  CA    . MET A 1 83 ? -16.157 0.763   -6.069  1.00 24.17  ? 393 MET A CA    1 
ATOM   675 C  C     . MET A 1 83 ? -16.954 1.294   -4.883  1.00 19.86  ? 393 MET A C     1 
ATOM   676 O  O     . MET A 1 83 ? -18.179 1.144   -4.843  1.00 23.53  ? 393 MET A O     1 
ATOM   677 C  CB    . MET A 1 83 ? -15.739 -0.686  -5.828  1.00 17.72  ? 393 MET A CB    1 
ATOM   678 C  CG    . MET A 1 83 ? -16.643 -1.737  -6.402  1.00 35.73  ? 393 MET A CG    1 
ATOM   679 S  SD    . MET A 1 83 ? -15.782 -3.332  -6.494  1.00 45.32  ? 393 MET A SD    1 
ATOM   680 C  CE    . MET A 1 83 ? -14.388 -2.851  -7.512  1.00 17.80  ? 393 MET A CE    1 
ATOM   681 N  N     . ARG A 1 84 ? -16.285 1.920   -3.918  1.00 21.56  ? 394 ARG A N     1 
ATOM   682 C  CA    . ARG A 1 84 ? -16.930 2.373   -2.691  1.00 25.65  ? 394 ARG A CA    1 
ATOM   683 C  C     . ARG A 1 84 ? -17.275 3.857   -2.698  1.00 23.34  ? 394 ARG A C     1 
ATOM   684 O  O     . ARG A 1 84 ? -18.049 4.300   -1.843  1.00 27.35  ? 394 ARG A O     1 
ATOM   685 C  CB    . ARG A 1 84 ? -16.032 2.066   -1.476  1.00 29.84  ? 394 ARG A CB    1 
ATOM   686 C  CG    . ARG A 1 84 ? -15.681 0.595   -1.299  1.00 25.56  ? 394 ARG A CG    1 
ATOM   687 C  CD    . ARG A 1 84 ? -16.890 -0.174  -0.795  1.00 31.65  ? 394 ARG A CD    1 
ATOM   688 N  NE    . ARG A 1 84 ? -17.347 0.384   0.470   1.00 32.44  ? 394 ARG A NE    1 
ATOM   689 C  CZ    . ARG A 1 84 ? -17.012 -0.109  1.653   1.00 23.97  ? 394 ARG A CZ    1 
ATOM   690 N  NH1   . ARG A 1 84 ? -17.452 0.463   2.764   1.00 23.99  ? 394 ARG A NH1   1 
ATOM   691 N  NH2   . ARG A 1 84 ? -16.258 -1.195  1.719   1.00 23.62  ? 394 ARG A NH2   1 
ATOM   692 N  N     . THR A 1 85 ? -16.712 4.638   -3.619  1.00 19.23  ? 395 THR A N     1 
ATOM   693 C  CA    . THR A 1 85 ? -16.922 6.074   -3.633  1.00 20.08  ? 395 THR A CA    1 
ATOM   694 C  C     . THR A 1 85 ? -17.486 6.594   -4.948  1.00 23.75  ? 395 THR A C     1 
ATOM   695 O  O     . THR A 1 85 ? -17.961 7.736   -4.980  1.00 28.24  ? 395 THR A O     1 
ATOM   696 C  CB    . THR A 1 85 ? -15.614 6.829   -3.315  1.00 19.24  ? 395 THR A CB    1 
ATOM   697 O  OG1   . THR A 1 85 ? -14.693 6.690   -4.398  1.00 27.41  ? 395 THR A OG1   1 
ATOM   698 C  CG2   . THR A 1 85 ? -14.979 6.293   -2.064  1.00 23.72  ? 395 THR A CG2   1 
ATOM   699 N  N     . GLY A 1 86 ? -17.477 5.797   -6.014  1.00 15.88  ? 396 GLY A N     1 
ATOM   700 C  CA    . GLY A 1 86 ? -18.010 6.238   -7.285  1.00 20.10  ? 396 GLY A CA    1 
ATOM   701 C  C     . GLY A 1 86 ? -17.269 7.486   -7.735  1.00 35.20  ? 396 GLY A C     1 
ATOM   702 O  O     . GLY A 1 86 ? -17.799 8.363   -8.421  1.00 34.70  ? 396 GLY A O     1 
ATOM   703 O  OXT   . GLY A 1 86 ? -16.103 7.666   -7.383  1.00 33.18  ? 396 GLY A OXT   1 
ATOM   704 P  P     . A   B 2 1  ? -15.152 -0.726  9.711   1.00 106.81 ? 1   A   C P     1 
ATOM   705 O  OP1   . A   B 2 1  ? -14.967 -0.290  11.121  1.00 62.69  ? 1   A   C OP1   1 
ATOM   706 O  OP2   . A   B 2 1  ? -15.769 -2.059  9.451   1.00 67.14  ? 1   A   C OP2   1 
ATOM   707 O  "O5'" . A   B 2 1  ? -13.726 -0.615  8.993   1.00 75.04  ? 1   A   C "O5'" 1 
ATOM   708 C  "C5'" . A   B 2 1  ? -13.605 -0.214  7.631   1.00 33.12  ? 1   A   C "C5'" 1 
ATOM   709 C  "C4'" . A   B 2 1  ? -12.767 1.034   7.484   1.00 22.38  ? 1   A   C "C4'" 1 
ATOM   710 O  "O4'" . A   B 2 1  ? -13.207 1.735   6.297   1.00 19.59  ? 1   A   C "O4'" 1 
ATOM   711 C  "C3'" . A   B 2 1  ? -12.896 2.038   8.621   1.00 26.25  ? 1   A   C "C3'" 1 
ATOM   712 O  "O3'" . A   B 2 1  ? -11.729 2.848   8.640   1.00 26.02  ? 1   A   C "O3'" 1 
ATOM   713 C  "C2'" . A   B 2 1  ? -14.047 2.906   8.147   1.00 20.09  ? 1   A   C "C2'" 1 
ATOM   714 O  "O2'" . A   B 2 1  ? -14.067 4.179   8.754   1.00 25.02  ? 1   A   C "O2'" 1 
ATOM   715 C  "C1'" . A   B 2 1  ? -13.735 2.998   6.656   1.00 17.34  ? 1   A   C "C1'" 1 
ATOM   716 N  N9    . A   B 2 1  ? -14.888 3.229   5.790   1.00 18.42  ? 1   A   C N9    1 
ATOM   717 C  C8    . A   B 2 1  ? -16.033 2.480   5.747   1.00 18.94  ? 1   A   C C8    1 
ATOM   718 N  N7    . A   B 2 1  ? -16.890 2.888   4.844   1.00 18.41  ? 1   A   C N7    1 
ATOM   719 C  C5    . A   B 2 1  ? -16.253 3.947   4.223   1.00 14.24  ? 1   A   C C5    1 
ATOM   720 C  C6    . A   B 2 1  ? -16.638 4.789   3.172   1.00 16.69  ? 1   A   C C6    1 
ATOM   721 N  N6    . A   B 2 1  ? -17.806 4.692   2.530   1.00 19.68  ? 1   A   C N6    1 
ATOM   722 N  N1    . A   B 2 1  ? -15.776 5.746   2.793   1.00 17.92  ? 1   A   C N1    1 
ATOM   723 C  C2    . A   B 2 1  ? -14.610 5.849   3.434   1.00 20.23  ? 1   A   C C2    1 
ATOM   724 N  N3    . A   B 2 1  ? -14.138 5.114   4.434   1.00 20.07  ? 1   A   C N3    1 
ATOM   725 C  C4    . A   B 2 1  ? -15.010 4.162   4.787   1.00 14.52  ? 1   A   C C4    1 
ATOM   726 P  P     . G   B 2 2  ? -10.836 2.969   9.967   1.00 25.13  ? 2   G   C P     1 
ATOM   727 O  OP1   . G   B 2 2  ? -11.744 2.857   11.118  1.00 44.94  ? 2   G   C OP1   1 
ATOM   728 O  OP2   . G   B 2 2  ? -9.959  4.137   9.815   1.00 30.77  ? 2   G   C OP2   1 
ATOM   729 O  "O5'" . G   B 2 2  ? -10.068 1.583   10.034  1.00 43.13  ? 2   G   C "O5'" 1 
ATOM   730 C  "C5'" . G   B 2 2  ? -8.928  1.311   9.245   1.00 16.57  ? 2   G   C "C5'" 1 
ATOM   731 C  "C4'" . G   B 2 2  ? -7.773  0.843   10.096  1.00 18.90  ? 2   G   C "C4'" 1 
ATOM   732 O  "O4'" . G   B 2 2  ? -6.610  1.577   9.647   1.00 21.78  ? 2   G   C "O4'" 1 
ATOM   733 C  "C3'" . G   B 2 2  ? -7.907  1.161   11.582  1.00 23.97  ? 2   G   C "C3'" 1 
ATOM   734 O  "O3'" . G   B 2 2  ? -7.023  0.340   12.356  1.00 21.36  ? 2   G   C "O3'" 1 
ATOM   735 C  "C2'" . G   B 2 2  ? -7.364  2.584   11.637  1.00 24.60  ? 2   G   C "C2'" 1 
ATOM   736 O  "O2'" . G   B 2 2  ? -6.909  2.979   12.912  1.00 28.77  ? 2   G   C "O2'" 1 
ATOM   737 C  "C1'" . G   B 2 2  ? -6.206  2.496   10.643  1.00 23.95  ? 2   G   C "C1'" 1 
ATOM   738 N  N9    . G   B 2 2  ? -5.934  3.750   9.963   1.00 20.21  ? 2   G   C N9    1 
ATOM   739 C  C8    . G   B 2 2  ? -6.866  4.655   9.535   1.00 21.36  ? 2   G   C C8    1 
ATOM   740 N  N7    . G   B 2 2  ? -6.315  5.675   8.935   1.00 21.28  ? 2   G   C N7    1 
ATOM   741 C  C5    . G   B 2 2  ? -4.958  5.419   8.976   1.00 15.33  ? 2   G   C C5    1 
ATOM   742 C  C6    . G   B 2 2  ? -3.884  6.169   8.490   1.00 16.70  ? 2   G   C C6    1 
ATOM   743 O  O6    . G   B 2 2  ? -3.956  7.244   7.900   1.00 21.98  ? 2   G   C O6    1 
ATOM   744 N  N1    . G   B 2 2  ? -2.657  5.535   8.730   1.00 22.91  ? 2   G   C N1    1 
ATOM   745 C  C2    . G   B 2 2  ? -2.517  4.323   9.368   1.00 16.40  ? 2   G   C C2    1 
ATOM   746 N  N2    . G   B 2 2  ? -1.278  3.829   9.534   1.00 21.81  ? 2   G   C N2    1 
ATOM   747 N  N3    . G   B 2 2  ? -3.529  3.627   9.830   1.00 18.25  ? 2   G   C N3    1 
ATOM   748 C  C4    . G   B 2 2  ? -4.703  4.225   9.595   1.00 18.94  ? 2   G   C C4    1 
ATOM   749 P  P     . A   B 2 3  ? -7.325  -1.187  12.714  1.00 21.67  ? 3   A   C P     1 
ATOM   750 O  OP1   . A   B 2 3  ? -8.621  -1.670  12.179  1.00 20.56  ? 3   A   C OP1   1 
ATOM   751 O  OP2   . A   B 2 3  ? -6.933  -1.352  14.123  1.00 24.46  ? 3   A   C OP2   1 
ATOM   752 O  "O5'" . A   B 2 3  ? -6.225  -1.974  11.891  1.00 20.71  ? 3   A   C "O5'" 1 
ATOM   753 C  "C5'" . A   B 2 3  ? -4.852  -1.726  12.131  1.00 18.58  ? 3   A   C "C5'" 1 
ATOM   754 C  "C4'" . A   B 2 3  ? -4.037  -2.951  11.838  1.00 15.23  ? 3   A   C "C4'" 1 
ATOM   755 O  "O4'" . A   B 2 3  ? -4.117  -3.267  10.438  1.00 15.32  ? 3   A   C "O4'" 1 
ATOM   756 C  "C3'" . A   B 2 3  ? -2.548  -2.864  12.107  1.00 21.11  ? 3   A   C "C3'" 1 
ATOM   757 O  "O3'" . A   B 2 3  ? -2.276  -3.042  13.487  1.00 21.12  ? 3   A   C "O3'" 1 
ATOM   758 C  "C2'" . A   B 2 3  ? -2.003  -3.993  11.243  1.00 18.10  ? 3   A   C "C2'" 1 
ATOM   759 O  "O2'" . A   B 2 3  ? -2.203  -5.231  11.906  1.00 17.93  ? 3   A   C "O2'" 1 
ATOM   760 C  "C1'" . A   B 2 3  ? -2.957  -3.952  10.041  1.00 13.79  ? 3   A   C "C1'" 1 
ATOM   761 N  N9    . A   B 2 3  ? -2.407  -3.287  8.846   1.00 14.04  ? 3   A   C N9    1 
ATOM   762 C  C8    . A   B 2 3  ? -2.533  -1.961  8.488   1.00 20.42  ? 3   A   C C8    1 
ATOM   763 N  N7    . A   B 2 3  ? -1.952  -1.673  7.345   1.00 14.14  ? 3   A   C N7    1 
ATOM   764 C  C5    . A   B 2 3  ? -1.430  -2.887  6.925   1.00 13.44  ? 3   A   C C5    1 
ATOM   765 C  C6    . A   B 2 3  ? -0.672  -3.270  5.807   1.00 15.30  ? 3   A   C C6    1 
ATOM   766 N  N6    . A   B 2 3  ? -0.299  -2.466  4.807   1.00 12.23  ? 3   A   C N6    1 
ATOM   767 N  N1    . A   B 2 3  ? -0.315  -4.565  5.728   1.00 13.30  ? 3   A   C N1    1 
ATOM   768 C  C2    . A   B 2 3  ? -0.663  -5.422  6.684   1.00 14.82  ? 3   A   C C2    1 
ATOM   769 N  N3    . A   B 2 3  ? -1.352  -5.178  7.780   1.00 16.05  ? 3   A   C N3    1 
ATOM   770 C  C4    . A   B 2 3  ? -1.706  -3.886  7.839   1.00 15.01  ? 3   A   C C4    1 
ATOM   771 P  P     . G   B 2 4  ? -0.981  -2.400  14.193  1.00 21.68  ? 4   G   C P     1 
ATOM   772 O  OP1   . G   B 2 4  ? -1.226  -2.565  15.631  1.00 31.27  ? 4   G   C OP1   1 
ATOM   773 O  OP2   . G   B 2 4  ? -0.637  -1.067  13.647  1.00 18.04  ? 4   G   C OP2   1 
ATOM   774 O  "O5'" . G   B 2 4  ? 0.205   -3.397  13.819  1.00 21.02  ? 4   G   C "O5'" 1 
ATOM   775 C  "C5'" . G   B 2 4  ? 0.092   -4.796  14.043  1.00 21.67  ? 4   G   C "C5'" 1 
ATOM   776 C  "C4'" . G   B 2 4  ? 1.130   -5.561  13.256  1.00 22.74  ? 4   G   C "C4'" 1 
ATOM   777 O  "O4'" . G   B 2 4  ? 0.951   -5.277  11.836  1.00 21.00  ? 4   G   C "O4'" 1 
ATOM   778 C  "C3'" . G   B 2 4  ? 2.584   -5.209  13.590  1.00 21.47  ? 4   G   C "C3'" 1 
ATOM   779 O  "O3'" . G   B 2 4  ? 3.416   -6.364  13.474  1.00 16.78  ? 4   G   C "O3'" 1 
ATOM   780 C  "C2'" . G   B 2 4  ? 2.954   -4.235  12.487  1.00 19.78  ? 4   G   C "C2'" 1 
ATOM   781 O  "O2'" . G   B 2 4  ? 4.328   -4.200  12.184  1.00 24.50  ? 4   G   C "O2'" 1 
ATOM   782 C  "C1'" . G   B 2 4  ? 2.144   -4.758  11.299  1.00 18.24  ? 4   G   C "C1'" 1 
ATOM   783 N  N9    . G   B 2 4  ? 1.845   -3.663  10.374  1.00 18.39  ? 4   G   C N9    1 
ATOM   784 C  C8    . G   B 2 4  ? 1.351   -2.432  10.747  1.00 17.15  ? 4   G   C C8    1 
ATOM   785 N  N7    . G   B 2 4  ? 1.256   -1.595  9.749   1.00 19.32  ? 4   G   C N7    1 
ATOM   786 C  C5    . G   B 2 4  ? 1.753   -2.300  8.661   1.00 13.99  ? 4   G   C C5    1 
ATOM   787 C  C6    . G   B 2 4  ? 1.895   -1.912  7.304   1.00 17.59  ? 4   G   C C6    1 
ATOM   788 O  O6    . G   B 2 4  ? 1.618   -0.825  6.769   1.00 15.86  ? 4   G   C O6    1 
ATOM   789 N  N1    . G   B 2 4  ? 2.442   -2.940  6.536   1.00 14.20  ? 4   G   C N1    1 
ATOM   790 C  C2    . G   B 2 4  ? 2.803   -4.186  6.998   1.00 18.08  ? 4   G   C C2    1 
ATOM   791 N  N2    . G   B 2 4  ? 3.293   -5.044  6.087   1.00 15.57  ? 4   G   C N2    1 
ATOM   792 N  N3    . G   B 2 4  ? 2.655   -4.568  8.258   1.00 17.50  ? 4   G   C N3    1 
ATOM   793 C  C4    . G   B 2 4  ? 2.126   -3.581  9.031   1.00 17.67  ? 4   G   C C4    1 
ATOM   794 P  P     . U   B 2 5  ? 4.151   -6.985  14.764  1.00 20.86  ? 5   U   C P     1 
ATOM   795 O  OP1   . U   B 2 5  ? 4.932   -8.160  14.269  1.00 17.74  ? 5   U   C OP1   1 
ATOM   796 O  OP2   . U   B 2 5  ? 3.164   -7.167  15.849  1.00 17.52  ? 5   U   C OP2   1 
ATOM   797 O  "O5'" . U   B 2 5  ? 5.129   -5.827  15.255  1.00 19.13  ? 5   U   C "O5'" 1 
ATOM   798 C  "C5'" . U   B 2 5  ? 6.337   -5.531  14.568  1.00 19.08  ? 5   U   C "C5'" 1 
ATOM   799 C  "C4'" . U   B 2 5  ? 7.468   -5.329  15.548  1.00 19.57  ? 5   U   C "C4'" 1 
ATOM   800 O  "O4'" . U   B 2 5  ? 7.121   -4.232  16.449  1.00 18.78  ? 5   U   C "O4'" 1 
ATOM   801 C  "C3'" . U   B 2 5  ? 7.737   -6.546  16.433  1.00 19.08  ? 5   U   C "C3'" 1 
ATOM   802 O  "O3'" . U   B 2 5  ? 9.133   -6.668  16.692  1.00 18.29  ? 5   U   C "O3'" 1 
ATOM   803 C  "C2'" . U   B 2 5  ? 6.984   -6.205  17.723  1.00 23.96  ? 5   U   C "C2'" 1 
ATOM   804 O  "O2'" . U   B 2 5  ? 7.456   -6.848  18.885  1.00 22.73  ? 5   U   C "O2'" 1 
ATOM   805 C  "C1'" . U   B 2 5  ? 7.162   -4.690  17.797  1.00 17.43  ? 5   U   C "C1'" 1 
ATOM   806 N  N1    . U   B 2 5  ? 6.103   -4.010  18.560  1.00 17.46  ? 5   U   C N1    1 
ATOM   807 C  C2    . U   B 2 5  ? 6.388   -3.495  19.815  1.00 17.88  ? 5   U   C C2    1 
ATOM   808 O  O2    . U   B 2 5  ? 7.476   -3.554  20.350  1.00 18.32  ? 5   U   C O2    1 
ATOM   809 N  N3    . U   B 2 5  ? 5.342   -2.869  20.456  1.00 18.84  ? 5   U   C N3    1 
ATOM   810 C  C4    . U   B 2 5  ? 4.064   -2.699  20.003  1.00 19.60  ? 5   U   C C4    1 
ATOM   811 O  O4    . U   B 2 5  ? 3.261   -2.106  20.726  1.00 21.02  ? 5   U   C O4    1 
ATOM   812 C  C5    . U   B 2 5  ? 3.835   -3.259  18.706  1.00 15.01  ? 5   U   C C5    1 
ATOM   813 C  C6    . U   B 2 5  ? 4.828   -3.881  18.051  1.00 20.31  ? 5   U   C C6    1 
HETATM 814 NI NI    . NI  C 3 .  ? 8.966   0.236   21.846  0.50 25.67  ? 401 NI  A NI    1 
HETATM 815 O  O     . HOH D 4 .  ? 10.116  3.861   2.352   1.00 32.81  ? 501 HOH A O     1 
HETATM 816 O  O     . HOH D 4 .  ? -9.553  5.755   12.345  1.00 37.81  ? 502 HOH A O     1 
HETATM 817 O  O     . HOH D 4 .  ? -4.382  12.555  -1.758  1.00 29.79  ? 503 HOH A O     1 
HETATM 818 O  O     . HOH D 4 .  ? 15.525  -6.618  1.293   1.00 29.04  ? 504 HOH A O     1 
HETATM 819 O  O     . HOH D 4 .  ? -15.180 10.093  -6.855  1.00 42.96  ? 505 HOH A O     1 
HETATM 820 O  O     . HOH D 4 .  ? 10.752  -4.749  17.691  1.00 16.06  ? 506 HOH A O     1 
HETATM 821 O  O     . HOH D 4 .  ? 6.609   -0.975  0.643   1.00 12.65  ? 507 HOH A O     1 
HETATM 822 O  O     . HOH D 4 .  ? 6.040   -10.370 -17.499 1.00 39.46  ? 508 HOH A O     1 
HETATM 823 O  O     . HOH D 4 .  ? 7.255   -9.185  -15.396 1.00 44.30  ? 509 HOH A O     1 
HETATM 824 O  O     . HOH D 4 .  ? 13.029  5.117   23.695  1.00 41.44  ? 510 HOH A O     1 
HETATM 825 O  O     . HOH D 4 .  ? 7.794   1.148   2.403   1.00 11.94  ? 511 HOH A O     1 
HETATM 826 O  O     . HOH D 4 .  ? 6.351   -9.080  -6.574  1.00 16.25  ? 512 HOH A O     1 
HETATM 827 O  O     . HOH D 4 .  ? -1.993  8.874   6.217   1.00 34.10  ? 513 HOH A O     1 
HETATM 828 O  O     . HOH D 4 .  ? -12.182 -1.837  3.533   1.00 22.11  ? 514 HOH A O     1 
HETATM 829 O  O     . HOH D 4 .  ? 5.191   -0.989  -11.602 1.00 29.81  ? 515 HOH A O     1 
HETATM 830 O  O     . HOH D 4 .  ? -0.494  7.717   -6.854  1.00 32.52  ? 516 HOH A O     1 
HETATM 831 O  O     . HOH D 4 .  ? 4.068   7.501   6.311   1.00 32.60  ? 517 HOH A O     1 
HETATM 832 O  O     . HOH D 4 .  ? -11.230 -7.691  10.004  1.00 36.51  ? 518 HOH A O     1 
HETATM 833 O  O     . HOH D 4 .  ? -10.025 -4.015  -5.656  1.00 27.49  ? 519 HOH A O     1 
HETATM 834 O  O     . HOH D 4 .  ? -11.423 5.741   5.435   1.00 22.41  ? 520 HOH A O     1 
HETATM 835 O  O     . HOH D 4 .  ? 12.502  -6.253  -1.921  1.00 27.83  ? 521 HOH A O     1 
HETATM 836 O  O     . HOH D 4 .  ? 7.973   4.117   19.342  1.00 36.18  ? 522 HOH A O     1 
HETATM 837 O  O     . HOH D 4 .  ? 11.160  6.741   22.312  1.00 38.14  ? 523 HOH A O     1 
HETATM 838 O  O     . HOH D 4 .  ? -9.689  5.355   -7.233  1.00 24.05  ? 524 HOH A O     1 
HETATM 839 O  O     . HOH D 4 .  ? 1.697   2.731   9.222   1.00 29.87  ? 525 HOH A O     1 
HETATM 840 O  O     . HOH D 4 .  ? 0.517   -5.543  -14.423 1.00 35.74  ? 526 HOH A O     1 
HETATM 841 O  O     . HOH D 4 .  ? 7.650   -7.091  -13.624 1.00 24.95  ? 527 HOH A O     1 
HETATM 842 O  O     . HOH D 4 .  ? -10.153 13.183  1.062   1.00 34.10  ? 528 HOH A O     1 
HETATM 843 O  O     . HOH D 4 .  ? 3.844   4.437   3.133   1.00 32.99  ? 529 HOH A O     1 
HETATM 844 O  O     . HOH D 4 .  ? -16.904 10.513  -5.323  1.00 36.78  ? 530 HOH A O     1 
HETATM 845 O  O     . HOH D 4 .  ? -7.952  -5.127  -10.334 1.00 41.03  ? 531 HOH A O     1 
HETATM 846 O  O     . HOH D 4 .  ? 2.515   1.117   -11.381 1.00 42.17  ? 532 HOH A O     1 
HETATM 847 O  O     . HOH D 4 .  ? -3.521  11.355  5.543   1.00 41.39  ? 533 HOH A O     1 
HETATM 848 O  O     . HOH D 4 .  ? 0.784   7.615   13.909  1.00 41.81  ? 534 HOH A O     1 
HETATM 849 O  O     . HOH D 4 .  ? -4.723  6.152   -12.355 1.00 52.14  ? 535 HOH A O     1 
HETATM 850 O  O     . HOH D 4 .  ? -11.093 -8.182  1.690   1.00 45.32  ? 536 HOH A O     1 
HETATM 851 O  O     . HOH D 4 .  ? 16.257  -10.814 -6.514  1.00 30.39  ? 537 HOH A O     1 
HETATM 852 O  O     . HOH D 4 .  ? -5.502  -5.655  -10.690 1.00 38.16  ? 538 HOH A O     1 
HETATM 853 O  O     . HOH D 4 .  ? 11.447  6.653   10.405  1.00 36.40  ? 539 HOH A O     1 
HETATM 854 O  O     . HOH D 4 .  ? 4.615   -3.228  -14.925 1.00 36.26  ? 540 HOH A O     1 
HETATM 855 O  O     . HOH D 4 .  ? 0.127   -13.722 -8.499  1.00 41.42  ? 541 HOH A O     1 
HETATM 856 O  O     . HOH D 4 .  ? -4.925  -8.775  -9.278  1.00 44.62  ? 542 HOH A O     1 
HETATM 857 O  O     . HOH D 4 .  ? 5.048   7.318   2.471   1.00 41.85  ? 543 HOH A O     1 
HETATM 858 O  O     . HOH D 4 .  ? 14.713  -7.919  10.033  1.00 34.01  ? 544 HOH A O     1 
HETATM 859 O  O     . HOH D 4 .  ? 8.248   -9.475  -1.882  1.00 35.52  ? 545 HOH A O     1 
HETATM 860 O  O     . HOH D 4 .  ? 9.604   -8.084  -0.383  1.00 37.36  ? 546 HOH A O     1 
HETATM 861 O  O     . HOH D 4 .  ? -18.802 -3.866  2.527   1.00 45.55  ? 547 HOH A O     1 
HETATM 862 O  O     . HOH D 4 .  ? -5.326  13.137  -4.523  0.50 37.20  ? 548 HOH A O     1 
HETATM 863 O  O     . HOH D 4 .  ? 5.640   5.513   4.602   1.00 41.45  ? 549 HOH A O     1 
HETATM 864 O  O     . HOH E 4 .  ? -0.052  -3.983  17.444  1.00 35.15  ? 101 HOH C O     1 
HETATM 865 O  O     . HOH E 4 .  ? 0.647   -7.865  15.678  1.00 22.45  ? 102 HOH C O     1 
HETATM 866 O  O     . HOH E 4 .  ? -7.686  7.867   8.159   1.00 33.31  ? 103 HOH C O     1 
HETATM 867 O  O     . HOH E 4 .  ? -18.451 6.034   0.276   1.00 22.43  ? 104 HOH C O     1 
HETATM 868 O  O     . HOH E 4 .  ? 6.241   -9.254  19.058  1.00 19.58  ? 105 HOH C O     1 
HETATM 869 O  O     . HOH E 4 .  ? 9.772   -6.740  20.273  1.00 23.28  ? 106 HOH C O     1 
HETATM 870 O  O     . HOH E 4 .  ? -0.783  -7.163  10.606  1.00 38.38  ? 107 HOH C O     1 
HETATM 871 O  O     . HOH E 4 .  ? -0.041  0.805   9.889   1.00 21.78  ? 108 HOH C O     1 
HETATM 872 O  O     . HOH E 4 .  ? -2.411  1.022   13.073  1.00 26.36  ? 109 HOH C O     1 
HETATM 873 O  O     . HOH E 4 .  ? 4.090   -9.308  17.428  1.00 22.88  ? 110 HOH C O     1 
HETATM 874 O  O     . HOH E 4 .  ? 1.729   -7.141  8.992   1.00 32.78  ? 111 HOH C O     1 
HETATM 875 O  O     . HOH E 4 .  ? -2.909  0.888   10.377  1.00 19.33  ? 112 HOH C O     1 
HETATM 876 O  O     . HOH E 4 .  ? 0.194   -2.117  19.830  1.00 32.78  ? 113 HOH C O     1 
# 
loop_
_pdbx_poly_seq_scheme.asym_id 
_pdbx_poly_seq_scheme.entity_id 
_pdbx_poly_seq_scheme.seq_id 
_pdbx_poly_seq_scheme.mon_id 
_pdbx_poly_seq_scheme.ndb_seq_num 
_pdbx_poly_seq_scheme.pdb_seq_num 
_pdbx_poly_seq_scheme.auth_seq_num 
_pdbx_poly_seq_scheme.pdb_mon_id 
_pdbx_poly_seq_scheme.auth_mon_id 
_pdbx_poly_seq_scheme.pdb_strand_id 
_pdbx_poly_seq_scheme.pdb_ins_code 
_pdbx_poly_seq_scheme.hetero 
A 1 1  MET 1  311 ?   ?   ?   A . n 
A 1 2  GLY 2  312 ?   ?   ?   A . n 
A 1 3  HIS 3  313 313 HIS HIS A . n 
A 1 4  HIS 4  314 314 HIS HIS A . n 
A 1 5  HIS 5  315 315 HIS HIS A . n 
A 1 6  HIS 6  316 316 HIS HIS A . n 
A 1 7  HIS 7  317 317 HIS HIS A . n 
A 1 8  HIS 8  318 318 HIS HIS A . n 
A 1 9  MET 9  319 319 MET MET A . n 
A 1 10 SER 10 320 320 SER SER A . n 
A 1 11 PRO 11 321 321 PRO PRO A . n 
A 1 12 ASN 12 322 322 ASN ASN A . n 
A 1 13 LEU 13 323 323 LEU LEU A . n 
A 1 14 PRO 14 324 324 PRO PRO A . n 
A 1 15 GLY 15 325 325 GLY GLY A . n 
A 1 16 GLN 16 326 326 GLN GLN A . n 
A 1 17 THR 17 327 327 THR THR A . n 
A 1 18 THR 18 328 328 THR THR A . n 
A 1 19 VAL 19 329 329 VAL VAL A . n 
A 1 20 GLN 20 330 330 GLN GLN A . n 
A 1 21 VAL 21 331 331 VAL VAL A . n 
A 1 22 ARG 22 332 332 ARG ARG A . n 
A 1 23 VAL 23 333 333 VAL VAL A . n 
A 1 24 PRO 24 334 334 PRO PRO A . n 
A 1 25 TYR 25 335 335 TYR TYR A . n 
A 1 26 ARG 26 336 336 ARG ARG A . n 
A 1 27 VAL 27 337 337 VAL VAL A . n 
A 1 28 VAL 28 338 338 VAL VAL A . n 
A 1 29 GLY 29 339 339 GLY GLY A . n 
A 1 30 LEU 30 340 340 LEU LEU A . n 
A 1 31 VAL 31 341 341 VAL VAL A . n 
A 1 32 VAL 32 342 342 VAL VAL A . n 
A 1 33 GLY 33 343 343 GLY GLY A . n 
A 1 34 PRO 34 344 344 PRO PRO A . n 
A 1 35 LYS 35 345 345 LYS LYS A . n 
A 1 36 GLY 36 346 346 GLY GLY A . n 
A 1 37 ALA 37 347 347 ALA ALA A . n 
A 1 38 THR 38 348 348 THR THR A . n 
A 1 39 ILE 39 349 349 ILE ILE A . n 
A 1 40 LYS 40 350 350 LYS LYS A . n 
A 1 41 ARG 41 351 351 ARG ARG A . n 
A 1 42 ILE 42 352 352 ILE ILE A . n 
A 1 43 GLN 43 353 353 GLN GLN A . n 
A 1 44 GLN 44 354 354 GLN GLN A . n 
A 1 45 GLN 45 355 355 GLN GLN A . n 
A 1 46 THR 46 356 356 THR THR A . n 
A 1 47 HIS 47 357 357 HIS HIS A . n 
A 1 48 THR 48 358 358 THR THR A . n 
A 1 49 TYR 49 359 359 TYR TYR A . n 
A 1 50 ILE 50 360 360 ILE ILE A . n 
A 1 51 VAL 51 361 361 VAL VAL A . n 
A 1 52 THR 52 362 362 THR THR A . n 
A 1 53 PRO 53 363 363 PRO PRO A . n 
A 1 54 SER 54 364 364 SER SER A . n 
A 1 55 ARG 55 365 365 ARG ARG A . n 
A 1 56 ASP 56 366 366 ASP ASP A . n 
A 1 57 LYS 57 367 367 LYS LYS A . n 
A 1 58 GLU 58 368 368 GLU GLU A . n 
A 1 59 PRO 59 369 369 PRO PRO A . n 
A 1 60 VAL 60 370 370 VAL VAL A . n 
A 1 61 PHE 61 371 371 PHE PHE A . n 
A 1 62 GLU 62 372 372 GLU GLU A . n 
A 1 63 VAL 63 373 373 VAL VAL A . n 
A 1 64 THR 64 374 374 THR THR A . n 
A 1 65 GLY 65 375 375 GLY GLY A . n 
A 1 66 MET 66 376 376 MET MET A . n 
A 1 67 PRO 67 377 377 PRO PRO A . n 
A 1 68 GLU 68 378 378 GLU GLU A . n 
A 1 69 ASN 69 379 379 ASN ASN A . n 
A 1 70 VAL 70 380 380 VAL VAL A . n 
A 1 71 ASP 71 381 381 ASP ASP A . n 
A 1 72 ARG 72 382 382 ARG ARG A . n 
A 1 73 ALA 73 383 383 ALA ALA A . n 
A 1 74 ARG 74 384 384 ARG ARG A . n 
A 1 75 GLU 75 385 385 GLU GLU A . n 
A 1 76 GLU 76 386 386 GLU GLU A . n 
A 1 77 ILE 77 387 387 ILE ILE A . n 
A 1 78 GLU 78 388 388 GLU GLU A . n 
A 1 79 MET 79 389 389 MET MET A . n 
A 1 80 HIS 80 390 390 HIS HIS A . n 
A 1 81 ILE 81 391 391 ILE ILE A . n 
A 1 82 ALA 82 392 392 ALA ALA A . n 
A 1 83 MET 83 393 393 MET MET A . n 
A 1 84 ARG 84 394 394 ARG ARG A . n 
A 1 85 THR 85 395 395 THR THR A . n 
A 1 86 GLY 86 396 396 GLY GLY A . n 
B 2 1  A   1  1   1   A   A   C . n 
B 2 2  G   2  2   2   G   G   C . n 
B 2 3  A   3  3   3   A   A   C . n 
B 2 4  G   4  4   4   G   G   C . n 
B 2 5  U   5  5   5   U   U   C . n 
# 
loop_
_pdbx_nonpoly_scheme.asym_id 
_pdbx_nonpoly_scheme.entity_id 
_pdbx_nonpoly_scheme.mon_id 
_pdbx_nonpoly_scheme.ndb_seq_num 
_pdbx_nonpoly_scheme.pdb_seq_num 
_pdbx_nonpoly_scheme.auth_seq_num 
_pdbx_nonpoly_scheme.pdb_mon_id 
_pdbx_nonpoly_scheme.auth_mon_id 
_pdbx_nonpoly_scheme.pdb_strand_id 
_pdbx_nonpoly_scheme.pdb_ins_code 
C 3 NI  1  401 1  NI  NI  A . 
D 4 HOH 1  501 33 HOH HOH A . 
D 4 HOH 2  502 43 HOH HOH A . 
D 4 HOH 3  503 12 HOH HOH A . 
D 4 HOH 4  504 7  HOH HOH A . 
D 4 HOH 5  505 58 HOH HOH A . 
D 4 HOH 6  506 5  HOH HOH A . 
D 4 HOH 7  507 1  HOH HOH A . 
D 4 HOH 8  508 32 HOH HOH A . 
D 4 HOH 9  509 57 HOH HOH A . 
D 4 HOH 10 510 55 HOH HOH A . 
D 4 HOH 11 511 35 HOH HOH A . 
D 4 HOH 12 512 6  HOH HOH A . 
D 4 HOH 13 513 39 HOH HOH A . 
D 4 HOH 14 514 28 HOH HOH A . 
D 4 HOH 15 515 10 HOH HOH A . 
D 4 HOH 16 516 17 HOH HOH A . 
D 4 HOH 17 517 2  HOH HOH A . 
D 4 HOH 18 518 42 HOH HOH A . 
D 4 HOH 19 519 3  HOH HOH A . 
D 4 HOH 20 520 18 HOH HOH A . 
D 4 HOH 21 521 11 HOH HOH A . 
D 4 HOH 22 522 26 HOH HOH A . 
D 4 HOH 23 523 40 HOH HOH A . 
D 4 HOH 24 524 30 HOH HOH A . 
D 4 HOH 25 525 8  HOH HOH A . 
D 4 HOH 26 526 31 HOH HOH A . 
D 4 HOH 27 527 44 HOH HOH A . 
D 4 HOH 28 528 41 HOH HOH A . 
D 4 HOH 29 529 29 HOH HOH A . 
D 4 HOH 30 530 19 HOH HOH A . 
D 4 HOH 31 531 53 HOH HOH A . 
D 4 HOH 32 532 54 HOH HOH A . 
D 4 HOH 33 533 20 HOH HOH A . 
D 4 HOH 34 534 52 HOH HOH A . 
D 4 HOH 35 535 56 HOH HOH A . 
D 4 HOH 36 536 60 HOH HOH A . 
D 4 HOH 37 537 59 HOH HOH A . 
D 4 HOH 38 538 50 HOH HOH A . 
D 4 HOH 39 539 34 HOH HOH A . 
D 4 HOH 40 540 45 HOH HOH A . 
D 4 HOH 41 541 61 HOH HOH A . 
D 4 HOH 42 542 62 HOH HOH A . 
D 4 HOH 43 543 49 HOH HOH A . 
D 4 HOH 44 544 36 HOH HOH A . 
D 4 HOH 45 545 25 HOH HOH A . 
D 4 HOH 46 546 37 HOH HOH A . 
D 4 HOH 47 547 47 HOH HOH A . 
D 4 HOH 48 548 27 HOH HOH A . 
D 4 HOH 49 549 38 HOH HOH A . 
E 4 HOH 1  101 51 HOH HOH C . 
E 4 HOH 2  102 9  HOH HOH C . 
E 4 HOH 3  103 15 HOH HOH C . 
E 4 HOH 4  104 13 HOH HOH C . 
E 4 HOH 5  105 46 HOH HOH C . 
E 4 HOH 6  106 22 HOH HOH C . 
E 4 HOH 7  107 16 HOH HOH C . 
E 4 HOH 8  108 24 HOH HOH C . 
E 4 HOH 9  109 21 HOH HOH C . 
E 4 HOH 10 110 23 HOH HOH C . 
E 4 HOH 11 111 14 HOH HOH C . 
E 4 HOH 12 112 4  HOH HOH C . 
E 4 HOH 13 113 48 HOH HOH C . 
# 
_pdbx_struct_assembly.id                   1 
_pdbx_struct_assembly.details              author_defined_assembly 
_pdbx_struct_assembly.method_details       ? 
_pdbx_struct_assembly.oligomeric_details   dimeric 
_pdbx_struct_assembly.oligomeric_count     2 
# 
_pdbx_struct_assembly_gen.assembly_id       1 
_pdbx_struct_assembly_gen.oper_expression   1 
_pdbx_struct_assembly_gen.asym_id_list      A,B,C,D,E 
# 
loop_
_pdbx_struct_assembly_prop.biol_id 
_pdbx_struct_assembly_prop.type 
_pdbx_struct_assembly_prop.value 
_pdbx_struct_assembly_prop.details 
1 'ABSA (A^2)' 1360 ? 
1 MORE         0    ? 
1 'SSA (A^2)'  6710 ? 
# 
_pdbx_struct_oper_list.id                   1 
_pdbx_struct_oper_list.type                 'identity operation' 
_pdbx_struct_oper_list.name                 1_555 
_pdbx_struct_oper_list.symmetry_operation   x,y,z 
_pdbx_struct_oper_list.matrix[1][1]         1.0000000000 
_pdbx_struct_oper_list.matrix[1][2]         0.0000000000 
_pdbx_struct_oper_list.matrix[1][3]         0.0000000000 
_pdbx_struct_oper_list.vector[1]            0.0000000000 
_pdbx_struct_oper_list.matrix[2][1]         0.0000000000 
_pdbx_struct_oper_list.matrix[2][2]         1.0000000000 
_pdbx_struct_oper_list.matrix[2][3]         0.0000000000 
_pdbx_struct_oper_list.vector[2]            0.0000000000 
_pdbx_struct_oper_list.matrix[3][1]         0.0000000000 
_pdbx_struct_oper_list.matrix[3][2]         0.0000000000 
_pdbx_struct_oper_list.matrix[3][3]         1.0000000000 
_pdbx_struct_oper_list.vector[3]            0.0000000000 
# 
loop_
_pdbx_struct_special_symmetry.id 
_pdbx_struct_special_symmetry.PDB_model_num 
_pdbx_struct_special_symmetry.auth_asym_id 
_pdbx_struct_special_symmetry.auth_comp_id 
_pdbx_struct_special_symmetry.auth_seq_id 
_pdbx_struct_special_symmetry.PDB_ins_code 
_pdbx_struct_special_symmetry.label_asym_id 
_pdbx_struct_special_symmetry.label_comp_id 
_pdbx_struct_special_symmetry.label_seq_id 
1 1 A NI  401 ? C NI  . 
2 1 A HOH 548 ? D HOH . 
# 
loop_
_pdbx_struct_conn_angle.id 
_pdbx_struct_conn_angle.ptnr1_label_atom_id 
_pdbx_struct_conn_angle.ptnr1_label_alt_id 
_pdbx_struct_conn_angle.ptnr1_label_asym_id 
_pdbx_struct_conn_angle.ptnr1_label_comp_id 
_pdbx_struct_conn_angle.ptnr1_label_seq_id 
_pdbx_struct_conn_angle.ptnr1_auth_atom_id 
_pdbx_struct_conn_angle.ptnr1_auth_asym_id 
_pdbx_struct_conn_angle.ptnr1_auth_comp_id 
_pdbx_struct_conn_angle.ptnr1_auth_seq_id 
_pdbx_struct_conn_angle.ptnr1_PDB_ins_code 
_pdbx_struct_conn_angle.ptnr1_symmetry 
_pdbx_struct_conn_angle.ptnr2_label_atom_id 
_pdbx_struct_conn_angle.ptnr2_label_alt_id 
_pdbx_struct_conn_angle.ptnr2_label_asym_id 
_pdbx_struct_conn_angle.ptnr2_label_comp_id 
_pdbx_struct_conn_angle.ptnr2_label_seq_id 
_pdbx_struct_conn_angle.ptnr2_auth_atom_id 
_pdbx_struct_conn_angle.ptnr2_auth_asym_id 
_pdbx_struct_conn_angle.ptnr2_auth_comp_id 
_pdbx_struct_conn_angle.ptnr2_auth_seq_id 
_pdbx_struct_conn_angle.ptnr2_PDB_ins_code 
_pdbx_struct_conn_angle.ptnr2_symmetry 
_pdbx_struct_conn_angle.ptnr3_label_atom_id 
_pdbx_struct_conn_angle.ptnr3_label_alt_id 
_pdbx_struct_conn_angle.ptnr3_label_asym_id 
_pdbx_struct_conn_angle.ptnr3_label_comp_id 
_pdbx_struct_conn_angle.ptnr3_label_seq_id 
_pdbx_struct_conn_angle.ptnr3_auth_atom_id 
_pdbx_struct_conn_angle.ptnr3_auth_asym_id 
_pdbx_struct_conn_angle.ptnr3_auth_comp_id 
_pdbx_struct_conn_angle.ptnr3_auth_seq_id 
_pdbx_struct_conn_angle.ptnr3_PDB_ins_code 
_pdbx_struct_conn_angle.ptnr3_symmetry 
_pdbx_struct_conn_angle.value 
_pdbx_struct_conn_angle.value_esd 
1 NE2 ? A HIS 4 ? A HIS 314 ? 1_555 NI ? C NI . ? A NI 401 ? 1_555 NE2 ? A HIS 4 ? A HIS 314 ? 1_555 0.0   ? 
2 NE2 ? A HIS 4 ? A HIS 314 ? 1_555 NI ? C NI . ? A NI 401 ? 1_555 NE2 ? A HIS 6 ? A HIS 316 ? 1_555 102.5 ? 
3 NE2 ? A HIS 4 ? A HIS 314 ? 1_555 NI ? C NI . ? A NI 401 ? 1_555 NE2 ? A HIS 6 ? A HIS 316 ? 1_555 102.5 ? 
4 NE2 ? A HIS 4 ? A HIS 314 ? 1_555 NI ? C NI . ? A NI 401 ? 1_555 NE2 ? A HIS 6 ? A HIS 316 ? 1_555 102.5 ? 
5 NE2 ? A HIS 4 ? A HIS 314 ? 1_555 NI ? C NI . ? A NI 401 ? 1_555 NE2 ? A HIS 6 ? A HIS 316 ? 1_555 102.5 ? 
6 NE2 ? A HIS 6 ? A HIS 316 ? 1_555 NI ? C NI . ? A NI 401 ? 1_555 NE2 ? A HIS 6 ? A HIS 316 ? 1_555 0.0   ? 
# 
loop_
_pdbx_audit_revision_history.ordinal 
_pdbx_audit_revision_history.data_content_type 
_pdbx_audit_revision_history.major_revision 
_pdbx_audit_revision_history.minor_revision 
_pdbx_audit_revision_history.revision_date 
1 'Structure model' 1 0 2017-08-23 
2 'Structure model' 1 1 2017-08-30 
3 'Structure model' 1 2 2017-10-11 
4 'Structure model' 1 3 2023-11-22 
# 
_pdbx_audit_revision_details.ordinal             1 
_pdbx_audit_revision_details.revision_ordinal    1 
_pdbx_audit_revision_details.data_content_type   'Structure model' 
_pdbx_audit_revision_details.provider            repository 
_pdbx_audit_revision_details.type                'Initial release' 
_pdbx_audit_revision_details.description         ? 
_pdbx_audit_revision_details.details             ? 
# 
loop_
_pdbx_audit_revision_group.ordinal 
_pdbx_audit_revision_group.revision_ordinal 
_pdbx_audit_revision_group.data_content_type 
_pdbx_audit_revision_group.group 
1 2 'Structure model' 'Refinement description' 
2 3 'Structure model' 'Database references'    
3 4 'Structure model' 'Data collection'        
4 4 'Structure model' 'Database references'    
5 4 'Structure model' 'Derived calculations'   
6 4 'Structure model' 'Refinement description' 
# 
loop_
_pdbx_audit_revision_category.ordinal 
_pdbx_audit_revision_category.revision_ordinal 
_pdbx_audit_revision_category.data_content_type 
_pdbx_audit_revision_category.category 
1 2 'Structure model' refine                        
2 3 'Structure model' citation                      
3 4 'Structure model' chem_comp_atom                
4 4 'Structure model' chem_comp_bond                
5 4 'Structure model' database_2                    
6 4 'Structure model' pdbx_initial_refinement_model 
7 4 'Structure model' pdbx_struct_conn_angle        
8 4 'Structure model' struct_conn                   
# 
loop_
_pdbx_audit_revision_item.ordinal 
_pdbx_audit_revision_item.revision_ordinal 
_pdbx_audit_revision_item.data_content_type 
_pdbx_audit_revision_item.item 
1  2 'Structure model' '_refine.pdbx_starting_model'                
2  3 'Structure model' '_citation.journal_volume'                   
3  3 'Structure model' '_citation.page_first'                       
4  3 'Structure model' '_citation.page_last'                        
5  4 'Structure model' '_database_2.pdbx_DOI'                       
6  4 'Structure model' '_database_2.pdbx_database_accession'        
7  4 'Structure model' '_pdbx_struct_conn_angle.ptnr1_auth_seq_id'  
8  4 'Structure model' '_pdbx_struct_conn_angle.ptnr1_label_seq_id' 
9  4 'Structure model' '_pdbx_struct_conn_angle.ptnr3_auth_seq_id'  
10 4 'Structure model' '_pdbx_struct_conn_angle.ptnr3_label_seq_id' 
11 4 'Structure model' '_pdbx_struct_conn_angle.value'              
12 4 'Structure model' '_struct_conn.pdbx_dist_value'               
13 4 'Structure model' '_struct_conn.ptnr1_auth_seq_id'             
14 4 'Structure model' '_struct_conn.ptnr1_label_seq_id'            
15 4 'Structure model' '_struct_conn.ptnr2_symmetry'                
# 
loop_
_software.citation_id 
_software.classification 
_software.compiler_name 
_software.compiler_version 
_software.contact_author 
_software.contact_author_email 
_software.date 
_software.description 
_software.dependencies 
_software.hardware 
_software.language 
_software.location 
_software.mods 
_software.name 
_software.os 
_software.os_version 
_software.type 
_software.version 
_software.pdbx_ordinal 
? 'data scaling'    ? ? ? ? ? ? ? ? ? ? ? HKL-2000    ? ? ? .         1 
? refinement        ? ? ? ? ? ? ? ? ? ? ? PHENIX      ? ? ? 1.10_2155 2 
? 'data extraction' ? ? ? ? ? ? ? ? ? ? ? PDB_EXTRACT ? ? ? 3.22      3 
? 'data scaling'    ? ? ? ? ? ? ? ? ? ? ? HKL-2000    ? ? ? .         4 
? 'data reduction'  ? ? ? ? ? ? ? ? ? ? ? MOSFLM      ? ? ? .         5 
? phasing           ? ? ? ? ? ? ? ? ? ? ? PHASER      ? ? ? .         6 
? 'data scaling'    ? ? ? ? ? ? ? ? ? ? ? HKL         ? ? ? .         7 
# 
loop_
_pdbx_validate_symm_contact.id 
_pdbx_validate_symm_contact.PDB_model_num 
_pdbx_validate_symm_contact.auth_atom_id_1 
_pdbx_validate_symm_contact.auth_asym_id_1 
_pdbx_validate_symm_contact.auth_comp_id_1 
_pdbx_validate_symm_contact.auth_seq_id_1 
_pdbx_validate_symm_contact.PDB_ins_code_1 
_pdbx_validate_symm_contact.label_alt_id_1 
_pdbx_validate_symm_contact.site_symmetry_1 
_pdbx_validate_symm_contact.auth_atom_id_2 
_pdbx_validate_symm_contact.auth_asym_id_2 
_pdbx_validate_symm_contact.auth_comp_id_2 
_pdbx_validate_symm_contact.auth_seq_id_2 
_pdbx_validate_symm_contact.PDB_ins_code_2 
_pdbx_validate_symm_contact.label_alt_id_2 
_pdbx_validate_symm_contact.site_symmetry_2 
_pdbx_validate_symm_contact.dist 
1 1 O A HOH 505 ? ? 1_555 O A HOH 505 ? ? 8_666 2.10 
2 1 O A HOH 515 ? ? 1_555 O C HOH 113 ? ? 1_556 2.19 
# 
_pdbx_validate_torsion.id              1 
_pdbx_validate_torsion.PDB_model_num   1 
_pdbx_validate_torsion.auth_comp_id    ASP 
_pdbx_validate_torsion.auth_asym_id    A 
_pdbx_validate_torsion.auth_seq_id     366 
_pdbx_validate_torsion.PDB_ins_code    ? 
_pdbx_validate_torsion.label_alt_id    ? 
_pdbx_validate_torsion.phi             -104.69 
_pdbx_validate_torsion.psi             40.55 
# 
loop_
_pdbx_unobs_or_zero_occ_residues.id 
_pdbx_unobs_or_zero_occ_residues.PDB_model_num 
_pdbx_unobs_or_zero_occ_residues.polymer_flag 
_pdbx_unobs_or_zero_occ_residues.occupancy_flag 
_pdbx_unobs_or_zero_occ_residues.auth_asym_id 
_pdbx_unobs_or_zero_occ_residues.auth_comp_id 
_pdbx_unobs_or_zero_occ_residues.auth_seq_id 
_pdbx_unobs_or_zero_occ_residues.PDB_ins_code 
_pdbx_unobs_or_zero_occ_residues.label_asym_id 
_pdbx_unobs_or_zero_occ_residues.label_comp_id 
_pdbx_unobs_or_zero_occ_residues.label_seq_id 
1 1 Y 1 A MET 311 ? A MET 1 
2 1 Y 1 A GLY 312 ? A GLY 2 
# 
loop_
_chem_comp_atom.comp_id 
_chem_comp_atom.atom_id 
_chem_comp_atom.type_symbol 
_chem_comp_atom.pdbx_aromatic_flag 
_chem_comp_atom.pdbx_stereo_config 
_chem_comp_atom.pdbx_ordinal 
A   OP3    O  N N 1   
A   P      P  N N 2   
A   OP1    O  N N 3   
A   OP2    O  N N 4   
A   "O5'"  O  N N 5   
A   "C5'"  C  N N 6   
A   "C4'"  C  N R 7   
A   "O4'"  O  N N 8   
A   "C3'"  C  N S 9   
A   "O3'"  O  N N 10  
A   "C2'"  C  N R 11  
A   "O2'"  O  N N 12  
A   "C1'"  C  N R 13  
A   N9     N  Y N 14  
A   C8     C  Y N 15  
A   N7     N  Y N 16  
A   C5     C  Y N 17  
A   C6     C  Y N 18  
A   N6     N  N N 19  
A   N1     N  Y N 20  
A   C2     C  Y N 21  
A   N3     N  Y N 22  
A   C4     C  Y N 23  
A   HOP3   H  N N 24  
A   HOP2   H  N N 25  
A   "H5'"  H  N N 26  
A   "H5''" H  N N 27  
A   "H4'"  H  N N 28  
A   "H3'"  H  N N 29  
A   "HO3'" H  N N 30  
A   "H2'"  H  N N 31  
A   "HO2'" H  N N 32  
A   "H1'"  H  N N 33  
A   H8     H  N N 34  
A   H61    H  N N 35  
A   H62    H  N N 36  
A   H2     H  N N 37  
ALA N      N  N N 38  
ALA CA     C  N S 39  
ALA C      C  N N 40  
ALA O      O  N N 41  
ALA CB     C  N N 42  
ALA OXT    O  N N 43  
ALA H      H  N N 44  
ALA H2     H  N N 45  
ALA HA     H  N N 46  
ALA HB1    H  N N 47  
ALA HB2    H  N N 48  
ALA HB3    H  N N 49  
ALA HXT    H  N N 50  
ARG N      N  N N 51  
ARG CA     C  N S 52  
ARG C      C  N N 53  
ARG O      O  N N 54  
ARG CB     C  N N 55  
ARG CG     C  N N 56  
ARG CD     C  N N 57  
ARG NE     N  N N 58  
ARG CZ     C  N N 59  
ARG NH1    N  N N 60  
ARG NH2    N  N N 61  
ARG OXT    O  N N 62  
ARG H      H  N N 63  
ARG H2     H  N N 64  
ARG HA     H  N N 65  
ARG HB2    H  N N 66  
ARG HB3    H  N N 67  
ARG HG2    H  N N 68  
ARG HG3    H  N N 69  
ARG HD2    H  N N 70  
ARG HD3    H  N N 71  
ARG HE     H  N N 72  
ARG HH11   H  N N 73  
ARG HH12   H  N N 74  
ARG HH21   H  N N 75  
ARG HH22   H  N N 76  
ARG HXT    H  N N 77  
ASN N      N  N N 78  
ASN CA     C  N S 79  
ASN C      C  N N 80  
ASN O      O  N N 81  
ASN CB     C  N N 82  
ASN CG     C  N N 83  
ASN OD1    O  N N 84  
ASN ND2    N  N N 85  
ASN OXT    O  N N 86  
ASN H      H  N N 87  
ASN H2     H  N N 88  
ASN HA     H  N N 89  
ASN HB2    H  N N 90  
ASN HB3    H  N N 91  
ASN HD21   H  N N 92  
ASN HD22   H  N N 93  
ASN HXT    H  N N 94  
ASP N      N  N N 95  
ASP CA     C  N S 96  
ASP C      C  N N 97  
ASP O      O  N N 98  
ASP CB     C  N N 99  
ASP CG     C  N N 100 
ASP OD1    O  N N 101 
ASP OD2    O  N N 102 
ASP OXT    O  N N 103 
ASP H      H  N N 104 
ASP H2     H  N N 105 
ASP HA     H  N N 106 
ASP HB2    H  N N 107 
ASP HB3    H  N N 108 
ASP HD2    H  N N 109 
ASP HXT    H  N N 110 
G   OP3    O  N N 111 
G   P      P  N N 112 
G   OP1    O  N N 113 
G   OP2    O  N N 114 
G   "O5'"  O  N N 115 
G   "C5'"  C  N N 116 
G   "C4'"  C  N R 117 
G   "O4'"  O  N N 118 
G   "C3'"  C  N S 119 
G   "O3'"  O  N N 120 
G   "C2'"  C  N R 121 
G   "O2'"  O  N N 122 
G   "C1'"  C  N R 123 
G   N9     N  Y N 124 
G   C8     C  Y N 125 
G   N7     N  Y N 126 
G   C5     C  Y N 127 
G   C6     C  N N 128 
G   O6     O  N N 129 
G   N1     N  N N 130 
G   C2     C  N N 131 
G   N2     N  N N 132 
G   N3     N  N N 133 
G   C4     C  Y N 134 
G   HOP3   H  N N 135 
G   HOP2   H  N N 136 
G   "H5'"  H  N N 137 
G   "H5''" H  N N 138 
G   "H4'"  H  N N 139 
G   "H3'"  H  N N 140 
G   "HO3'" H  N N 141 
G   "H2'"  H  N N 142 
G   "HO2'" H  N N 143 
G   "H1'"  H  N N 144 
G   H8     H  N N 145 
G   H1     H  N N 146 
G   H21    H  N N 147 
G   H22    H  N N 148 
GLN N      N  N N 149 
GLN CA     C  N S 150 
GLN C      C  N N 151 
GLN O      O  N N 152 
GLN CB     C  N N 153 
GLN CG     C  N N 154 
GLN CD     C  N N 155 
GLN OE1    O  N N 156 
GLN NE2    N  N N 157 
GLN OXT    O  N N 158 
GLN H      H  N N 159 
GLN H2     H  N N 160 
GLN HA     H  N N 161 
GLN HB2    H  N N 162 
GLN HB3    H  N N 163 
GLN HG2    H  N N 164 
GLN HG3    H  N N 165 
GLN HE21   H  N N 166 
GLN HE22   H  N N 167 
GLN HXT    H  N N 168 
GLU N      N  N N 169 
GLU CA     C  N S 170 
GLU C      C  N N 171 
GLU O      O  N N 172 
GLU CB     C  N N 173 
GLU CG     C  N N 174 
GLU CD     C  N N 175 
GLU OE1    O  N N 176 
GLU OE2    O  N N 177 
GLU OXT    O  N N 178 
GLU H      H  N N 179 
GLU H2     H  N N 180 
GLU HA     H  N N 181 
GLU HB2    H  N N 182 
GLU HB3    H  N N 183 
GLU HG2    H  N N 184 
GLU HG3    H  N N 185 
GLU HE2    H  N N 186 
GLU HXT    H  N N 187 
GLY N      N  N N 188 
GLY CA     C  N N 189 
GLY C      C  N N 190 
GLY O      O  N N 191 
GLY OXT    O  N N 192 
GLY H      H  N N 193 
GLY H2     H  N N 194 
GLY HA2    H  N N 195 
GLY HA3    H  N N 196 
GLY HXT    H  N N 197 
HIS N      N  N N 198 
HIS CA     C  N S 199 
HIS C      C  N N 200 
HIS O      O  N N 201 
HIS CB     C  N N 202 
HIS CG     C  Y N 203 
HIS ND1    N  Y N 204 
HIS CD2    C  Y N 205 
HIS CE1    C  Y N 206 
HIS NE2    N  Y N 207 
HIS OXT    O  N N 208 
HIS H      H  N N 209 
HIS H2     H  N N 210 
HIS HA     H  N N 211 
HIS HB2    H  N N 212 
HIS HB3    H  N N 213 
HIS HD1    H  N N 214 
HIS HD2    H  N N 215 
HIS HE1    H  N N 216 
HIS HE2    H  N N 217 
HIS HXT    H  N N 218 
HOH O      O  N N 219 
HOH H1     H  N N 220 
HOH H2     H  N N 221 
ILE N      N  N N 222 
ILE CA     C  N S 223 
ILE C      C  N N 224 
ILE O      O  N N 225 
ILE CB     C  N S 226 
ILE CG1    C  N N 227 
ILE CG2    C  N N 228 
ILE CD1    C  N N 229 
ILE OXT    O  N N 230 
ILE H      H  N N 231 
ILE H2     H  N N 232 
ILE HA     H  N N 233 
ILE HB     H  N N 234 
ILE HG12   H  N N 235 
ILE HG13   H  N N 236 
ILE HG21   H  N N 237 
ILE HG22   H  N N 238 
ILE HG23   H  N N 239 
ILE HD11   H  N N 240 
ILE HD12   H  N N 241 
ILE HD13   H  N N 242 
ILE HXT    H  N N 243 
LEU N      N  N N 244 
LEU CA     C  N S 245 
LEU C      C  N N 246 
LEU O      O  N N 247 
LEU CB     C  N N 248 
LEU CG     C  N N 249 
LEU CD1    C  N N 250 
LEU CD2    C  N N 251 
LEU OXT    O  N N 252 
LEU H      H  N N 253 
LEU H2     H  N N 254 
LEU HA     H  N N 255 
LEU HB2    H  N N 256 
LEU HB3    H  N N 257 
LEU HG     H  N N 258 
LEU HD11   H  N N 259 
LEU HD12   H  N N 260 
LEU HD13   H  N N 261 
LEU HD21   H  N N 262 
LEU HD22   H  N N 263 
LEU HD23   H  N N 264 
LEU HXT    H  N N 265 
LYS N      N  N N 266 
LYS CA     C  N S 267 
LYS C      C  N N 268 
LYS O      O  N N 269 
LYS CB     C  N N 270 
LYS CG     C  N N 271 
LYS CD     C  N N 272 
LYS CE     C  N N 273 
LYS NZ     N  N N 274 
LYS OXT    O  N N 275 
LYS H      H  N N 276 
LYS H2     H  N N 277 
LYS HA     H  N N 278 
LYS HB2    H  N N 279 
LYS HB3    H  N N 280 
LYS HG2    H  N N 281 
LYS HG3    H  N N 282 
LYS HD2    H  N N 283 
LYS HD3    H  N N 284 
LYS HE2    H  N N 285 
LYS HE3    H  N N 286 
LYS HZ1    H  N N 287 
LYS HZ2    H  N N 288 
LYS HZ3    H  N N 289 
LYS HXT    H  N N 290 
MET N      N  N N 291 
MET CA     C  N S 292 
MET C      C  N N 293 
MET O      O  N N 294 
MET CB     C  N N 295 
MET CG     C  N N 296 
MET SD     S  N N 297 
MET CE     C  N N 298 
MET OXT    O  N N 299 
MET H      H  N N 300 
MET H2     H  N N 301 
MET HA     H  N N 302 
MET HB2    H  N N 303 
MET HB3    H  N N 304 
MET HG2    H  N N 305 
MET HG3    H  N N 306 
MET HE1    H  N N 307 
MET HE2    H  N N 308 
MET HE3    H  N N 309 
MET HXT    H  N N 310 
NI  NI     NI N N 311 
PHE N      N  N N 312 
PHE CA     C  N S 313 
PHE C      C  N N 314 
PHE O      O  N N 315 
PHE CB     C  N N 316 
PHE CG     C  Y N 317 
PHE CD1    C  Y N 318 
PHE CD2    C  Y N 319 
PHE CE1    C  Y N 320 
PHE CE2    C  Y N 321 
PHE CZ     C  Y N 322 
PHE OXT    O  N N 323 
PHE H      H  N N 324 
PHE H2     H  N N 325 
PHE HA     H  N N 326 
PHE HB2    H  N N 327 
PHE HB3    H  N N 328 
PHE HD1    H  N N 329 
PHE HD2    H  N N 330 
PHE HE1    H  N N 331 
PHE HE2    H  N N 332 
PHE HZ     H  N N 333 
PHE HXT    H  N N 334 
PRO N      N  N N 335 
PRO CA     C  N S 336 
PRO C      C  N N 337 
PRO O      O  N N 338 
PRO CB     C  N N 339 
PRO CG     C  N N 340 
PRO CD     C  N N 341 
PRO OXT    O  N N 342 
PRO H      H  N N 343 
PRO HA     H  N N 344 
PRO HB2    H  N N 345 
PRO HB3    H  N N 346 
PRO HG2    H  N N 347 
PRO HG3    H  N N 348 
PRO HD2    H  N N 349 
PRO HD3    H  N N 350 
PRO HXT    H  N N 351 
SER N      N  N N 352 
SER CA     C  N S 353 
SER C      C  N N 354 
SER O      O  N N 355 
SER CB     C  N N 356 
SER OG     O  N N 357 
SER OXT    O  N N 358 
SER H      H  N N 359 
SER H2     H  N N 360 
SER HA     H  N N 361 
SER HB2    H  N N 362 
SER HB3    H  N N 363 
SER HG     H  N N 364 
SER HXT    H  N N 365 
THR N      N  N N 366 
THR CA     C  N S 367 
THR C      C  N N 368 
THR O      O  N N 369 
THR CB     C  N R 370 
THR OG1    O  N N 371 
THR CG2    C  N N 372 
THR OXT    O  N N 373 
THR H      H  N N 374 
THR H2     H  N N 375 
THR HA     H  N N 376 
THR HB     H  N N 377 
THR HG1    H  N N 378 
THR HG21   H  N N 379 
THR HG22   H  N N 380 
THR HG23   H  N N 381 
THR HXT    H  N N 382 
TYR N      N  N N 383 
TYR CA     C  N S 384 
TYR C      C  N N 385 
TYR O      O  N N 386 
TYR CB     C  N N 387 
TYR CG     C  Y N 388 
TYR CD1    C  Y N 389 
TYR CD2    C  Y N 390 
TYR CE1    C  Y N 391 
TYR CE2    C  Y N 392 
TYR CZ     C  Y N 393 
TYR OH     O  N N 394 
TYR OXT    O  N N 395 
TYR H      H  N N 396 
TYR H2     H  N N 397 
TYR HA     H  N N 398 
TYR HB2    H  N N 399 
TYR HB3    H  N N 400 
TYR HD1    H  N N 401 
TYR HD2    H  N N 402 
TYR HE1    H  N N 403 
TYR HE2    H  N N 404 
TYR HH     H  N N 405 
TYR HXT    H  N N 406 
U   OP3    O  N N 407 
U   P      P  N N 408 
U   OP1    O  N N 409 
U   OP2    O  N N 410 
U   "O5'"  O  N N 411 
U   "C5'"  C  N N 412 
U   "C4'"  C  N R 413 
U   "O4'"  O  N N 414 
U   "C3'"  C  N S 415 
U   "O3'"  O  N N 416 
U   "C2'"  C  N R 417 
U   "O2'"  O  N N 418 
U   "C1'"  C  N R 419 
U   N1     N  N N 420 
U   C2     C  N N 421 
U   O2     O  N N 422 
U   N3     N  N N 423 
U   C4     C  N N 424 
U   O4     O  N N 425 
U   C5     C  N N 426 
U   C6     C  N N 427 
U   HOP3   H  N N 428 
U   HOP2   H  N N 429 
U   "H5'"  H  N N 430 
U   "H5''" H  N N 431 
U   "H4'"  H  N N 432 
U   "H3'"  H  N N 433 
U   "HO3'" H  N N 434 
U   "H2'"  H  N N 435 
U   "HO2'" H  N N 436 
U   "H1'"  H  N N 437 
U   H3     H  N N 438 
U   H5     H  N N 439 
U   H6     H  N N 440 
VAL N      N  N N 441 
VAL CA     C  N S 442 
VAL C      C  N N 443 
VAL O      O  N N 444 
VAL CB     C  N N 445 
VAL CG1    C  N N 446 
VAL CG2    C  N N 447 
VAL OXT    O  N N 448 
VAL H      H  N N 449 
VAL H2     H  N N 450 
VAL HA     H  N N 451 
VAL HB     H  N N 452 
VAL HG11   H  N N 453 
VAL HG12   H  N N 454 
VAL HG13   H  N N 455 
VAL HG21   H  N N 456 
VAL HG22   H  N N 457 
VAL HG23   H  N N 458 
VAL HXT    H  N N 459 
# 
loop_
_chem_comp_bond.comp_id 
_chem_comp_bond.atom_id_1 
_chem_comp_bond.atom_id_2 
_chem_comp_bond.value_order 
_chem_comp_bond.pdbx_aromatic_flag 
_chem_comp_bond.pdbx_stereo_config 
_chem_comp_bond.pdbx_ordinal 
A   OP3   P      sing N N 1   
A   OP3   HOP3   sing N N 2   
A   P     OP1    doub N N 3   
A   P     OP2    sing N N 4   
A   P     "O5'"  sing N N 5   
A   OP2   HOP2   sing N N 6   
A   "O5'" "C5'"  sing N N 7   
A   "C5'" "C4'"  sing N N 8   
A   "C5'" "H5'"  sing N N 9   
A   "C5'" "H5''" sing N N 10  
A   "C4'" "O4'"  sing N N 11  
A   "C4'" "C3'"  sing N N 12  
A   "C4'" "H4'"  sing N N 13  
A   "O4'" "C1'"  sing N N 14  
A   "C3'" "O3'"  sing N N 15  
A   "C3'" "C2'"  sing N N 16  
A   "C3'" "H3'"  sing N N 17  
A   "O3'" "HO3'" sing N N 18  
A   "C2'" "O2'"  sing N N 19  
A   "C2'" "C1'"  sing N N 20  
A   "C2'" "H2'"  sing N N 21  
A   "O2'" "HO2'" sing N N 22  
A   "C1'" N9     sing N N 23  
A   "C1'" "H1'"  sing N N 24  
A   N9    C8     sing Y N 25  
A   N9    C4     sing Y N 26  
A   C8    N7     doub Y N 27  
A   C8    H8     sing N N 28  
A   N7    C5     sing Y N 29  
A   C5    C6     sing Y N 30  
A   C5    C4     doub Y N 31  
A   C6    N6     sing N N 32  
A   C6    N1     doub Y N 33  
A   N6    H61    sing N N 34  
A   N6    H62    sing N N 35  
A   N1    C2     sing Y N 36  
A   C2    N3     doub Y N 37  
A   C2    H2     sing N N 38  
A   N3    C4     sing Y N 39  
ALA N     CA     sing N N 40  
ALA N     H      sing N N 41  
ALA N     H2     sing N N 42  
ALA CA    C      sing N N 43  
ALA CA    CB     sing N N 44  
ALA CA    HA     sing N N 45  
ALA C     O      doub N N 46  
ALA C     OXT    sing N N 47  
ALA CB    HB1    sing N N 48  
ALA CB    HB2    sing N N 49  
ALA CB    HB3    sing N N 50  
ALA OXT   HXT    sing N N 51  
ARG N     CA     sing N N 52  
ARG N     H      sing N N 53  
ARG N     H2     sing N N 54  
ARG CA    C      sing N N 55  
ARG CA    CB     sing N N 56  
ARG CA    HA     sing N N 57  
ARG C     O      doub N N 58  
ARG C     OXT    sing N N 59  
ARG CB    CG     sing N N 60  
ARG CB    HB2    sing N N 61  
ARG CB    HB3    sing N N 62  
ARG CG    CD     sing N N 63  
ARG CG    HG2    sing N N 64  
ARG CG    HG3    sing N N 65  
ARG CD    NE     sing N N 66  
ARG CD    HD2    sing N N 67  
ARG CD    HD3    sing N N 68  
ARG NE    CZ     sing N N 69  
ARG NE    HE     sing N N 70  
ARG CZ    NH1    sing N N 71  
ARG CZ    NH2    doub N N 72  
ARG NH1   HH11   sing N N 73  
ARG NH1   HH12   sing N N 74  
ARG NH2   HH21   sing N N 75  
ARG NH2   HH22   sing N N 76  
ARG OXT   HXT    sing N N 77  
ASN N     CA     sing N N 78  
ASN N     H      sing N N 79  
ASN N     H2     sing N N 80  
ASN CA    C      sing N N 81  
ASN CA    CB     sing N N 82  
ASN CA    HA     sing N N 83  
ASN C     O      doub N N 84  
ASN C     OXT    sing N N 85  
ASN CB    CG     sing N N 86  
ASN CB    HB2    sing N N 87  
ASN CB    HB3    sing N N 88  
ASN CG    OD1    doub N N 89  
ASN CG    ND2    sing N N 90  
ASN ND2   HD21   sing N N 91  
ASN ND2   HD22   sing N N 92  
ASN OXT   HXT    sing N N 93  
ASP N     CA     sing N N 94  
ASP N     H      sing N N 95  
ASP N     H2     sing N N 96  
ASP CA    C      sing N N 97  
ASP CA    CB     sing N N 98  
ASP CA    HA     sing N N 99  
ASP C     O      doub N N 100 
ASP C     OXT    sing N N 101 
ASP CB    CG     sing N N 102 
ASP CB    HB2    sing N N 103 
ASP CB    HB3    sing N N 104 
ASP CG    OD1    doub N N 105 
ASP CG    OD2    sing N N 106 
ASP OD2   HD2    sing N N 107 
ASP OXT   HXT    sing N N 108 
G   OP3   P      sing N N 109 
G   OP3   HOP3   sing N N 110 
G   P     OP1    doub N N 111 
G   P     OP2    sing N N 112 
G   P     "O5'"  sing N N 113 
G   OP2   HOP2   sing N N 114 
G   "O5'" "C5'"  sing N N 115 
G   "C5'" "C4'"  sing N N 116 
G   "C5'" "H5'"  sing N N 117 
G   "C5'" "H5''" sing N N 118 
G   "C4'" "O4'"  sing N N 119 
G   "C4'" "C3'"  sing N N 120 
G   "C4'" "H4'"  sing N N 121 
G   "O4'" "C1'"  sing N N 122 
G   "C3'" "O3'"  sing N N 123 
G   "C3'" "C2'"  sing N N 124 
G   "C3'" "H3'"  sing N N 125 
G   "O3'" "HO3'" sing N N 126 
G   "C2'" "O2'"  sing N N 127 
G   "C2'" "C1'"  sing N N 128 
G   "C2'" "H2'"  sing N N 129 
G   "O2'" "HO2'" sing N N 130 
G   "C1'" N9     sing N N 131 
G   "C1'" "H1'"  sing N N 132 
G   N9    C8     sing Y N 133 
G   N9    C4     sing Y N 134 
G   C8    N7     doub Y N 135 
G   C8    H8     sing N N 136 
G   N7    C5     sing Y N 137 
G   C5    C6     sing N N 138 
G   C5    C4     doub Y N 139 
G   C6    O6     doub N N 140 
G   C6    N1     sing N N 141 
G   N1    C2     sing N N 142 
G   N1    H1     sing N N 143 
G   C2    N2     sing N N 144 
G   C2    N3     doub N N 145 
G   N2    H21    sing N N 146 
G   N2    H22    sing N N 147 
G   N3    C4     sing N N 148 
GLN N     CA     sing N N 149 
GLN N     H      sing N N 150 
GLN N     H2     sing N N 151 
GLN CA    C      sing N N 152 
GLN CA    CB     sing N N 153 
GLN CA    HA     sing N N 154 
GLN C     O      doub N N 155 
GLN C     OXT    sing N N 156 
GLN CB    CG     sing N N 157 
GLN CB    HB2    sing N N 158 
GLN CB    HB3    sing N N 159 
GLN CG    CD     sing N N 160 
GLN CG    HG2    sing N N 161 
GLN CG    HG3    sing N N 162 
GLN CD    OE1    doub N N 163 
GLN CD    NE2    sing N N 164 
GLN NE2   HE21   sing N N 165 
GLN NE2   HE22   sing N N 166 
GLN OXT   HXT    sing N N 167 
GLU N     CA     sing N N 168 
GLU N     H      sing N N 169 
GLU N     H2     sing N N 170 
GLU CA    C      sing N N 171 
GLU CA    CB     sing N N 172 
GLU CA    HA     sing N N 173 
GLU C     O      doub N N 174 
GLU C     OXT    sing N N 175 
GLU CB    CG     sing N N 176 
GLU CB    HB2    sing N N 177 
GLU CB    HB3    sing N N 178 
GLU CG    CD     sing N N 179 
GLU CG    HG2    sing N N 180 
GLU CG    HG3    sing N N 181 
GLU CD    OE1    doub N N 182 
GLU CD    OE2    sing N N 183 
GLU OE2   HE2    sing N N 184 
GLU OXT   HXT    sing N N 185 
GLY N     CA     sing N N 186 
GLY N     H      sing N N 187 
GLY N     H2     sing N N 188 
GLY CA    C      sing N N 189 
GLY CA    HA2    sing N N 190 
GLY CA    HA3    sing N N 191 
GLY C     O      doub N N 192 
GLY C     OXT    sing N N 193 
GLY OXT   HXT    sing N N 194 
HIS N     CA     sing N N 195 
HIS N     H      sing N N 196 
HIS N     H2     sing N N 197 
HIS CA    C      sing N N 198 
HIS CA    CB     sing N N 199 
HIS CA    HA     sing N N 200 
HIS C     O      doub N N 201 
HIS C     OXT    sing N N 202 
HIS CB    CG     sing N N 203 
HIS CB    HB2    sing N N 204 
HIS CB    HB3    sing N N 205 
HIS CG    ND1    sing Y N 206 
HIS CG    CD2    doub Y N 207 
HIS ND1   CE1    doub Y N 208 
HIS ND1   HD1    sing N N 209 
HIS CD2   NE2    sing Y N 210 
HIS CD2   HD2    sing N N 211 
HIS CE1   NE2    sing Y N 212 
HIS CE1   HE1    sing N N 213 
HIS NE2   HE2    sing N N 214 
HIS OXT   HXT    sing N N 215 
HOH O     H1     sing N N 216 
HOH O     H2     sing N N 217 
ILE N     CA     sing N N 218 
ILE N     H      sing N N 219 
ILE N     H2     sing N N 220 
ILE CA    C      sing N N 221 
ILE CA    CB     sing N N 222 
ILE CA    HA     sing N N 223 
ILE C     O      doub N N 224 
ILE C     OXT    sing N N 225 
ILE CB    CG1    sing N N 226 
ILE CB    CG2    sing N N 227 
ILE CB    HB     sing N N 228 
ILE CG1   CD1    sing N N 229 
ILE CG1   HG12   sing N N 230 
ILE CG1   HG13   sing N N 231 
ILE CG2   HG21   sing N N 232 
ILE CG2   HG22   sing N N 233 
ILE CG2   HG23   sing N N 234 
ILE CD1   HD11   sing N N 235 
ILE CD1   HD12   sing N N 236 
ILE CD1   HD13   sing N N 237 
ILE OXT   HXT    sing N N 238 
LEU N     CA     sing N N 239 
LEU N     H      sing N N 240 
LEU N     H2     sing N N 241 
LEU CA    C      sing N N 242 
LEU CA    CB     sing N N 243 
LEU CA    HA     sing N N 244 
LEU C     O      doub N N 245 
LEU C     OXT    sing N N 246 
LEU CB    CG     sing N N 247 
LEU CB    HB2    sing N N 248 
LEU CB    HB3    sing N N 249 
LEU CG    CD1    sing N N 250 
LEU CG    CD2    sing N N 251 
LEU CG    HG     sing N N 252 
LEU CD1   HD11   sing N N 253 
LEU CD1   HD12   sing N N 254 
LEU CD1   HD13   sing N N 255 
LEU CD2   HD21   sing N N 256 
LEU CD2   HD22   sing N N 257 
LEU CD2   HD23   sing N N 258 
LEU OXT   HXT    sing N N 259 
LYS N     CA     sing N N 260 
LYS N     H      sing N N 261 
LYS N     H2     sing N N 262 
LYS CA    C      sing N N 263 
LYS CA    CB     sing N N 264 
LYS CA    HA     sing N N 265 
LYS C     O      doub N N 266 
LYS C     OXT    sing N N 267 
LYS CB    CG     sing N N 268 
LYS CB    HB2    sing N N 269 
LYS CB    HB3    sing N N 270 
LYS CG    CD     sing N N 271 
LYS CG    HG2    sing N N 272 
LYS CG    HG3    sing N N 273 
LYS CD    CE     sing N N 274 
LYS CD    HD2    sing N N 275 
LYS CD    HD3    sing N N 276 
LYS CE    NZ     sing N N 277 
LYS CE    HE2    sing N N 278 
LYS CE    HE3    sing N N 279 
LYS NZ    HZ1    sing N N 280 
LYS NZ    HZ2    sing N N 281 
LYS NZ    HZ3    sing N N 282 
LYS OXT   HXT    sing N N 283 
MET N     CA     sing N N 284 
MET N     H      sing N N 285 
MET N     H2     sing N N 286 
MET CA    C      sing N N 287 
MET CA    CB     sing N N 288 
MET CA    HA     sing N N 289 
MET C     O      doub N N 290 
MET C     OXT    sing N N 291 
MET CB    CG     sing N N 292 
MET CB    HB2    sing N N 293 
MET CB    HB3    sing N N 294 
MET CG    SD     sing N N 295 
MET CG    HG2    sing N N 296 
MET CG    HG3    sing N N 297 
MET SD    CE     sing N N 298 
MET CE    HE1    sing N N 299 
MET CE    HE2    sing N N 300 
MET CE    HE3    sing N N 301 
MET OXT   HXT    sing N N 302 
PHE N     CA     sing N N 303 
PHE N     H      sing N N 304 
PHE N     H2     sing N N 305 
PHE CA    C      sing N N 306 
PHE CA    CB     sing N N 307 
PHE CA    HA     sing N N 308 
PHE C     O      doub N N 309 
PHE C     OXT    sing N N 310 
PHE CB    CG     sing N N 311 
PHE CB    HB2    sing N N 312 
PHE CB    HB3    sing N N 313 
PHE CG    CD1    doub Y N 314 
PHE CG    CD2    sing Y N 315 
PHE CD1   CE1    sing Y N 316 
PHE CD1   HD1    sing N N 317 
PHE CD2   CE2    doub Y N 318 
PHE CD2   HD2    sing N N 319 
PHE CE1   CZ     doub Y N 320 
PHE CE1   HE1    sing N N 321 
PHE CE2   CZ     sing Y N 322 
PHE CE2   HE2    sing N N 323 
PHE CZ    HZ     sing N N 324 
PHE OXT   HXT    sing N N 325 
PRO N     CA     sing N N 326 
PRO N     CD     sing N N 327 
PRO N     H      sing N N 328 
PRO CA    C      sing N N 329 
PRO CA    CB     sing N N 330 
PRO CA    HA     sing N N 331 
PRO C     O      doub N N 332 
PRO C     OXT    sing N N 333 
PRO CB    CG     sing N N 334 
PRO CB    HB2    sing N N 335 
PRO CB    HB3    sing N N 336 
PRO CG    CD     sing N N 337 
PRO CG    HG2    sing N N 338 
PRO CG    HG3    sing N N 339 
PRO CD    HD2    sing N N 340 
PRO CD    HD3    sing N N 341 
PRO OXT   HXT    sing N N 342 
SER N     CA     sing N N 343 
SER N     H      sing N N 344 
SER N     H2     sing N N 345 
SER CA    C      sing N N 346 
SER CA    CB     sing N N 347 
SER CA    HA     sing N N 348 
SER C     O      doub N N 349 
SER C     OXT    sing N N 350 
SER CB    OG     sing N N 351 
SER CB    HB2    sing N N 352 
SER CB    HB3    sing N N 353 
SER OG    HG     sing N N 354 
SER OXT   HXT    sing N N 355 
THR N     CA     sing N N 356 
THR N     H      sing N N 357 
THR N     H2     sing N N 358 
THR CA    C      sing N N 359 
THR CA    CB     sing N N 360 
THR CA    HA     sing N N 361 
THR C     O      doub N N 362 
THR C     OXT    sing N N 363 
THR CB    OG1    sing N N 364 
THR CB    CG2    sing N N 365 
THR CB    HB     sing N N 366 
THR OG1   HG1    sing N N 367 
THR CG2   HG21   sing N N 368 
THR CG2   HG22   sing N N 369 
THR CG2   HG23   sing N N 370 
THR OXT   HXT    sing N N 371 
TYR N     CA     sing N N 372 
TYR N     H      sing N N 373 
TYR N     H2     sing N N 374 
TYR CA    C      sing N N 375 
TYR CA    CB     sing N N 376 
TYR CA    HA     sing N N 377 
TYR C     O      doub N N 378 
TYR C     OXT    sing N N 379 
TYR CB    CG     sing N N 380 
TYR CB    HB2    sing N N 381 
TYR CB    HB3    sing N N 382 
TYR CG    CD1    doub Y N 383 
TYR CG    CD2    sing Y N 384 
TYR CD1   CE1    sing Y N 385 
TYR CD1   HD1    sing N N 386 
TYR CD2   CE2    doub Y N 387 
TYR CD2   HD2    sing N N 388 
TYR CE1   CZ     doub Y N 389 
TYR CE1   HE1    sing N N 390 
TYR CE2   CZ     sing Y N 391 
TYR CE2   HE2    sing N N 392 
TYR CZ    OH     sing N N 393 
TYR OH    HH     sing N N 394 
TYR OXT   HXT    sing N N 395 
U   OP3   P      sing N N 396 
U   OP3   HOP3   sing N N 397 
U   P     OP1    doub N N 398 
U   P     OP2    sing N N 399 
U   P     "O5'"  sing N N 400 
U   OP2   HOP2   sing N N 401 
U   "O5'" "C5'"  sing N N 402 
U   "C5'" "C4'"  sing N N 403 
U   "C5'" "H5'"  sing N N 404 
U   "C5'" "H5''" sing N N 405 
U   "C4'" "O4'"  sing N N 406 
U   "C4'" "C3'"  sing N N 407 
U   "C4'" "H4'"  sing N N 408 
U   "O4'" "C1'"  sing N N 409 
U   "C3'" "O3'"  sing N N 410 
U   "C3'" "C2'"  sing N N 411 
U   "C3'" "H3'"  sing N N 412 
U   "O3'" "HO3'" sing N N 413 
U   "C2'" "O2'"  sing N N 414 
U   "C2'" "C1'"  sing N N 415 
U   "C2'" "H2'"  sing N N 416 
U   "O2'" "HO2'" sing N N 417 
U   "C1'" N1     sing N N 418 
U   "C1'" "H1'"  sing N N 419 
U   N1    C2     sing N N 420 
U   N1    C6     sing N N 421 
U   C2    O2     doub N N 422 
U   C2    N3     sing N N 423 
U   N3    C4     sing N N 424 
U   N3    H3     sing N N 425 
U   C4    O4     doub N N 426 
U   C4    C5     sing N N 427 
U   C5    C6     doub N N 428 
U   C5    H5     sing N N 429 
U   C6    H6     sing N N 430 
VAL N     CA     sing N N 431 
VAL N     H      sing N N 432 
VAL N     H2     sing N N 433 
VAL CA    C      sing N N 434 
VAL CA    CB     sing N N 435 
VAL CA    HA     sing N N 436 
VAL C     O      doub N N 437 
VAL C     OXT    sing N N 438 
VAL CB    CG1    sing N N 439 
VAL CB    CG2    sing N N 440 
VAL CB    HB     sing N N 441 
VAL CG1   HG11   sing N N 442 
VAL CG1   HG12   sing N N 443 
VAL CG1   HG13   sing N N 444 
VAL CG2   HG21   sing N N 445 
VAL CG2   HG22   sing N N 446 
VAL CG2   HG23   sing N N 447 
VAL OXT   HXT    sing N N 448 
# 
loop_
_pdbx_entity_nonpoly.entity_id 
_pdbx_entity_nonpoly.name 
_pdbx_entity_nonpoly.comp_id 
3 'NICKEL (II) ION' NI  
4 water             HOH 
# 
_pdbx_initial_refinement_model.id               1 
_pdbx_initial_refinement_model.entity_id_list   ? 
_pdbx_initial_refinement_model.type             'experimental model' 
_pdbx_initial_refinement_model.source_name      PDB 
_pdbx_initial_refinement_model.accession_code   5WWW 
_pdbx_initial_refinement_model.details          ? 
# 
